data_5OOU
# 
_entry.id   5OOU 
# 
_audit_conform.dict_name       mmcif_pdbx.dic 
_audit_conform.dict_version    5.383 
_audit_conform.dict_location   http://mmcif.pdb.org/dictionaries/ascii/mmcif_pdbx.dic 
# 
loop_
_database_2.database_id 
_database_2.database_code 
_database_2.pdbx_database_accession 
_database_2.pdbx_DOI 
PDB   5OOU         pdb_00005oou 10.2210/pdb5oou/pdb 
WWPDB D_1200006145 ?            ?                   
# 
loop_
_pdbx_audit_revision_history.ordinal 
_pdbx_audit_revision_history.data_content_type 
_pdbx_audit_revision_history.major_revision 
_pdbx_audit_revision_history.minor_revision 
_pdbx_audit_revision_history.revision_date 
1 'Structure model' 1 0 2018-08-29 
2 'Structure model' 1 1 2024-01-17 
# 
_pdbx_audit_revision_details.ordinal             1 
_pdbx_audit_revision_details.revision_ordinal    1 
_pdbx_audit_revision_details.data_content_type   'Structure model' 
_pdbx_audit_revision_details.provider            repository 
_pdbx_audit_revision_details.type                'Initial release' 
_pdbx_audit_revision_details.description         ? 
_pdbx_audit_revision_details.details             ? 
# 
loop_
_pdbx_audit_revision_group.ordinal 
_pdbx_audit_revision_group.revision_ordinal 
_pdbx_audit_revision_group.data_content_type 
_pdbx_audit_revision_group.group 
1 2 'Structure model' 'Data collection'        
2 2 'Structure model' 'Database references'    
3 2 'Structure model' 'Refinement description' 
# 
loop_
_pdbx_audit_revision_category.ordinal 
_pdbx_audit_revision_category.revision_ordinal 
_pdbx_audit_revision_category.data_content_type 
_pdbx_audit_revision_category.category 
1 2 'Structure model' chem_comp_atom                
2 2 'Structure model' chem_comp_bond                
3 2 'Structure model' database_2                    
4 2 'Structure model' pdbx_initial_refinement_model 
# 
loop_
_pdbx_audit_revision_item.ordinal 
_pdbx_audit_revision_item.revision_ordinal 
_pdbx_audit_revision_item.data_content_type 
_pdbx_audit_revision_item.item 
1 2 'Structure model' '_database_2.pdbx_DOI'                
2 2 'Structure model' '_database_2.pdbx_database_accession' 
# 
_pdbx_database_status.status_code                     REL 
_pdbx_database_status.status_code_sf                  REL 
_pdbx_database_status.status_code_mr                  ? 
_pdbx_database_status.entry_id                        5OOU 
_pdbx_database_status.recvd_initial_deposition_date   2017-08-08 
_pdbx_database_status.SG_entry                        N 
_pdbx_database_status.deposit_site                    PDBE 
_pdbx_database_status.process_site                    PDBE 
_pdbx_database_status.status_code_cs                  ? 
_pdbx_database_status.methods_development_category    ? 
_pdbx_database_status.pdb_format_compatible           Y 
_pdbx_database_status.status_code_nmr_data            ? 
# 
loop_
_audit_author.name 
_audit_author.pdbx_ordinal 
_audit_author.identifier_ORCID 
'Fischer, G.'      1 ? 
'Hogan, B.J.'      2 ? 
'Houlihan, G.'     3 ? 
'Edmond, S.'       4 ? 
'Huovinen, T.T.K.' 5 ? 
'Hollfelder, F.'   6 ? 
'Hyvonen, M.'      7 ? 
# 
_citation.abstract                  ? 
_citation.abstract_id_CAS           ? 
_citation.book_id_ISBN              ? 
_citation.book_publisher            ? 
_citation.book_publisher_city       ? 
_citation.book_title                ? 
_citation.coordinate_linkage        ? 
_citation.country                   ? 
_citation.database_id_Medline       ? 
_citation.details                   ? 
_citation.id                        primary 
_citation.journal_abbrev            'To be published' 
_citation.journal_id_ASTM           ? 
_citation.journal_id_CSD            0353 
_citation.journal_id_ISSN           ? 
_citation.journal_full              ? 
_citation.journal_issue             ? 
_citation.journal_volume            ? 
_citation.language                  ? 
_citation.page_first                ? 
_citation.page_last                 ? 
_citation.title                     
'Designed Ankyrin Repeat Protein (DARPin) YTRL-1 selected by directed evolution against Lysozyme' 
_citation.year                      ? 
_citation.database_id_CSD           ? 
_citation.pdbx_database_id_DOI      ? 
_citation.pdbx_database_id_PubMed   ? 
_citation.unpublished_flag          ? 
# 
loop_
_citation_author.citation_id 
_citation_author.name 
_citation_author.ordinal 
_citation_author.identifier_ORCID 
primary 'Fischer, G.' 1 ? 
primary 'Hyvonen, M.' 2 ? 
# 
loop_
_entity.id 
_entity.type 
_entity.src_method 
_entity.pdbx_description 
_entity.formula_weight 
_entity.pdbx_number_of_molecules 
_entity.pdbx_ec 
_entity.pdbx_mutation 
_entity.pdbx_fragment 
_entity.details 
1 polymer man 'DARPin YTRL-1' 18108.312 1   ? YTRL-1 DARPin ? 
2 water   nat water           18.015    100 ? ?      ?      ? 
# 
_entity_poly.entity_id                      1 
_entity_poly.type                           'polypeptide(L)' 
_entity_poly.nstd_linkage                   no 
_entity_poly.nstd_monomer                   no 
_entity_poly.pdbx_seq_one_letter_code       
;MRGSHHHHHHGSDLGKKLLEAARAGQDDEVRILMANGADVNAVDEYGSTPLHLAALAGHLEIVEVLLKNGADVNAYDTRG
LTPLHLAALYGHLEIVEVLLKYGADVNANDIDGYTPLHLAANLGHLEIVEVLLKHGADVNAQDKFGKTAFDISIDNGNED
LAEILQKL
;
_entity_poly.pdbx_seq_one_letter_code_can   
;MRGSHHHHHHGSDLGKKLLEAARAGQDDEVRILMANGADVNAVDEYGSTPLHLAALAGHLEIVEVLLKNGADVNAYDTRG
LTPLHLAALYGHLEIVEVLLKYGADVNANDIDGYTPLHLAANLGHLEIVEVLLKHGADVNAQDKFGKTAFDISIDNGNED
LAEILQKL
;
_entity_poly.pdbx_strand_id                 A 
_entity_poly.pdbx_target_identifier         ? 
# 
_pdbx_entity_nonpoly.entity_id   2 
_pdbx_entity_nonpoly.name        water 
_pdbx_entity_nonpoly.comp_id     HOH 
# 
loop_
_entity_poly_seq.entity_id 
_entity_poly_seq.num 
_entity_poly_seq.mon_id 
_entity_poly_seq.hetero 
1 1   MET n 
1 2   ARG n 
1 3   GLY n 
1 4   SER n 
1 5   HIS n 
1 6   HIS n 
1 7   HIS n 
1 8   HIS n 
1 9   HIS n 
1 10  HIS n 
1 11  GLY n 
1 12  SER n 
1 13  ASP n 
1 14  LEU n 
1 15  GLY n 
1 16  LYS n 
1 17  LYS n 
1 18  LEU n 
1 19  LEU n 
1 20  GLU n 
1 21  ALA n 
1 22  ALA n 
1 23  ARG n 
1 24  ALA n 
1 25  GLY n 
1 26  GLN n 
1 27  ASP n 
1 28  ASP n 
1 29  GLU n 
1 30  VAL n 
1 31  ARG n 
1 32  ILE n 
1 33  LEU n 
1 34  MET n 
1 35  ALA n 
1 36  ASN n 
1 37  GLY n 
1 38  ALA n 
1 39  ASP n 
1 40  VAL n 
1 41  ASN n 
1 42  ALA n 
1 43  VAL n 
1 44  ASP n 
1 45  GLU n 
1 46  TYR n 
1 47  GLY n 
1 48  SER n 
1 49  THR n 
1 50  PRO n 
1 51  LEU n 
1 52  HIS n 
1 53  LEU n 
1 54  ALA n 
1 55  ALA n 
1 56  LEU n 
1 57  ALA n 
1 58  GLY n 
1 59  HIS n 
1 60  LEU n 
1 61  GLU n 
1 62  ILE n 
1 63  VAL n 
1 64  GLU n 
1 65  VAL n 
1 66  LEU n 
1 67  LEU n 
1 68  LYS n 
1 69  ASN n 
1 70  GLY n 
1 71  ALA n 
1 72  ASP n 
1 73  VAL n 
1 74  ASN n 
1 75  ALA n 
1 76  TYR n 
1 77  ASP n 
1 78  THR n 
1 79  ARG n 
1 80  GLY n 
1 81  LEU n 
1 82  THR n 
1 83  PRO n 
1 84  LEU n 
1 85  HIS n 
1 86  LEU n 
1 87  ALA n 
1 88  ALA n 
1 89  LEU n 
1 90  TYR n 
1 91  GLY n 
1 92  HIS n 
1 93  LEU n 
1 94  GLU n 
1 95  ILE n 
1 96  VAL n 
1 97  GLU n 
1 98  VAL n 
1 99  LEU n 
1 100 LEU n 
1 101 LYS n 
1 102 TYR n 
1 103 GLY n 
1 104 ALA n 
1 105 ASP n 
1 106 VAL n 
1 107 ASN n 
1 108 ALA n 
1 109 ASN n 
1 110 ASP n 
1 111 ILE n 
1 112 ASP n 
1 113 GLY n 
1 114 TYR n 
1 115 THR n 
1 116 PRO n 
1 117 LEU n 
1 118 HIS n 
1 119 LEU n 
1 120 ALA n 
1 121 ALA n 
1 122 ASN n 
1 123 LEU n 
1 124 GLY n 
1 125 HIS n 
1 126 LEU n 
1 127 GLU n 
1 128 ILE n 
1 129 VAL n 
1 130 GLU n 
1 131 VAL n 
1 132 LEU n 
1 133 LEU n 
1 134 LYS n 
1 135 HIS n 
1 136 GLY n 
1 137 ALA n 
1 138 ASP n 
1 139 VAL n 
1 140 ASN n 
1 141 ALA n 
1 142 GLN n 
1 143 ASP n 
1 144 LYS n 
1 145 PHE n 
1 146 GLY n 
1 147 LYS n 
1 148 THR n 
1 149 ALA n 
1 150 PHE n 
1 151 ASP n 
1 152 ILE n 
1 153 SER n 
1 154 ILE n 
1 155 ASP n 
1 156 ASN n 
1 157 GLY n 
1 158 ASN n 
1 159 GLU n 
1 160 ASP n 
1 161 LEU n 
1 162 ALA n 
1 163 GLU n 
1 164 ILE n 
1 165 LEU n 
1 166 GLN n 
1 167 LYS n 
1 168 LEU n 
# 
_entity_src_gen.entity_id                          1 
_entity_src_gen.pdbx_src_id                        1 
_entity_src_gen.pdbx_alt_source_flag               sample 
_entity_src_gen.pdbx_seq_type                      'Biological sequence' 
_entity_src_gen.pdbx_beg_seq_num                   1 
_entity_src_gen.pdbx_end_seq_num                   168 
_entity_src_gen.gene_src_common_name               ? 
_entity_src_gen.gene_src_genus                     ? 
_entity_src_gen.pdbx_gene_src_gene                 ? 
_entity_src_gen.gene_src_species                   ? 
_entity_src_gen.gene_src_strain                    ? 
_entity_src_gen.gene_src_tissue                    ? 
_entity_src_gen.gene_src_tissue_fraction           ? 
_entity_src_gen.gene_src_details                   ? 
_entity_src_gen.pdbx_gene_src_fragment             ? 
_entity_src_gen.pdbx_gene_src_scientific_name      'synthetic construct' 
_entity_src_gen.pdbx_gene_src_ncbi_taxonomy_id     32630 
_entity_src_gen.pdbx_gene_src_variant              ? 
_entity_src_gen.pdbx_gene_src_cell_line            ? 
_entity_src_gen.pdbx_gene_src_atcc                 ? 
_entity_src_gen.pdbx_gene_src_organ                ? 
_entity_src_gen.pdbx_gene_src_organelle            ? 
_entity_src_gen.pdbx_gene_src_cell                 ? 
_entity_src_gen.pdbx_gene_src_cellular_location    ? 
_entity_src_gen.host_org_common_name               ? 
_entity_src_gen.pdbx_host_org_scientific_name      'Escherichia coli M15' 
_entity_src_gen.pdbx_host_org_ncbi_taxonomy_id     1007065 
_entity_src_gen.host_org_genus                     ? 
_entity_src_gen.pdbx_host_org_gene                 ? 
_entity_src_gen.pdbx_host_org_organ                ? 
_entity_src_gen.host_org_species                   ? 
_entity_src_gen.pdbx_host_org_tissue               ? 
_entity_src_gen.pdbx_host_org_tissue_fraction      ? 
_entity_src_gen.pdbx_host_org_strain               ? 
_entity_src_gen.pdbx_host_org_variant              ? 
_entity_src_gen.pdbx_host_org_cell_line            ? 
_entity_src_gen.pdbx_host_org_atcc                 ? 
_entity_src_gen.pdbx_host_org_culture_collection   ? 
_entity_src_gen.pdbx_host_org_cell                 ? 
_entity_src_gen.pdbx_host_org_organelle            ? 
_entity_src_gen.pdbx_host_org_cellular_location    ? 
_entity_src_gen.pdbx_host_org_vector_type          plasmid 
_entity_src_gen.pdbx_host_org_vector               ? 
_entity_src_gen.host_org_details                   ? 
_entity_src_gen.expression_system_id               ? 
_entity_src_gen.plasmid_name                       pQE30 
_entity_src_gen.plasmid_details                    ? 
_entity_src_gen.pdbx_description                   ? 
# 
loop_
_chem_comp.id 
_chem_comp.type 
_chem_comp.mon_nstd_flag 
_chem_comp.name 
_chem_comp.pdbx_synonyms 
_chem_comp.formula 
_chem_comp.formula_weight 
ALA 'L-peptide linking' y ALANINE         ? 'C3 H7 N O2'     89.093  
ARG 'L-peptide linking' y ARGININE        ? 'C6 H15 N4 O2 1' 175.209 
ASN 'L-peptide linking' y ASPARAGINE      ? 'C4 H8 N2 O3'    132.118 
ASP 'L-peptide linking' y 'ASPARTIC ACID' ? 'C4 H7 N O4'     133.103 
GLN 'L-peptide linking' y GLUTAMINE       ? 'C5 H10 N2 O3'   146.144 
GLU 'L-peptide linking' y 'GLUTAMIC ACID' ? 'C5 H9 N O4'     147.129 
GLY 'peptide linking'   y GLYCINE         ? 'C2 H5 N O2'     75.067  
HIS 'L-peptide linking' y HISTIDINE       ? 'C6 H10 N3 O2 1' 156.162 
HOH non-polymer         . WATER           ? 'H2 O'           18.015  
ILE 'L-peptide linking' y ISOLEUCINE      ? 'C6 H13 N O2'    131.173 
LEU 'L-peptide linking' y LEUCINE         ? 'C6 H13 N O2'    131.173 
LYS 'L-peptide linking' y LYSINE          ? 'C6 H15 N2 O2 1' 147.195 
MET 'L-peptide linking' y METHIONINE      ? 'C5 H11 N O2 S'  149.211 
PHE 'L-peptide linking' y PHENYLALANINE   ? 'C9 H11 N O2'    165.189 
PRO 'L-peptide linking' y PROLINE         ? 'C5 H9 N O2'     115.130 
SER 'L-peptide linking' y SERINE          ? 'C3 H7 N O3'     105.093 
THR 'L-peptide linking' y THREONINE       ? 'C4 H9 N O3'     119.119 
TYR 'L-peptide linking' y TYROSINE        ? 'C9 H11 N O3'    181.189 
VAL 'L-peptide linking' y VALINE          ? 'C5 H11 N O2'    117.146 
# 
loop_
_pdbx_poly_seq_scheme.asym_id 
_pdbx_poly_seq_scheme.entity_id 
_pdbx_poly_seq_scheme.seq_id 
_pdbx_poly_seq_scheme.mon_id 
_pdbx_poly_seq_scheme.ndb_seq_num 
_pdbx_poly_seq_scheme.pdb_seq_num 
_pdbx_poly_seq_scheme.auth_seq_num 
_pdbx_poly_seq_scheme.pdb_mon_id 
_pdbx_poly_seq_scheme.auth_mon_id 
_pdbx_poly_seq_scheme.pdb_strand_id 
_pdbx_poly_seq_scheme.pdb_ins_code 
_pdbx_poly_seq_scheme.hetero 
A 1 1   MET 1   1   ?   ?   ?   A . n 
A 1 2   ARG 2   2   ?   ?   ?   A . n 
A 1 3   GLY 3   3   ?   ?   ?   A . n 
A 1 4   SER 4   4   4   SER SER A . n 
A 1 5   HIS 5   5   5   HIS HIS A . n 
A 1 6   HIS 6   6   6   HIS HIS A . n 
A 1 7   HIS 7   7   7   HIS HIS A . n 
A 1 8   HIS 8   8   8   HIS HIS A . n 
A 1 9   HIS 9   9   9   HIS HIS A . n 
A 1 10  HIS 10  10  10  HIS HIS A . n 
A 1 11  GLY 11  11  11  GLY GLY A . n 
A 1 12  SER 12  12  12  SER SER A . n 
A 1 13  ASP 13  13  13  ASP ASP A . n 
A 1 14  LEU 14  14  14  LEU LEU A . n 
A 1 15  GLY 15  15  15  GLY GLY A . n 
A 1 16  LYS 16  16  16  LYS LYS A . n 
A 1 17  LYS 17  17  17  LYS LYS A . n 
A 1 18  LEU 18  18  18  LEU LEU A . n 
A 1 19  LEU 19  19  19  LEU LEU A . n 
A 1 20  GLU 20  20  20  GLU GLU A . n 
A 1 21  ALA 21  21  21  ALA ALA A . n 
A 1 22  ALA 22  22  22  ALA ALA A . n 
A 1 23  ARG 23  23  23  ARG ARG A . n 
A 1 24  ALA 24  24  24  ALA ALA A . n 
A 1 25  GLY 25  25  25  GLY GLY A . n 
A 1 26  GLN 26  26  26  GLN GLN A . n 
A 1 27  ASP 27  27  27  ASP ASP A . n 
A 1 28  ASP 28  28  28  ASP ASP A . n 
A 1 29  GLU 29  29  29  GLU GLU A . n 
A 1 30  VAL 30  30  30  VAL VAL A . n 
A 1 31  ARG 31  31  31  ARG ARG A . n 
A 1 32  ILE 32  32  32  ILE ILE A . n 
A 1 33  LEU 33  33  33  LEU LEU A . n 
A 1 34  MET 34  34  34  MET MET A . n 
A 1 35  ALA 35  35  35  ALA ALA A . n 
A 1 36  ASN 36  36  36  ASN ASN A . n 
A 1 37  GLY 37  37  37  GLY GLY A . n 
A 1 38  ALA 38  38  38  ALA ALA A . n 
A 1 39  ASP 39  39  39  ASP ASP A . n 
A 1 40  VAL 40  40  40  VAL VAL A . n 
A 1 41  ASN 41  41  41  ASN ASN A . n 
A 1 42  ALA 42  42  42  ALA ALA A . n 
A 1 43  VAL 43  43  43  VAL VAL A . n 
A 1 44  ASP 44  44  44  ASP ASP A . n 
A 1 45  GLU 45  45  45  GLU GLU A . n 
A 1 46  TYR 46  46  46  TYR TYR A . n 
A 1 47  GLY 47  47  47  GLY GLY A . n 
A 1 48  SER 48  48  48  SER SER A . n 
A 1 49  THR 49  49  49  THR THR A . n 
A 1 50  PRO 50  50  50  PRO PRO A . n 
A 1 51  LEU 51  51  51  LEU LEU A . n 
A 1 52  HIS 52  52  52  HIS HIS A . n 
A 1 53  LEU 53  53  53  LEU LEU A . n 
A 1 54  ALA 54  54  54  ALA ALA A . n 
A 1 55  ALA 55  55  55  ALA ALA A . n 
A 1 56  LEU 56  56  56  LEU LEU A . n 
A 1 57  ALA 57  57  57  ALA ALA A . n 
A 1 58  GLY 58  58  58  GLY GLY A . n 
A 1 59  HIS 59  59  59  HIS HIS A . n 
A 1 60  LEU 60  60  60  LEU LEU A . n 
A 1 61  GLU 61  61  61  GLU GLU A . n 
A 1 62  ILE 62  62  62  ILE ILE A . n 
A 1 63  VAL 63  63  63  VAL VAL A . n 
A 1 64  GLU 64  64  64  GLU GLU A . n 
A 1 65  VAL 65  65  65  VAL VAL A . n 
A 1 66  LEU 66  66  66  LEU LEU A . n 
A 1 67  LEU 67  67  67  LEU LEU A . n 
A 1 68  LYS 68  68  68  LYS LYS A . n 
A 1 69  ASN 69  69  69  ASN ASN A . n 
A 1 70  GLY 70  70  70  GLY GLY A . n 
A 1 71  ALA 71  71  71  ALA ALA A . n 
A 1 72  ASP 72  72  72  ASP ASP A . n 
A 1 73  VAL 73  73  73  VAL VAL A . n 
A 1 74  ASN 74  74  74  ASN ASN A . n 
A 1 75  ALA 75  75  75  ALA ALA A . n 
A 1 76  TYR 76  76  76  TYR TYR A . n 
A 1 77  ASP 77  77  77  ASP ASP A . n 
A 1 78  THR 78  78  78  THR THR A . n 
A 1 79  ARG 79  79  79  ARG ARG A . n 
A 1 80  GLY 80  80  80  GLY GLY A . n 
A 1 81  LEU 81  81  81  LEU LEU A . n 
A 1 82  THR 82  82  82  THR THR A . n 
A 1 83  PRO 83  83  83  PRO PRO A . n 
A 1 84  LEU 84  84  84  LEU LEU A . n 
A 1 85  HIS 85  85  85  HIS HIS A . n 
A 1 86  LEU 86  86  86  LEU LEU A . n 
A 1 87  ALA 87  87  87  ALA ALA A . n 
A 1 88  ALA 88  88  88  ALA ALA A . n 
A 1 89  LEU 89  89  89  LEU LEU A . n 
A 1 90  TYR 90  90  90  TYR TYR A . n 
A 1 91  GLY 91  91  91  GLY GLY A . n 
A 1 92  HIS 92  92  92  HIS HIS A . n 
A 1 93  LEU 93  93  93  LEU LEU A . n 
A 1 94  GLU 94  94  94  GLU GLU A . n 
A 1 95  ILE 95  95  95  ILE ILE A . n 
A 1 96  VAL 96  96  96  VAL VAL A . n 
A 1 97  GLU 97  97  97  GLU GLU A . n 
A 1 98  VAL 98  98  98  VAL VAL A . n 
A 1 99  LEU 99  99  99  LEU LEU A . n 
A 1 100 LEU 100 100 100 LEU LEU A . n 
A 1 101 LYS 101 101 101 LYS LYS A . n 
A 1 102 TYR 102 102 102 TYR TYR A . n 
A 1 103 GLY 103 103 103 GLY GLY A . n 
A 1 104 ALA 104 104 104 ALA ALA A . n 
A 1 105 ASP 105 105 105 ASP ASP A . n 
A 1 106 VAL 106 106 106 VAL VAL A . n 
A 1 107 ASN 107 107 107 ASN ASN A . n 
A 1 108 ALA 108 108 108 ALA ALA A . n 
A 1 109 ASN 109 109 109 ASN ASN A . n 
A 1 110 ASP 110 110 110 ASP ASP A . n 
A 1 111 ILE 111 111 111 ILE ILE A . n 
A 1 112 ASP 112 112 112 ASP ASP A . n 
A 1 113 GLY 113 113 113 GLY GLY A . n 
A 1 114 TYR 114 114 114 TYR TYR A . n 
A 1 115 THR 115 115 115 THR THR A . n 
A 1 116 PRO 116 116 116 PRO PRO A . n 
A 1 117 LEU 117 117 117 LEU LEU A . n 
A 1 118 HIS 118 118 118 HIS HIS A . n 
A 1 119 LEU 119 119 119 LEU LEU A . n 
A 1 120 ALA 120 120 120 ALA ALA A . n 
A 1 121 ALA 121 121 121 ALA ALA A . n 
A 1 122 ASN 122 122 122 ASN ASN A . n 
A 1 123 LEU 123 123 123 LEU LEU A . n 
A 1 124 GLY 124 124 124 GLY GLY A . n 
A 1 125 HIS 125 125 125 HIS HIS A . n 
A 1 126 LEU 126 126 126 LEU LEU A . n 
A 1 127 GLU 127 127 127 GLU GLU A . n 
A 1 128 ILE 128 128 128 ILE ILE A . n 
A 1 129 VAL 129 129 129 VAL VAL A . n 
A 1 130 GLU 130 130 130 GLU GLU A . n 
A 1 131 VAL 131 131 131 VAL VAL A . n 
A 1 132 LEU 132 132 132 LEU LEU A . n 
A 1 133 LEU 133 133 133 LEU LEU A . n 
A 1 134 LYS 134 134 134 LYS LYS A . n 
A 1 135 HIS 135 135 135 HIS HIS A . n 
A 1 136 GLY 136 136 136 GLY GLY A . n 
A 1 137 ALA 137 137 137 ALA ALA A . n 
A 1 138 ASP 138 138 138 ASP ASP A . n 
A 1 139 VAL 139 139 139 VAL VAL A . n 
A 1 140 ASN 140 140 140 ASN ASN A . n 
A 1 141 ALA 141 141 141 ALA ALA A . n 
A 1 142 GLN 142 142 142 GLN GLN A . n 
A 1 143 ASP 143 143 143 ASP ASP A . n 
A 1 144 LYS 144 144 144 LYS LYS A . n 
A 1 145 PHE 145 145 145 PHE PHE A . n 
A 1 146 GLY 146 146 146 GLY GLY A . n 
A 1 147 LYS 147 147 147 LYS LYS A . n 
A 1 148 THR 148 148 148 THR THR A . n 
A 1 149 ALA 149 149 149 ALA ALA A . n 
A 1 150 PHE 150 150 150 PHE PHE A . n 
A 1 151 ASP 151 151 151 ASP ASP A . n 
A 1 152 ILE 152 152 152 ILE ILE A . n 
A 1 153 SER 153 153 153 SER SER A . n 
A 1 154 ILE 154 154 154 ILE ILE A . n 
A 1 155 ASP 155 155 155 ASP ASP A . n 
A 1 156 ASN 156 156 156 ASN ASN A . n 
A 1 157 GLY 157 157 157 GLY GLY A . n 
A 1 158 ASN 158 158 158 ASN ASN A . n 
A 1 159 GLU 159 159 159 GLU GLU A . n 
A 1 160 ASP 160 160 160 ASP ASP A . n 
A 1 161 LEU 161 161 161 LEU LEU A . n 
A 1 162 ALA 162 162 162 ALA ALA A . n 
A 1 163 GLU 163 163 163 GLU GLU A . n 
A 1 164 ILE 164 164 164 ILE ILE A . n 
A 1 165 LEU 165 165 165 LEU LEU A . n 
A 1 166 GLN 166 166 166 GLN GLN A . n 
A 1 167 LYS 167 167 167 LYS LYS A . n 
A 1 168 LEU 168 168 168 LEU LEU A . n 
# 
loop_
_pdbx_nonpoly_scheme.asym_id 
_pdbx_nonpoly_scheme.entity_id 
_pdbx_nonpoly_scheme.mon_id 
_pdbx_nonpoly_scheme.ndb_seq_num 
_pdbx_nonpoly_scheme.pdb_seq_num 
_pdbx_nonpoly_scheme.auth_seq_num 
_pdbx_nonpoly_scheme.pdb_mon_id 
_pdbx_nonpoly_scheme.auth_mon_id 
_pdbx_nonpoly_scheme.pdb_strand_id 
_pdbx_nonpoly_scheme.pdb_ins_code 
B 2 HOH 1   201 85  HOH HOH A . 
B 2 HOH 2   202 79  HOH HOH A . 
B 2 HOH 3   203 67  HOH HOH A . 
B 2 HOH 4   204 99  HOH HOH A . 
B 2 HOH 5   205 26  HOH HOH A . 
B 2 HOH 6   206 97  HOH HOH A . 
B 2 HOH 7   207 66  HOH HOH A . 
B 2 HOH 8   208 64  HOH HOH A . 
B 2 HOH 9   209 56  HOH HOH A . 
B 2 HOH 10  210 83  HOH HOH A . 
B 2 HOH 11  211 24  HOH HOH A . 
B 2 HOH 12  212 8   HOH HOH A . 
B 2 HOH 13  213 12  HOH HOH A . 
B 2 HOH 14  214 13  HOH HOH A . 
B 2 HOH 15  215 3   HOH HOH A . 
B 2 HOH 16  216 70  HOH HOH A . 
B 2 HOH 17  217 44  HOH HOH A . 
B 2 HOH 18  218 48  HOH HOH A . 
B 2 HOH 19  219 88  HOH HOH A . 
B 2 HOH 20  220 40  HOH HOH A . 
B 2 HOH 21  221 29  HOH HOH A . 
B 2 HOH 22  222 100 HOH HOH A . 
B 2 HOH 23  223 23  HOH HOH A . 
B 2 HOH 24  224 45  HOH HOH A . 
B 2 HOH 25  225 86  HOH HOH A . 
B 2 HOH 26  226 18  HOH HOH A . 
B 2 HOH 27  227 91  HOH HOH A . 
B 2 HOH 28  228 6   HOH HOH A . 
B 2 HOH 29  229 51  HOH HOH A . 
B 2 HOH 30  230 93  HOH HOH A . 
B 2 HOH 31  231 34  HOH HOH A . 
B 2 HOH 32  232 50  HOH HOH A . 
B 2 HOH 33  233 36  HOH HOH A . 
B 2 HOH 34  234 61  HOH HOH A . 
B 2 HOH 35  235 53  HOH HOH A . 
B 2 HOH 36  236 5   HOH HOH A . 
B 2 HOH 37  237 80  HOH HOH A . 
B 2 HOH 38  238 98  HOH HOH A . 
B 2 HOH 39  239 32  HOH HOH A . 
B 2 HOH 40  240 10  HOH HOH A . 
B 2 HOH 41  241 57  HOH HOH A . 
B 2 HOH 42  242 21  HOH HOH A . 
B 2 HOH 43  243 28  HOH HOH A . 
B 2 HOH 44  244 2   HOH HOH A . 
B 2 HOH 45  245 87  HOH HOH A . 
B 2 HOH 46  246 9   HOH HOH A . 
B 2 HOH 47  247 95  HOH HOH A . 
B 2 HOH 48  248 96  HOH HOH A . 
B 2 HOH 49  249 46  HOH HOH A . 
B 2 HOH 50  250 55  HOH HOH A . 
B 2 HOH 51  251 72  HOH HOH A . 
B 2 HOH 52  252 65  HOH HOH A . 
B 2 HOH 53  253 38  HOH HOH A . 
B 2 HOH 54  254 14  HOH HOH A . 
B 2 HOH 55  255 17  HOH HOH A . 
B 2 HOH 56  256 20  HOH HOH A . 
B 2 HOH 57  257 11  HOH HOH A . 
B 2 HOH 58  258 59  HOH HOH A . 
B 2 HOH 59  259 19  HOH HOH A . 
B 2 HOH 60  260 4   HOH HOH A . 
B 2 HOH 61  261 22  HOH HOH A . 
B 2 HOH 62  262 69  HOH HOH A . 
B 2 HOH 63  263 31  HOH HOH A . 
B 2 HOH 64  264 33  HOH HOH A . 
B 2 HOH 65  265 16  HOH HOH A . 
B 2 HOH 66  266 41  HOH HOH A . 
B 2 HOH 67  267 43  HOH HOH A . 
B 2 HOH 68  268 54  HOH HOH A . 
B 2 HOH 69  269 7   HOH HOH A . 
B 2 HOH 70  270 62  HOH HOH A . 
B 2 HOH 71  271 15  HOH HOH A . 
B 2 HOH 72  272 37  HOH HOH A . 
B 2 HOH 73  273 92  HOH HOH A . 
B 2 HOH 74  274 74  HOH HOH A . 
B 2 HOH 75  275 68  HOH HOH A . 
B 2 HOH 76  276 63  HOH HOH A . 
B 2 HOH 77  277 35  HOH HOH A . 
B 2 HOH 78  278 52  HOH HOH A . 
B 2 HOH 79  279 25  HOH HOH A . 
B 2 HOH 80  280 60  HOH HOH A . 
B 2 HOH 81  281 102 HOH HOH A . 
B 2 HOH 82  282 1   HOH HOH A . 
B 2 HOH 83  283 27  HOH HOH A . 
B 2 HOH 84  284 76  HOH HOH A . 
B 2 HOH 85  285 84  HOH HOH A . 
B 2 HOH 86  286 77  HOH HOH A . 
B 2 HOH 87  287 30  HOH HOH A . 
B 2 HOH 88  288 78  HOH HOH A . 
B 2 HOH 89  289 58  HOH HOH A . 
B 2 HOH 90  290 103 HOH HOH A . 
B 2 HOH 91  291 82  HOH HOH A . 
B 2 HOH 92  292 81  HOH HOH A . 
B 2 HOH 93  293 89  HOH HOH A . 
B 2 HOH 94  294 39  HOH HOH A . 
B 2 HOH 95  295 73  HOH HOH A . 
B 2 HOH 96  296 47  HOH HOH A . 
B 2 HOH 97  297 49  HOH HOH A . 
B 2 HOH 98  298 90  HOH HOH A . 
B 2 HOH 99  299 101 HOH HOH A . 
B 2 HOH 100 300 94  HOH HOH A . 
# 
loop_
_pdbx_unobs_or_zero_occ_atoms.id 
_pdbx_unobs_or_zero_occ_atoms.PDB_model_num 
_pdbx_unobs_or_zero_occ_atoms.polymer_flag 
_pdbx_unobs_or_zero_occ_atoms.occupancy_flag 
_pdbx_unobs_or_zero_occ_atoms.auth_asym_id 
_pdbx_unobs_or_zero_occ_atoms.auth_comp_id 
_pdbx_unobs_or_zero_occ_atoms.auth_seq_id 
_pdbx_unobs_or_zero_occ_atoms.PDB_ins_code 
_pdbx_unobs_or_zero_occ_atoms.auth_atom_id 
_pdbx_unobs_or_zero_occ_atoms.label_alt_id 
_pdbx_unobs_or_zero_occ_atoms.label_asym_id 
_pdbx_unobs_or_zero_occ_atoms.label_comp_id 
_pdbx_unobs_or_zero_occ_atoms.label_seq_id 
_pdbx_unobs_or_zero_occ_atoms.label_atom_id 
1  1 Y 1 A SER 4  ? OG  ? A SER 4  OG  
2  1 Y 1 A HIS 8  ? CG  ? A HIS 8  CG  
3  1 Y 1 A HIS 8  ? ND1 ? A HIS 8  ND1 
4  1 Y 1 A HIS 8  ? CD2 ? A HIS 8  CD2 
5  1 Y 1 A HIS 8  ? CE1 ? A HIS 8  CE1 
6  1 Y 1 A HIS 8  ? NE2 ? A HIS 8  NE2 
7  1 Y 1 A HIS 10 ? CG  ? A HIS 10 CG  
8  1 Y 1 A HIS 10 ? ND1 ? A HIS 10 ND1 
9  1 Y 1 A HIS 10 ? CD2 ? A HIS 10 CD2 
10 1 Y 1 A HIS 10 ? CE1 ? A HIS 10 CE1 
11 1 Y 1 A HIS 10 ? NE2 ? A HIS 10 NE2 
12 1 Y 1 A GLU 61 ? CD  ? A GLU 61 CD  
13 1 Y 1 A GLU 61 ? OE1 ? A GLU 61 OE1 
14 1 Y 1 A GLU 61 ? OE2 ? A GLU 61 OE2 
# 
loop_
_software.citation_id 
_software.classification 
_software.compiler_name 
_software.compiler_version 
_software.contact_author 
_software.contact_author_email 
_software.date 
_software.description 
_software.dependencies 
_software.hardware 
_software.language 
_software.location 
_software.mods 
_software.name 
_software.os 
_software.os_version 
_software.type 
_software.version 
_software.pdbx_ordinal 
? refinement        ? ? ? ? ? ? ? ? ? ? ? PHENIX      ? ? ? 1.11.1_2575 1 
? 'data scaling'    ? ? ? ? ? ? ? ? ? ? ? Aimless     ? ? ? .           2 
? 'data extraction' ? ? ? ? ? ? ? ? ? ? ? PDB_EXTRACT ? ? ? 3.23        3 
? 'data reduction'  ? ? ? ? ? ? ? ? ? ? ? XDS         ? ? ? .           4 
? phasing           ? ? ? ? ? ? ? ? ? ? ? PHASER      ? ? ? .           5 
# 
_cell.angle_alpha                  90.000 
_cell.angle_alpha_esd              ? 
_cell.angle_beta                   90.000 
_cell.angle_beta_esd               ? 
_cell.angle_gamma                  120.000 
_cell.angle_gamma_esd              ? 
_cell.entry_id                     5OOU 
_cell.details                      ? 
_cell.formula_units_Z              ? 
_cell.length_a                     103.500 
_cell.length_a_esd                 ? 
_cell.length_b                     103.500 
_cell.length_b_esd                 ? 
_cell.length_c                     96.130 
_cell.length_c_esd                 ? 
_cell.volume                       ? 
_cell.volume_esd                   ? 
_cell.Z_PDB                        12 
_cell.reciprocal_angle_alpha       ? 
_cell.reciprocal_angle_beta        ? 
_cell.reciprocal_angle_gamma       ? 
_cell.reciprocal_angle_alpha_esd   ? 
_cell.reciprocal_angle_beta_esd    ? 
_cell.reciprocal_angle_gamma_esd   ? 
_cell.reciprocal_length_a          ? 
_cell.reciprocal_length_b          ? 
_cell.reciprocal_length_c          ? 
_cell.reciprocal_length_a_esd      ? 
_cell.reciprocal_length_b_esd      ? 
_cell.reciprocal_length_c_esd      ? 
_cell.pdbx_unique_axis             ? 
# 
_symmetry.entry_id                         5OOU 
_symmetry.cell_setting                     ? 
_symmetry.Int_Tables_number                181 
_symmetry.space_group_name_Hall            ? 
_symmetry.space_group_name_H-M             'P 64 2 2' 
_symmetry.pdbx_full_space_group_name_H-M   ? 
# 
_exptl.absorpt_coefficient_mu     ? 
_exptl.absorpt_correction_T_max   ? 
_exptl.absorpt_correction_T_min   ? 
_exptl.absorpt_correction_type    ? 
_exptl.absorpt_process_details    ? 
_exptl.entry_id                   5OOU 
_exptl.crystals_number            1 
_exptl.details                    ? 
_exptl.method                     'X-RAY DIFFRACTION' 
_exptl.method_details             ? 
# 
_exptl_crystal.colour                      ? 
_exptl_crystal.density_diffrn              ? 
_exptl_crystal.density_Matthews            4.10 
_exptl_crystal.density_method              ? 
_exptl_crystal.density_percent_sol         69.96 
_exptl_crystal.description                 ? 
_exptl_crystal.F_000                       ? 
_exptl_crystal.id                          1 
_exptl_crystal.preparation                 ? 
_exptl_crystal.size_max                    ? 
_exptl_crystal.size_mid                    ? 
_exptl_crystal.size_min                    ? 
_exptl_crystal.size_rad                    ? 
_exptl_crystal.colour_lustre               ? 
_exptl_crystal.colour_modifier             ? 
_exptl_crystal.colour_primary              ? 
_exptl_crystal.density_meas                ? 
_exptl_crystal.density_meas_esd            ? 
_exptl_crystal.density_meas_gt             ? 
_exptl_crystal.density_meas_lt             ? 
_exptl_crystal.density_meas_temp           ? 
_exptl_crystal.density_meas_temp_esd       ? 
_exptl_crystal.density_meas_temp_gt        ? 
_exptl_crystal.density_meas_temp_lt        ? 
_exptl_crystal.pdbx_crystal_image_url      ? 
_exptl_crystal.pdbx_crystal_image_format   ? 
_exptl_crystal.pdbx_mosaicity              ? 
_exptl_crystal.pdbx_mosaicity_esd          ? 
# 
_exptl_crystal_grow.apparatus       ? 
_exptl_crystal_grow.atmosphere      ? 
_exptl_crystal_grow.crystal_id      1 
_exptl_crystal_grow.details         ? 
_exptl_crystal_grow.method          'VAPOR DIFFUSION' 
_exptl_crystal_grow.method_ref      ? 
_exptl_crystal_grow.pH              8.5 
_exptl_crystal_grow.pressure        ? 
_exptl_crystal_grow.pressure_esd    ? 
_exptl_crystal_grow.seeding         ? 
_exptl_crystal_grow.seeding_ref     ? 
_exptl_crystal_grow.temp            298 
_exptl_crystal_grow.temp_details    ? 
_exptl_crystal_grow.temp_esd        ? 
_exptl_crystal_grow.time            ? 
_exptl_crystal_grow.pdbx_details    '1.5M AmSO4, 0.1M Tris pH=8.5, 12% glycerol' 
_exptl_crystal_grow.pdbx_pH_range   ? 
# 
_diffrn.ambient_environment    ? 
_diffrn.ambient_temp           100 
_diffrn.ambient_temp_details   ? 
_diffrn.ambient_temp_esd       ? 
_diffrn.crystal_id             1 
_diffrn.crystal_support        ? 
_diffrn.crystal_treatment      ? 
_diffrn.details                ? 
_diffrn.id                     1 
_diffrn.ambient_pressure       ? 
_diffrn.ambient_pressure_esd   ? 
_diffrn.ambient_pressure_gt    ? 
_diffrn.ambient_pressure_lt    ? 
_diffrn.ambient_temp_gt        ? 
_diffrn.ambient_temp_lt        ? 
# 
_diffrn_detector.details                      ? 
_diffrn_detector.detector                     PIXEL 
_diffrn_detector.diffrn_id                    1 
_diffrn_detector.type                         'DECTRIS PILATUS 6M' 
_diffrn_detector.area_resol_mean              ? 
_diffrn_detector.dtime                        ? 
_diffrn_detector.pdbx_frames_total            ? 
_diffrn_detector.pdbx_collection_time_total   ? 
_diffrn_detector.pdbx_collection_date         2017-03-11 
# 
_diffrn_radiation.collimation                      ? 
_diffrn_radiation.diffrn_id                        1 
_diffrn_radiation.filter_edge                      ? 
_diffrn_radiation.inhomogeneity                    ? 
_diffrn_radiation.monochromator                    ? 
_diffrn_radiation.polarisn_norm                    ? 
_diffrn_radiation.polarisn_ratio                   ? 
_diffrn_radiation.probe                            ? 
_diffrn_radiation.type                             ? 
_diffrn_radiation.xray_symbol                      ? 
_diffrn_radiation.wavelength_id                    1 
_diffrn_radiation.pdbx_monochromatic_or_laue_m_l   M 
_diffrn_radiation.pdbx_wavelength_list             ? 
_diffrn_radiation.pdbx_wavelength                  ? 
_diffrn_radiation.pdbx_diffrn_protocol             'SINGLE WAVELENGTH' 
_diffrn_radiation.pdbx_analyzer                    ? 
_diffrn_radiation.pdbx_scattering_type             x-ray 
# 
_diffrn_radiation_wavelength.id           1 
_diffrn_radiation_wavelength.wavelength   0.97625 
_diffrn_radiation_wavelength.wt           1.0 
# 
_diffrn_source.current                     ? 
_diffrn_source.details                     ? 
_diffrn_source.diffrn_id                   1 
_diffrn_source.power                       ? 
_diffrn_source.size                        ? 
_diffrn_source.source                      SYNCHROTRON 
_diffrn_source.target                      ? 
_diffrn_source.type                        'DIAMOND BEAMLINE I03' 
_diffrn_source.voltage                     ? 
_diffrn_source.take-off_angle              ? 
_diffrn_source.pdbx_wavelength_list        0.97625 
_diffrn_source.pdbx_wavelength             ? 
_diffrn_source.pdbx_synchrotron_beamline   I03 
_diffrn_source.pdbx_synchrotron_site       Diamond 
# 
_reflns.B_iso_Wilson_estimate            52.040 
_reflns.entry_id                         5OOU 
_reflns.data_reduction_details           ? 
_reflns.data_reduction_method            ? 
_reflns.d_resolution_high                2.104 
_reflns.d_resolution_low                 65.557 
_reflns.details                          ? 
_reflns.limit_h_max                      ? 
_reflns.limit_h_min                      ? 
_reflns.limit_k_max                      ? 
_reflns.limit_k_min                      ? 
_reflns.limit_l_max                      ? 
_reflns.limit_l_min                      ? 
_reflns.number_all                       ? 
_reflns.number_obs                       18216 
_reflns.observed_criterion               ? 
_reflns.observed_criterion_F_max         ? 
_reflns.observed_criterion_F_min         ? 
_reflns.observed_criterion_I_max         ? 
_reflns.observed_criterion_I_min         ? 
_reflns.observed_criterion_sigma_F       ? 
_reflns.observed_criterion_sigma_I       ? 
_reflns.percent_possible_obs             100.000 
_reflns.R_free_details                   ? 
_reflns.Rmerge_F_all                     ? 
_reflns.Rmerge_F_obs                     ? 
_reflns.Friedel_coverage                 ? 
_reflns.number_gt                        ? 
_reflns.threshold_expression             ? 
_reflns.pdbx_redundancy                  18.900 
_reflns.pdbx_Rmerge_I_obs                0.100 
_reflns.pdbx_Rmerge_I_all                ? 
_reflns.pdbx_Rsym_value                  ? 
_reflns.pdbx_netI_over_av_sigmaI         ? 
_reflns.pdbx_netI_over_sigmaI            16.500 
_reflns.pdbx_res_netI_over_av_sigmaI_2   ? 
_reflns.pdbx_res_netI_over_sigmaI_2      ? 
_reflns.pdbx_chi_squared                 ? 
_reflns.pdbx_scaling_rejects             ? 
_reflns.pdbx_d_res_high_opt              ? 
_reflns.pdbx_d_res_low_opt               ? 
_reflns.pdbx_d_res_opt_method            ? 
_reflns.phase_calculation_details        ? 
_reflns.pdbx_Rrim_I_all                  0.103 
_reflns.pdbx_Rpim_I_all                  0.024 
_reflns.pdbx_d_opt                       ? 
_reflns.pdbx_number_measured_all         343934 
_reflns.pdbx_diffrn_id                   1 
_reflns.pdbx_ordinal                     1 
_reflns.pdbx_CC_half                     0.999 
_reflns.pdbx_R_split                     ? 
# 
loop_
_reflns_shell.d_res_high 
_reflns_shell.d_res_low 
_reflns_shell.meanI_over_sigI_all 
_reflns_shell.meanI_over_sigI_obs 
_reflns_shell.number_measured_all 
_reflns_shell.number_measured_obs 
_reflns_shell.number_possible 
_reflns_shell.number_unique_all 
_reflns_shell.number_unique_obs 
_reflns_shell.percent_possible_all 
_reflns_shell.percent_possible_obs 
_reflns_shell.Rmerge_F_all 
_reflns_shell.Rmerge_F_obs 
_reflns_shell.Rmerge_I_all 
_reflns_shell.Rmerge_I_obs 
_reflns_shell.meanI_over_sigI_gt 
_reflns_shell.meanI_over_uI_all 
_reflns_shell.meanI_over_uI_gt 
_reflns_shell.number_measured_gt 
_reflns_shell.number_unique_gt 
_reflns_shell.percent_possible_gt 
_reflns_shell.Rmerge_F_gt 
_reflns_shell.Rmerge_I_gt 
_reflns_shell.pdbx_redundancy 
_reflns_shell.pdbx_Rsym_value 
_reflns_shell.pdbx_chi_squared 
_reflns_shell.pdbx_netI_over_sigmaI_all 
_reflns_shell.pdbx_netI_over_sigmaI_obs 
_reflns_shell.pdbx_Rrim_I_all 
_reflns_shell.pdbx_Rpim_I_all 
_reflns_shell.pdbx_rejects 
_reflns_shell.pdbx_ordinal 
_reflns_shell.pdbx_diffrn_id 
_reflns_shell.pdbx_CC_half 
_reflns_shell.pdbx_R_split 
2.104 2.140  ? ? 17894 ? ? 894  ? 98.900  ? ? ? ? 2.485 ? ? ? ? ? ? ? ? 20.000 ? ? ? 1.400  2.551 0.569 ? 1 1 0.475 ? 
5.710 65.557 ? ? 16385 ? ? 1042 ? 100.000 ? ? ? ? 0.054 ? ? ? ? ? ? ? ? 15.700 ? ? ? 40.500 0.056 0.014 ? 2 1 0.999 ? 
# 
_refine.aniso_B[1][1]                            ? 
_refine.aniso_B[1][2]                            ? 
_refine.aniso_B[1][3]                            ? 
_refine.aniso_B[2][2]                            ? 
_refine.aniso_B[2][3]                            ? 
_refine.aniso_B[3][3]                            ? 
_refine.B_iso_max                                163.710 
_refine.B_iso_mean                               63.4040 
_refine.B_iso_min                                37.300 
_refine.correlation_coeff_Fo_to_Fc               ? 
_refine.correlation_coeff_Fo_to_Fc_free          ? 
_refine.details                                  ? 
_refine.diff_density_max                         ? 
_refine.diff_density_max_esd                     ? 
_refine.diff_density_min                         ? 
_refine.diff_density_min_esd                     ? 
_refine.diff_density_rms                         ? 
_refine.diff_density_rms_esd                     ? 
_refine.entry_id                                 5OOU 
_refine.pdbx_refine_id                           'X-RAY DIFFRACTION' 
_refine.ls_abs_structure_details                 ? 
_refine.ls_abs_structure_Flack                   ? 
_refine.ls_abs_structure_Flack_esd               ? 
_refine.ls_abs_structure_Rogers                  ? 
_refine.ls_abs_structure_Rogers_esd              ? 
_refine.ls_d_res_high                            2.1040 
_refine.ls_d_res_low                             44.8170 
_refine.ls_extinction_coef                       ? 
_refine.ls_extinction_coef_esd                   ? 
_refine.ls_extinction_expression                 ? 
_refine.ls_extinction_method                     ? 
_refine.ls_goodness_of_fit_all                   ? 
_refine.ls_goodness_of_fit_all_esd               ? 
_refine.ls_goodness_of_fit_obs                   ? 
_refine.ls_goodness_of_fit_obs_esd               ? 
_refine.ls_hydrogen_treatment                    ? 
_refine.ls_matrix_type                           ? 
_refine.ls_number_constraints                    ? 
_refine.ls_number_parameters                     ? 
_refine.ls_number_reflns_all                     ? 
_refine.ls_number_reflns_obs                     18183 
_refine.ls_number_reflns_R_free                  908 
_refine.ls_number_reflns_R_work                  17275 
_refine.ls_number_restraints                     ? 
_refine.ls_percent_reflns_obs                    99.9800 
_refine.ls_percent_reflns_R_free                 4.9900 
_refine.ls_R_factor_all                          ? 
_refine.ls_R_factor_obs                          0.1864 
_refine.ls_R_factor_R_free                       0.2063 
_refine.ls_R_factor_R_free_error                 ? 
_refine.ls_R_factor_R_free_error_details         ? 
_refine.ls_R_factor_R_work                       0.1853 
_refine.ls_R_Fsqd_factor_obs                     ? 
_refine.ls_R_I_factor_obs                        ? 
_refine.ls_redundancy_reflns_all                 ? 
_refine.ls_redundancy_reflns_obs                 ? 
_refine.ls_restrained_S_all                      ? 
_refine.ls_restrained_S_obs                      ? 
_refine.ls_shift_over_esd_max                    ? 
_refine.ls_shift_over_esd_mean                   ? 
_refine.ls_structure_factor_coef                 ? 
_refine.ls_weighting_details                     ? 
_refine.ls_weighting_scheme                      ? 
_refine.ls_wR_factor_all                         ? 
_refine.ls_wR_factor_obs                         ? 
_refine.ls_wR_factor_R_free                      ? 
_refine.ls_wR_factor_R_work                      ? 
_refine.occupancy_max                            ? 
_refine.occupancy_min                            ? 
_refine.solvent_model_details                    'FLAT BULK SOLVENT MODEL' 
_refine.solvent_model_param_bsol                 ? 
_refine.solvent_model_param_ksol                 ? 
_refine.ls_R_factor_gt                           ? 
_refine.ls_goodness_of_fit_gt                    ? 
_refine.ls_goodness_of_fit_ref                   ? 
_refine.ls_shift_over_su_max                     ? 
_refine.ls_shift_over_su_max_lt                  ? 
_refine.ls_shift_over_su_mean                    ? 
_refine.ls_shift_over_su_mean_lt                 ? 
_refine.pdbx_ls_sigma_I                          ? 
_refine.pdbx_ls_sigma_F                          1.340 
_refine.pdbx_ls_sigma_Fsqd                       ? 
_refine.pdbx_data_cutoff_high_absF               ? 
_refine.pdbx_data_cutoff_high_rms_absF           ? 
_refine.pdbx_data_cutoff_low_absF                ? 
_refine.pdbx_isotropic_thermal_model             ? 
_refine.pdbx_ls_cross_valid_method               THROUGHOUT 
_refine.pdbx_method_to_determine_struct          'MOLECULAR REPLACEMENT' 
_refine.pdbx_starting_model                      5OOS 
_refine.pdbx_stereochemistry_target_values       ML 
_refine.pdbx_R_Free_selection_details            ? 
_refine.pdbx_stereochem_target_val_spec_case     ? 
_refine.pdbx_overall_ESU_R                       ? 
_refine.pdbx_overall_ESU_R_Free                  ? 
_refine.pdbx_solvent_vdw_probe_radii             1.1100 
_refine.pdbx_solvent_ion_probe_radii             ? 
_refine.pdbx_solvent_shrinkage_radii             0.9000 
_refine.pdbx_real_space_R                        ? 
_refine.pdbx_density_correlation                 ? 
_refine.pdbx_pd_number_of_powder_patterns        ? 
_refine.pdbx_pd_number_of_points                 ? 
_refine.pdbx_pd_meas_number_of_points            ? 
_refine.pdbx_pd_proc_ls_prof_R_factor            ? 
_refine.pdbx_pd_proc_ls_prof_wR_factor           ? 
_refine.pdbx_pd_Marquardt_correlation_coeff      ? 
_refine.pdbx_pd_Fsqrd_R_factor                   ? 
_refine.pdbx_pd_ls_matrix_band_width             ? 
_refine.pdbx_overall_phase_error                 22.8000 
_refine.pdbx_overall_SU_R_free_Cruickshank_DPI   ? 
_refine.pdbx_overall_SU_R_free_Blow_DPI          ? 
_refine.pdbx_overall_SU_R_Blow_DPI               ? 
_refine.pdbx_TLS_residual_ADP_flag               ? 
_refine.pdbx_diffrn_id                           1 
_refine.overall_SU_B                             ? 
_refine.overall_SU_ML                            0.1900 
_refine.overall_SU_R_Cruickshank_DPI             ? 
_refine.overall_SU_R_free                        ? 
_refine.overall_FOM_free_R_set                   ? 
_refine.overall_FOM_work_R_set                   ? 
_refine.pdbx_average_fsc_overall                 ? 
_refine.pdbx_average_fsc_work                    ? 
_refine.pdbx_average_fsc_free                    ? 
# 
_refine_hist.cycle_id                         final 
_refine_hist.pdbx_refine_id                   'X-RAY DIFFRACTION' 
_refine_hist.d_res_high                       2.1040 
_refine_hist.d_res_low                        44.8170 
_refine_hist.pdbx_number_atoms_ligand         0 
_refine_hist.number_atoms_solvent             100 
_refine_hist.number_atoms_total               1339 
_refine_hist.pdbx_number_residues_total       165 
_refine_hist.pdbx_B_iso_mean_solvent          69.49 
_refine_hist.pdbx_number_atoms_protein        1239 
_refine_hist.pdbx_number_atoms_nucleic_acid   0 
# 
loop_
_refine_ls_restr.pdbx_refine_id 
_refine_ls_restr.criterion 
_refine_ls_restr.dev_ideal 
_refine_ls_restr.dev_ideal_target 
_refine_ls_restr.number 
_refine_ls_restr.rejects 
_refine_ls_restr.type 
_refine_ls_restr.weight 
_refine_ls_restr.pdbx_restraint_function 
'X-RAY DIFFRACTION' ? 0.002  ? 1265 ? f_bond_d           ? ? 
'X-RAY DIFFRACTION' ? 0.484  ? 1720 ? f_angle_d          ? ? 
'X-RAY DIFFRACTION' ? 0.035  ? 201  ? f_chiral_restr     ? ? 
'X-RAY DIFFRACTION' ? 0.003  ? 228  ? f_plane_restr      ? ? 
'X-RAY DIFFRACTION' ? 16.572 ? 745  ? f_dihedral_angle_d ? ? 
# 
loop_
_refine_ls_shell.pdbx_refine_id 
_refine_ls_shell.d_res_high 
_refine_ls_shell.d_res_low 
_refine_ls_shell.number_reflns_all 
_refine_ls_shell.number_reflns_obs 
_refine_ls_shell.number_reflns_R_free 
_refine_ls_shell.number_reflns_R_work 
_refine_ls_shell.percent_reflns_obs 
_refine_ls_shell.percent_reflns_R_free 
_refine_ls_shell.R_factor_all 
_refine_ls_shell.R_factor_obs 
_refine_ls_shell.R_factor_R_free 
_refine_ls_shell.R_factor_R_free_error 
_refine_ls_shell.R_factor_R_work 
_refine_ls_shell.redundancy_reflns_all 
_refine_ls_shell.redundancy_reflns_obs 
_refine_ls_shell.wR_factor_all 
_refine_ls_shell.wR_factor_obs 
_refine_ls_shell.wR_factor_R_free 
_refine_ls_shell.wR_factor_R_work 
_refine_ls_shell.pdbx_total_number_of_bins_used 
_refine_ls_shell.pdbx_phase_error 
_refine_ls_shell.pdbx_fsc_work 
_refine_ls_shell.pdbx_fsc_free 
'X-RAY DIFFRACTION' 2.1041 2.2359  2957 . 155 2802 100.0000 . . . 0.2999 0.0000 0.2842 . . . . . . 6 . . . 
'X-RAY DIFFRACTION' 2.2359 2.4086  2959 . 131 2828 100.0000 . . . 0.3092 0.0000 0.2472 . . . . . . 6 . . . 
'X-RAY DIFFRACTION' 2.4086 2.6509  2987 . 171 2816 100.0000 . . . 0.2636 0.0000 0.2299 . . . . . . 6 . . . 
'X-RAY DIFFRACTION' 2.6509 3.0345  3007 . 140 2867 100.0000 . . . 0.2411 0.0000 0.2086 . . . . . . 6 . . . 
'X-RAY DIFFRACTION' 3.0345 3.8228  3050 . 148 2902 100.0000 . . . 0.1939 0.0000 0.2002 . . . . . . 6 . . . 
'X-RAY DIFFRACTION' 3.8228 44.8270 3223 . 163 3060 100.0000 . . . 0.1801 0.0000 0.1530 . . . . . . 6 . . . 
# 
_struct.entry_id                     5OOU 
_struct.title                        
'Designed Ankyrin Repeat Protein (DARPin) YTRL-1 selected by directed evolution against Lysozyme' 
_struct.pdbx_model_details           ? 
_struct.pdbx_formula_weight          ? 
_struct.pdbx_formula_weight_method   ? 
_struct.pdbx_model_type_details      ? 
_struct.pdbx_CASP_flag               N 
# 
_struct_keywords.entry_id        5OOU 
_struct_keywords.text            'DARPin, directed evolution, designed protein, de novo protein' 
_struct_keywords.pdbx_keywords   'DE NOVO PROTEIN' 
# 
loop_
_struct_asym.id 
_struct_asym.pdbx_blank_PDB_chainid_flag 
_struct_asym.pdbx_modified 
_struct_asym.entity_id 
_struct_asym.details 
A N N 1 ? 
B N N 2 ? 
# 
_struct_ref.id                         1 
_struct_ref.db_name                    PDB 
_struct_ref.db_code                    5OOU 
_struct_ref.pdbx_db_accession          5OOU 
_struct_ref.pdbx_db_isoform            ? 
_struct_ref.entity_id                  1 
_struct_ref.pdbx_seq_one_letter_code   ? 
_struct_ref.pdbx_align_begin           1 
# 
_struct_ref_seq.align_id                      1 
_struct_ref_seq.ref_id                        1 
_struct_ref_seq.pdbx_PDB_id_code              5OOU 
_struct_ref_seq.pdbx_strand_id                A 
_struct_ref_seq.seq_align_beg                 1 
_struct_ref_seq.pdbx_seq_align_beg_ins_code   ? 
_struct_ref_seq.seq_align_end                 168 
_struct_ref_seq.pdbx_seq_align_end_ins_code   ? 
_struct_ref_seq.pdbx_db_accession             5OOU 
_struct_ref_seq.db_align_beg                  1 
_struct_ref_seq.pdbx_db_align_beg_ins_code    ? 
_struct_ref_seq.db_align_end                  168 
_struct_ref_seq.pdbx_db_align_end_ins_code    ? 
_struct_ref_seq.pdbx_auth_seq_align_beg       1 
_struct_ref_seq.pdbx_auth_seq_align_end       168 
# 
_pdbx_struct_assembly.id                   1 
_pdbx_struct_assembly.details              author_and_software_defined_assembly 
_pdbx_struct_assembly.method_details       PISA 
_pdbx_struct_assembly.oligomeric_details   monomeric 
_pdbx_struct_assembly.oligomeric_count     1 
# 
loop_
_pdbx_struct_assembly_prop.biol_id 
_pdbx_struct_assembly_prop.type 
_pdbx_struct_assembly_prop.value 
_pdbx_struct_assembly_prop.details 
1 'ABSA (A^2)' 0    ? 
1 MORE         0    ? 
1 'SSA (A^2)'  8090 ? 
# 
_pdbx_struct_assembly_gen.assembly_id       1 
_pdbx_struct_assembly_gen.oper_expression   1 
_pdbx_struct_assembly_gen.asym_id_list      A,B 
# 
_pdbx_struct_assembly_auth_evidence.id                     1 
_pdbx_struct_assembly_auth_evidence.assembly_id            1 
_pdbx_struct_assembly_auth_evidence.experimental_support   'gel filtration' 
_pdbx_struct_assembly_auth_evidence.details                ? 
# 
_pdbx_struct_oper_list.id                   1 
_pdbx_struct_oper_list.type                 'identity operation' 
_pdbx_struct_oper_list.name                 1_555 
_pdbx_struct_oper_list.symmetry_operation   x,y,z 
_pdbx_struct_oper_list.matrix[1][1]         1.0000000000 
_pdbx_struct_oper_list.matrix[1][2]         0.0000000000 
_pdbx_struct_oper_list.matrix[1][3]         0.0000000000 
_pdbx_struct_oper_list.vector[1]            0.0000000000 
_pdbx_struct_oper_list.matrix[2][1]         0.0000000000 
_pdbx_struct_oper_list.matrix[2][2]         1.0000000000 
_pdbx_struct_oper_list.matrix[2][3]         0.0000000000 
_pdbx_struct_oper_list.vector[2]            0.0000000000 
_pdbx_struct_oper_list.matrix[3][1]         0.0000000000 
_pdbx_struct_oper_list.matrix[3][2]         0.0000000000 
_pdbx_struct_oper_list.matrix[3][3]         1.0000000000 
_pdbx_struct_oper_list.vector[3]            0.0000000000 
# 
loop_
_struct_conf.conf_type_id 
_struct_conf.id 
_struct_conf.pdbx_PDB_helix_id 
_struct_conf.beg_label_comp_id 
_struct_conf.beg_label_asym_id 
_struct_conf.beg_label_seq_id 
_struct_conf.pdbx_beg_PDB_ins_code 
_struct_conf.end_label_comp_id 
_struct_conf.end_label_asym_id 
_struct_conf.end_label_seq_id 
_struct_conf.pdbx_end_PDB_ins_code 
_struct_conf.beg_auth_comp_id 
_struct_conf.beg_auth_asym_id 
_struct_conf.beg_auth_seq_id 
_struct_conf.end_auth_comp_id 
_struct_conf.end_auth_asym_id 
_struct_conf.end_auth_seq_id 
_struct_conf.pdbx_PDB_helix_class 
_struct_conf.details 
_struct_conf.pdbx_PDB_helix_length 
HELX_P HELX_P1  AA1 SER A 12  ? GLY A 25  ? SER A 12  GLY A 25  1 ? 14 
HELX_P HELX_P2  AA2 GLN A 26  ? ASN A 36  ? GLN A 26  ASN A 36  1 ? 11 
HELX_P HELX_P3  AA3 THR A 49  ? GLY A 58  ? THR A 49  GLY A 58  1 ? 10 
HELX_P HELX_P4  AA4 HIS A 59  ? ASN A 69  ? HIS A 59  ASN A 69  1 ? 11 
HELX_P HELX_P5  AA5 THR A 82  ? TYR A 90  ? THR A 82  TYR A 90  1 ? 9  
HELX_P HELX_P6  AA6 HIS A 92  ? TYR A 102 ? HIS A 92  TYR A 102 1 ? 11 
HELX_P HELX_P7  AA7 THR A 115 ? LEU A 123 ? THR A 115 LEU A 123 1 ? 9  
HELX_P HELX_P8  AA8 HIS A 125 ? HIS A 135 ? HIS A 125 HIS A 135 1 ? 11 
HELX_P HELX_P9  AA9 THR A 148 ? ASN A 156 ? THR A 148 ASN A 156 1 ? 9  
HELX_P HELX_P10 AB1 ASN A 158 ? LEU A 168 ? ASN A 158 LEU A 168 1 ? 11 
# 
_struct_conf_type.id          HELX_P 
_struct_conf_type.criteria    ? 
_struct_conf_type.reference   ? 
# 
loop_
_pdbx_validate_close_contact.id 
_pdbx_validate_close_contact.PDB_model_num 
_pdbx_validate_close_contact.auth_atom_id_1 
_pdbx_validate_close_contact.auth_asym_id_1 
_pdbx_validate_close_contact.auth_comp_id_1 
_pdbx_validate_close_contact.auth_seq_id_1 
_pdbx_validate_close_contact.PDB_ins_code_1 
_pdbx_validate_close_contact.label_alt_id_1 
_pdbx_validate_close_contact.auth_atom_id_2 
_pdbx_validate_close_contact.auth_asym_id_2 
_pdbx_validate_close_contact.auth_comp_id_2 
_pdbx_validate_close_contact.auth_seq_id_2 
_pdbx_validate_close_contact.PDB_ins_code_2 
_pdbx_validate_close_contact.label_alt_id_2 
_pdbx_validate_close_contact.dist 
1 1 OE2 A GLU 94  ? ? O A HOH 201 ? ? 2.17 
2 1 O   A HOH 201 ? ? O A HOH 224 ? ? 2.17 
# 
loop_
_pdbx_validate_torsion.id 
_pdbx_validate_torsion.PDB_model_num 
_pdbx_validate_torsion.auth_comp_id 
_pdbx_validate_torsion.auth_asym_id 
_pdbx_validate_torsion.auth_seq_id 
_pdbx_validate_torsion.PDB_ins_code 
_pdbx_validate_torsion.label_alt_id 
_pdbx_validate_torsion.phi 
_pdbx_validate_torsion.psi 
1 1 HIS A 7  ? ? -112.57 -93.24  
2 1 HIS A 8  ? ? 57.77   -131.28 
3 1 HIS A 9  ? ? 64.31   -19.60  
4 1 HIS A 10 ? ? -132.68 -58.65  
# 
loop_
_pdbx_unobs_or_zero_occ_residues.id 
_pdbx_unobs_or_zero_occ_residues.PDB_model_num 
_pdbx_unobs_or_zero_occ_residues.polymer_flag 
_pdbx_unobs_or_zero_occ_residues.occupancy_flag 
_pdbx_unobs_or_zero_occ_residues.auth_asym_id 
_pdbx_unobs_or_zero_occ_residues.auth_comp_id 
_pdbx_unobs_or_zero_occ_residues.auth_seq_id 
_pdbx_unobs_or_zero_occ_residues.PDB_ins_code 
_pdbx_unobs_or_zero_occ_residues.label_asym_id 
_pdbx_unobs_or_zero_occ_residues.label_comp_id 
_pdbx_unobs_or_zero_occ_residues.label_seq_id 
1 1 Y 1 A MET 1 ? A MET 1 
2 1 Y 1 A ARG 2 ? A ARG 2 
3 1 Y 1 A GLY 3 ? A GLY 3 
# 
loop_
_chem_comp_atom.comp_id 
_chem_comp_atom.atom_id 
_chem_comp_atom.type_symbol 
_chem_comp_atom.pdbx_aromatic_flag 
_chem_comp_atom.pdbx_stereo_config 
_chem_comp_atom.pdbx_ordinal 
ALA N    N N N 1   
ALA CA   C N S 2   
ALA C    C N N 3   
ALA O    O N N 4   
ALA CB   C N N 5   
ALA OXT  O N N 6   
ALA H    H N N 7   
ALA H2   H N N 8   
ALA HA   H N N 9   
ALA HB1  H N N 10  
ALA HB2  H N N 11  
ALA HB3  H N N 12  
ALA HXT  H N N 13  
ARG N    N N N 14  
ARG CA   C N S 15  
ARG C    C N N 16  
ARG O    O N N 17  
ARG CB   C N N 18  
ARG CG   C N N 19  
ARG CD   C N N 20  
ARG NE   N N N 21  
ARG CZ   C N N 22  
ARG NH1  N N N 23  
ARG NH2  N N N 24  
ARG OXT  O N N 25  
ARG H    H N N 26  
ARG H2   H N N 27  
ARG HA   H N N 28  
ARG HB2  H N N 29  
ARG HB3  H N N 30  
ARG HG2  H N N 31  
ARG HG3  H N N 32  
ARG HD2  H N N 33  
ARG HD3  H N N 34  
ARG HE   H N N 35  
ARG HH11 H N N 36  
ARG HH12 H N N 37  
ARG HH21 H N N 38  
ARG HH22 H N N 39  
ARG HXT  H N N 40  
ASN N    N N N 41  
ASN CA   C N S 42  
ASN C    C N N 43  
ASN O    O N N 44  
ASN CB   C N N 45  
ASN CG   C N N 46  
ASN OD1  O N N 47  
ASN ND2  N N N 48  
ASN OXT  O N N 49  
ASN H    H N N 50  
ASN H2   H N N 51  
ASN HA   H N N 52  
ASN HB2  H N N 53  
ASN HB3  H N N 54  
ASN HD21 H N N 55  
ASN HD22 H N N 56  
ASN HXT  H N N 57  
ASP N    N N N 58  
ASP CA   C N S 59  
ASP C    C N N 60  
ASP O    O N N 61  
ASP CB   C N N 62  
ASP CG   C N N 63  
ASP OD1  O N N 64  
ASP OD2  O N N 65  
ASP OXT  O N N 66  
ASP H    H N N 67  
ASP H2   H N N 68  
ASP HA   H N N 69  
ASP HB2  H N N 70  
ASP HB3  H N N 71  
ASP HD2  H N N 72  
ASP HXT  H N N 73  
GLN N    N N N 74  
GLN CA   C N S 75  
GLN C    C N N 76  
GLN O    O N N 77  
GLN CB   C N N 78  
GLN CG   C N N 79  
GLN CD   C N N 80  
GLN OE1  O N N 81  
GLN NE2  N N N 82  
GLN OXT  O N N 83  
GLN H    H N N 84  
GLN H2   H N N 85  
GLN HA   H N N 86  
GLN HB2  H N N 87  
GLN HB3  H N N 88  
GLN HG2  H N N 89  
GLN HG3  H N N 90  
GLN HE21 H N N 91  
GLN HE22 H N N 92  
GLN HXT  H N N 93  
GLU N    N N N 94  
GLU CA   C N S 95  
GLU C    C N N 96  
GLU O    O N N 97  
GLU CB   C N N 98  
GLU CG   C N N 99  
GLU CD   C N N 100 
GLU OE1  O N N 101 
GLU OE2  O N N 102 
GLU OXT  O N N 103 
GLU H    H N N 104 
GLU H2   H N N 105 
GLU HA   H N N 106 
GLU HB2  H N N 107 
GLU HB3  H N N 108 
GLU HG2  H N N 109 
GLU HG3  H N N 110 
GLU HE2  H N N 111 
GLU HXT  H N N 112 
GLY N    N N N 113 
GLY CA   C N N 114 
GLY C    C N N 115 
GLY O    O N N 116 
GLY OXT  O N N 117 
GLY H    H N N 118 
GLY H2   H N N 119 
GLY HA2  H N N 120 
GLY HA3  H N N 121 
GLY HXT  H N N 122 
HIS N    N N N 123 
HIS CA   C N S 124 
HIS C    C N N 125 
HIS O    O N N 126 
HIS CB   C N N 127 
HIS CG   C Y N 128 
HIS ND1  N Y N 129 
HIS CD2  C Y N 130 
HIS CE1  C Y N 131 
HIS NE2  N Y N 132 
HIS OXT  O N N 133 
HIS H    H N N 134 
HIS H2   H N N 135 
HIS HA   H N N 136 
HIS HB2  H N N 137 
HIS HB3  H N N 138 
HIS HD1  H N N 139 
HIS HD2  H N N 140 
HIS HE1  H N N 141 
HIS HE2  H N N 142 
HIS HXT  H N N 143 
HOH O    O N N 144 
HOH H1   H N N 145 
HOH H2   H N N 146 
ILE N    N N N 147 
ILE CA   C N S 148 
ILE C    C N N 149 
ILE O    O N N 150 
ILE CB   C N S 151 
ILE CG1  C N N 152 
ILE CG2  C N N 153 
ILE CD1  C N N 154 
ILE OXT  O N N 155 
ILE H    H N N 156 
ILE H2   H N N 157 
ILE HA   H N N 158 
ILE HB   H N N 159 
ILE HG12 H N N 160 
ILE HG13 H N N 161 
ILE HG21 H N N 162 
ILE HG22 H N N 163 
ILE HG23 H N N 164 
ILE HD11 H N N 165 
ILE HD12 H N N 166 
ILE HD13 H N N 167 
ILE HXT  H N N 168 
LEU N    N N N 169 
LEU CA   C N S 170 
LEU C    C N N 171 
LEU O    O N N 172 
LEU CB   C N N 173 
LEU CG   C N N 174 
LEU CD1  C N N 175 
LEU CD2  C N N 176 
LEU OXT  O N N 177 
LEU H    H N N 178 
LEU H2   H N N 179 
LEU HA   H N N 180 
LEU HB2  H N N 181 
LEU HB3  H N N 182 
LEU HG   H N N 183 
LEU HD11 H N N 184 
LEU HD12 H N N 185 
LEU HD13 H N N 186 
LEU HD21 H N N 187 
LEU HD22 H N N 188 
LEU HD23 H N N 189 
LEU HXT  H N N 190 
LYS N    N N N 191 
LYS CA   C N S 192 
LYS C    C N N 193 
LYS O    O N N 194 
LYS CB   C N N 195 
LYS CG   C N N 196 
LYS CD   C N N 197 
LYS CE   C N N 198 
LYS NZ   N N N 199 
LYS OXT  O N N 200 
LYS H    H N N 201 
LYS H2   H N N 202 
LYS HA   H N N 203 
LYS HB2  H N N 204 
LYS HB3  H N N 205 
LYS HG2  H N N 206 
LYS HG3  H N N 207 
LYS HD2  H N N 208 
LYS HD3  H N N 209 
LYS HE2  H N N 210 
LYS HE3  H N N 211 
LYS HZ1  H N N 212 
LYS HZ2  H N N 213 
LYS HZ3  H N N 214 
LYS HXT  H N N 215 
MET N    N N N 216 
MET CA   C N S 217 
MET C    C N N 218 
MET O    O N N 219 
MET CB   C N N 220 
MET CG   C N N 221 
MET SD   S N N 222 
MET CE   C N N 223 
MET OXT  O N N 224 
MET H    H N N 225 
MET H2   H N N 226 
MET HA   H N N 227 
MET HB2  H N N 228 
MET HB3  H N N 229 
MET HG2  H N N 230 
MET HG3  H N N 231 
MET HE1  H N N 232 
MET HE2  H N N 233 
MET HE3  H N N 234 
MET HXT  H N N 235 
PHE N    N N N 236 
PHE CA   C N S 237 
PHE C    C N N 238 
PHE O    O N N 239 
PHE CB   C N N 240 
PHE CG   C Y N 241 
PHE CD1  C Y N 242 
PHE CD2  C Y N 243 
PHE CE1  C Y N 244 
PHE CE2  C Y N 245 
PHE CZ   C Y N 246 
PHE OXT  O N N 247 
PHE H    H N N 248 
PHE H2   H N N 249 
PHE HA   H N N 250 
PHE HB2  H N N 251 
PHE HB3  H N N 252 
PHE HD1  H N N 253 
PHE HD2  H N N 254 
PHE HE1  H N N 255 
PHE HE2  H N N 256 
PHE HZ   H N N 257 
PHE HXT  H N N 258 
PRO N    N N N 259 
PRO CA   C N S 260 
PRO C    C N N 261 
PRO O    O N N 262 
PRO CB   C N N 263 
PRO CG   C N N 264 
PRO CD   C N N 265 
PRO OXT  O N N 266 
PRO H    H N N 267 
PRO HA   H N N 268 
PRO HB2  H N N 269 
PRO HB3  H N N 270 
PRO HG2  H N N 271 
PRO HG3  H N N 272 
PRO HD2  H N N 273 
PRO HD3  H N N 274 
PRO HXT  H N N 275 
SER N    N N N 276 
SER CA   C N S 277 
SER C    C N N 278 
SER O    O N N 279 
SER CB   C N N 280 
SER OG   O N N 281 
SER OXT  O N N 282 
SER H    H N N 283 
SER H2   H N N 284 
SER HA   H N N 285 
SER HB2  H N N 286 
SER HB3  H N N 287 
SER HG   H N N 288 
SER HXT  H N N 289 
THR N    N N N 290 
THR CA   C N S 291 
THR C    C N N 292 
THR O    O N N 293 
THR CB   C N R 294 
THR OG1  O N N 295 
THR CG2  C N N 296 
THR OXT  O N N 297 
THR H    H N N 298 
THR H2   H N N 299 
THR HA   H N N 300 
THR HB   H N N 301 
THR HG1  H N N 302 
THR HG21 H N N 303 
THR HG22 H N N 304 
THR HG23 H N N 305 
THR HXT  H N N 306 
TYR N    N N N 307 
TYR CA   C N S 308 
TYR C    C N N 309 
TYR O    O N N 310 
TYR CB   C N N 311 
TYR CG   C Y N 312 
TYR CD1  C Y N 313 
TYR CD2  C Y N 314 
TYR CE1  C Y N 315 
TYR CE2  C Y N 316 
TYR CZ   C Y N 317 
TYR OH   O N N 318 
TYR OXT  O N N 319 
TYR H    H N N 320 
TYR H2   H N N 321 
TYR HA   H N N 322 
TYR HB2  H N N 323 
TYR HB3  H N N 324 
TYR HD1  H N N 325 
TYR HD2  H N N 326 
TYR HE1  H N N 327 
TYR HE2  H N N 328 
TYR HH   H N N 329 
TYR HXT  H N N 330 
VAL N    N N N 331 
VAL CA   C N S 332 
VAL C    C N N 333 
VAL O    O N N 334 
VAL CB   C N N 335 
VAL CG1  C N N 336 
VAL CG2  C N N 337 
VAL OXT  O N N 338 
VAL H    H N N 339 
VAL H2   H N N 340 
VAL HA   H N N 341 
VAL HB   H N N 342 
VAL HG11 H N N 343 
VAL HG12 H N N 344 
VAL HG13 H N N 345 
VAL HG21 H N N 346 
VAL HG22 H N N 347 
VAL HG23 H N N 348 
VAL HXT  H N N 349 
# 
loop_
_chem_comp_bond.comp_id 
_chem_comp_bond.atom_id_1 
_chem_comp_bond.atom_id_2 
_chem_comp_bond.value_order 
_chem_comp_bond.pdbx_aromatic_flag 
_chem_comp_bond.pdbx_stereo_config 
_chem_comp_bond.pdbx_ordinal 
ALA N   CA   sing N N 1   
ALA N   H    sing N N 2   
ALA N   H2   sing N N 3   
ALA CA  C    sing N N 4   
ALA CA  CB   sing N N 5   
ALA CA  HA   sing N N 6   
ALA C   O    doub N N 7   
ALA C   OXT  sing N N 8   
ALA CB  HB1  sing N N 9   
ALA CB  HB2  sing N N 10  
ALA CB  HB3  sing N N 11  
ALA OXT HXT  sing N N 12  
ARG N   CA   sing N N 13  
ARG N   H    sing N N 14  
ARG N   H2   sing N N 15  
ARG CA  C    sing N N 16  
ARG CA  CB   sing N N 17  
ARG CA  HA   sing N N 18  
ARG C   O    doub N N 19  
ARG C   OXT  sing N N 20  
ARG CB  CG   sing N N 21  
ARG CB  HB2  sing N N 22  
ARG CB  HB3  sing N N 23  
ARG CG  CD   sing N N 24  
ARG CG  HG2  sing N N 25  
ARG CG  HG3  sing N N 26  
ARG CD  NE   sing N N 27  
ARG CD  HD2  sing N N 28  
ARG CD  HD3  sing N N 29  
ARG NE  CZ   sing N N 30  
ARG NE  HE   sing N N 31  
ARG CZ  NH1  sing N N 32  
ARG CZ  NH2  doub N N 33  
ARG NH1 HH11 sing N N 34  
ARG NH1 HH12 sing N N 35  
ARG NH2 HH21 sing N N 36  
ARG NH2 HH22 sing N N 37  
ARG OXT HXT  sing N N 38  
ASN N   CA   sing N N 39  
ASN N   H    sing N N 40  
ASN N   H2   sing N N 41  
ASN CA  C    sing N N 42  
ASN CA  CB   sing N N 43  
ASN CA  HA   sing N N 44  
ASN C   O    doub N N 45  
ASN C   OXT  sing N N 46  
ASN CB  CG   sing N N 47  
ASN CB  HB2  sing N N 48  
ASN CB  HB3  sing N N 49  
ASN CG  OD1  doub N N 50  
ASN CG  ND2  sing N N 51  
ASN ND2 HD21 sing N N 52  
ASN ND2 HD22 sing N N 53  
ASN OXT HXT  sing N N 54  
ASP N   CA   sing N N 55  
ASP N   H    sing N N 56  
ASP N   H2   sing N N 57  
ASP CA  C    sing N N 58  
ASP CA  CB   sing N N 59  
ASP CA  HA   sing N N 60  
ASP C   O    doub N N 61  
ASP C   OXT  sing N N 62  
ASP CB  CG   sing N N 63  
ASP CB  HB2  sing N N 64  
ASP CB  HB3  sing N N 65  
ASP CG  OD1  doub N N 66  
ASP CG  OD2  sing N N 67  
ASP OD2 HD2  sing N N 68  
ASP OXT HXT  sing N N 69  
GLN N   CA   sing N N 70  
GLN N   H    sing N N 71  
GLN N   H2   sing N N 72  
GLN CA  C    sing N N 73  
GLN CA  CB   sing N N 74  
GLN CA  HA   sing N N 75  
GLN C   O    doub N N 76  
GLN C   OXT  sing N N 77  
GLN CB  CG   sing N N 78  
GLN CB  HB2  sing N N 79  
GLN CB  HB3  sing N N 80  
GLN CG  CD   sing N N 81  
GLN CG  HG2  sing N N 82  
GLN CG  HG3  sing N N 83  
GLN CD  OE1  doub N N 84  
GLN CD  NE2  sing N N 85  
GLN NE2 HE21 sing N N 86  
GLN NE2 HE22 sing N N 87  
GLN OXT HXT  sing N N 88  
GLU N   CA   sing N N 89  
GLU N   H    sing N N 90  
GLU N   H2   sing N N 91  
GLU CA  C    sing N N 92  
GLU CA  CB   sing N N 93  
GLU CA  HA   sing N N 94  
GLU C   O    doub N N 95  
GLU C   OXT  sing N N 96  
GLU CB  CG   sing N N 97  
GLU CB  HB2  sing N N 98  
GLU CB  HB3  sing N N 99  
GLU CG  CD   sing N N 100 
GLU CG  HG2  sing N N 101 
GLU CG  HG3  sing N N 102 
GLU CD  OE1  doub N N 103 
GLU CD  OE2  sing N N 104 
GLU OE2 HE2  sing N N 105 
GLU OXT HXT  sing N N 106 
GLY N   CA   sing N N 107 
GLY N   H    sing N N 108 
GLY N   H2   sing N N 109 
GLY CA  C    sing N N 110 
GLY CA  HA2  sing N N 111 
GLY CA  HA3  sing N N 112 
GLY C   O    doub N N 113 
GLY C   OXT  sing N N 114 
GLY OXT HXT  sing N N 115 
HIS N   CA   sing N N 116 
HIS N   H    sing N N 117 
HIS N   H2   sing N N 118 
HIS CA  C    sing N N 119 
HIS CA  CB   sing N N 120 
HIS CA  HA   sing N N 121 
HIS C   O    doub N N 122 
HIS C   OXT  sing N N 123 
HIS CB  CG   sing N N 124 
HIS CB  HB2  sing N N 125 
HIS CB  HB3  sing N N 126 
HIS CG  ND1  sing Y N 127 
HIS CG  CD2  doub Y N 128 
HIS ND1 CE1  doub Y N 129 
HIS ND1 HD1  sing N N 130 
HIS CD2 NE2  sing Y N 131 
HIS CD2 HD2  sing N N 132 
HIS CE1 NE2  sing Y N 133 
HIS CE1 HE1  sing N N 134 
HIS NE2 HE2  sing N N 135 
HIS OXT HXT  sing N N 136 
HOH O   H1   sing N N 137 
HOH O   H2   sing N N 138 
ILE N   CA   sing N N 139 
ILE N   H    sing N N 140 
ILE N   H2   sing N N 141 
ILE CA  C    sing N N 142 
ILE CA  CB   sing N N 143 
ILE CA  HA   sing N N 144 
ILE C   O    doub N N 145 
ILE C   OXT  sing N N 146 
ILE CB  CG1  sing N N 147 
ILE CB  CG2  sing N N 148 
ILE CB  HB   sing N N 149 
ILE CG1 CD1  sing N N 150 
ILE CG1 HG12 sing N N 151 
ILE CG1 HG13 sing N N 152 
ILE CG2 HG21 sing N N 153 
ILE CG2 HG22 sing N N 154 
ILE CG2 HG23 sing N N 155 
ILE CD1 HD11 sing N N 156 
ILE CD1 HD12 sing N N 157 
ILE CD1 HD13 sing N N 158 
ILE OXT HXT  sing N N 159 
LEU N   CA   sing N N 160 
LEU N   H    sing N N 161 
LEU N   H2   sing N N 162 
LEU CA  C    sing N N 163 
LEU CA  CB   sing N N 164 
LEU CA  HA   sing N N 165 
LEU C   O    doub N N 166 
LEU C   OXT  sing N N 167 
LEU CB  CG   sing N N 168 
LEU CB  HB2  sing N N 169 
LEU CB  HB3  sing N N 170 
LEU CG  CD1  sing N N 171 
LEU CG  CD2  sing N N 172 
LEU CG  HG   sing N N 173 
LEU CD1 HD11 sing N N 174 
LEU CD1 HD12 sing N N 175 
LEU CD1 HD13 sing N N 176 
LEU CD2 HD21 sing N N 177 
LEU CD2 HD22 sing N N 178 
LEU CD2 HD23 sing N N 179 
LEU OXT HXT  sing N N 180 
LYS N   CA   sing N N 181 
LYS N   H    sing N N 182 
LYS N   H2   sing N N 183 
LYS CA  C    sing N N 184 
LYS CA  CB   sing N N 185 
LYS CA  HA   sing N N 186 
LYS C   O    doub N N 187 
LYS C   OXT  sing N N 188 
LYS CB  CG   sing N N 189 
LYS CB  HB2  sing N N 190 
LYS CB  HB3  sing N N 191 
LYS CG  CD   sing N N 192 
LYS CG  HG2  sing N N 193 
LYS CG  HG3  sing N N 194 
LYS CD  CE   sing N N 195 
LYS CD  HD2  sing N N 196 
LYS CD  HD3  sing N N 197 
LYS CE  NZ   sing N N 198 
LYS CE  HE2  sing N N 199 
LYS CE  HE3  sing N N 200 
LYS NZ  HZ1  sing N N 201 
LYS NZ  HZ2  sing N N 202 
LYS NZ  HZ3  sing N N 203 
LYS OXT HXT  sing N N 204 
MET N   CA   sing N N 205 
MET N   H    sing N N 206 
MET N   H2   sing N N 207 
MET CA  C    sing N N 208 
MET CA  CB   sing N N 209 
MET CA  HA   sing N N 210 
MET C   O    doub N N 211 
MET C   OXT  sing N N 212 
MET CB  CG   sing N N 213 
MET CB  HB2  sing N N 214 
MET CB  HB3  sing N N 215 
MET CG  SD   sing N N 216 
MET CG  HG2  sing N N 217 
MET CG  HG3  sing N N 218 
MET SD  CE   sing N N 219 
MET CE  HE1  sing N N 220 
MET CE  HE2  sing N N 221 
MET CE  HE3  sing N N 222 
MET OXT HXT  sing N N 223 
PHE N   CA   sing N N 224 
PHE N   H    sing N N 225 
PHE N   H2   sing N N 226 
PHE CA  C    sing N N 227 
PHE CA  CB   sing N N 228 
PHE CA  HA   sing N N 229 
PHE C   O    doub N N 230 
PHE C   OXT  sing N N 231 
PHE CB  CG   sing N N 232 
PHE CB  HB2  sing N N 233 
PHE CB  HB3  sing N N 234 
PHE CG  CD1  doub Y N 235 
PHE CG  CD2  sing Y N 236 
PHE CD1 CE1  sing Y N 237 
PHE CD1 HD1  sing N N 238 
PHE CD2 CE2  doub Y N 239 
PHE CD2 HD2  sing N N 240 
PHE CE1 CZ   doub Y N 241 
PHE CE1 HE1  sing N N 242 
PHE CE2 CZ   sing Y N 243 
PHE CE2 HE2  sing N N 244 
PHE CZ  HZ   sing N N 245 
PHE OXT HXT  sing N N 246 
PRO N   CA   sing N N 247 
PRO N   CD   sing N N 248 
PRO N   H    sing N N 249 
PRO CA  C    sing N N 250 
PRO CA  CB   sing N N 251 
PRO CA  HA   sing N N 252 
PRO C   O    doub N N 253 
PRO C   OXT  sing N N 254 
PRO CB  CG   sing N N 255 
PRO CB  HB2  sing N N 256 
PRO CB  HB3  sing N N 257 
PRO CG  CD   sing N N 258 
PRO CG  HG2  sing N N 259 
PRO CG  HG3  sing N N 260 
PRO CD  HD2  sing N N 261 
PRO CD  HD3  sing N N 262 
PRO OXT HXT  sing N N 263 
SER N   CA   sing N N 264 
SER N   H    sing N N 265 
SER N   H2   sing N N 266 
SER CA  C    sing N N 267 
SER CA  CB   sing N N 268 
SER CA  HA   sing N N 269 
SER C   O    doub N N 270 
SER C   OXT  sing N N 271 
SER CB  OG   sing N N 272 
SER CB  HB2  sing N N 273 
SER CB  HB3  sing N N 274 
SER OG  HG   sing N N 275 
SER OXT HXT  sing N N 276 
THR N   CA   sing N N 277 
THR N   H    sing N N 278 
THR N   H2   sing N N 279 
THR CA  C    sing N N 280 
THR CA  CB   sing N N 281 
THR CA  HA   sing N N 282 
THR C   O    doub N N 283 
THR C   OXT  sing N N 284 
THR CB  OG1  sing N N 285 
THR CB  CG2  sing N N 286 
THR CB  HB   sing N N 287 
THR OG1 HG1  sing N N 288 
THR CG2 HG21 sing N N 289 
THR CG2 HG22 sing N N 290 
THR CG2 HG23 sing N N 291 
THR OXT HXT  sing N N 292 
TYR N   CA   sing N N 293 
TYR N   H    sing N N 294 
TYR N   H2   sing N N 295 
TYR CA  C    sing N N 296 
TYR CA  CB   sing N N 297 
TYR CA  HA   sing N N 298 
TYR C   O    doub N N 299 
TYR C   OXT  sing N N 300 
TYR CB  CG   sing N N 301 
TYR CB  HB2  sing N N 302 
TYR CB  HB3  sing N N 303 
TYR CG  CD1  doub Y N 304 
TYR CG  CD2  sing Y N 305 
TYR CD1 CE1  sing Y N 306 
TYR CD1 HD1  sing N N 307 
TYR CD2 CE2  doub Y N 308 
TYR CD2 HD2  sing N N 309 
TYR CE1 CZ   doub Y N 310 
TYR CE1 HE1  sing N N 311 
TYR CE2 CZ   sing Y N 312 
TYR CE2 HE2  sing N N 313 
TYR CZ  OH   sing N N 314 
TYR OH  HH   sing N N 315 
TYR OXT HXT  sing N N 316 
VAL N   CA   sing N N 317 
VAL N   H    sing N N 318 
VAL N   H2   sing N N 319 
VAL CA  C    sing N N 320 
VAL CA  CB   sing N N 321 
VAL CA  HA   sing N N 322 
VAL C   O    doub N N 323 
VAL C   OXT  sing N N 324 
VAL CB  CG1  sing N N 325 
VAL CB  CG2  sing N N 326 
VAL CB  HB   sing N N 327 
VAL CG1 HG11 sing N N 328 
VAL CG1 HG12 sing N N 329 
VAL CG1 HG13 sing N N 330 
VAL CG2 HG21 sing N N 331 
VAL CG2 HG22 sing N N 332 
VAL CG2 HG23 sing N N 333 
VAL OXT HXT  sing N N 334 
# 
_pdbx_initial_refinement_model.id               1 
_pdbx_initial_refinement_model.entity_id_list   ? 
_pdbx_initial_refinement_model.type             'experimental model' 
_pdbx_initial_refinement_model.source_name      PDB 
_pdbx_initial_refinement_model.accession_code   5OOS 
_pdbx_initial_refinement_model.details          ? 
# 
_atom_sites.entry_id                    5OOU 
_atom_sites.fract_transf_matrix[1][1]   0.00054493 
_atom_sites.fract_transf_matrix[1][2]   0.00419664 
_atom_sites.fract_transf_matrix[1][3]   0.01032277 
_atom_sites.fract_transf_matrix[2][1]   -0.00573715 
_atom_sites.fract_transf_matrix[2][2]   0.00921276 
_atom_sites.fract_transf_matrix[2][3]   0.00258626 
_atom_sites.fract_transf_matrix[3][1]   -0.00813021 
_atom_sites.fract_transf_matrix[3][2]   -0.00585127 
_atom_sites.fract_transf_matrix[3][3]   0.00280797 
_atom_sites.fract_transf_vector[1]      0.423150 
_atom_sites.fract_transf_vector[2]      0.290939 
_atom_sites.fract_transf_vector[3]      0.113464 
# 
loop_
_atom_type.symbol 
C 
N 
O 
S 
# 
loop_
_atom_site.group_PDB 
_atom_site.id 
_atom_site.type_symbol 
_atom_site.label_atom_id 
_atom_site.label_alt_id 
_atom_site.label_comp_id 
_atom_site.label_asym_id 
_atom_site.label_entity_id 
_atom_site.label_seq_id 
_atom_site.pdbx_PDB_ins_code 
_atom_site.Cartn_x 
_atom_site.Cartn_y 
_atom_site.Cartn_z 
_atom_site.occupancy 
_atom_site.B_iso_or_equiv 
_atom_site.pdbx_formal_charge 
_atom_site.auth_seq_id 
_atom_site.auth_comp_id 
_atom_site.auth_asym_id 
_atom_site.auth_atom_id 
_atom_site.pdbx_PDB_model_num 
ATOM   1    N N   . SER A 1 4   ? 13.560  -11.765 -2.706  1.00 135.01 ? 4   SER A N   1 
ATOM   2    C CA  . SER A 1 4   ? 12.990  -10.446 -2.952  1.00 137.34 ? 4   SER A CA  1 
ATOM   3    C C   . SER A 1 4   ? 11.791  -10.193 -2.046  1.00 143.16 ? 4   SER A C   1 
ATOM   4    O O   . SER A 1 4   ? 11.695  -10.755 -0.954  1.00 137.13 ? 4   SER A O   1 
ATOM   5    C CB  . SER A 1 4   ? 12.579  -10.305 -4.419  1.00 123.36 ? 4   SER A CB  1 
ATOM   6    N N   . HIS A 1 5   ? 10.865  -9.363  -2.513  1.00 147.03 ? 5   HIS A N   1 
ATOM   7    C CA  . HIS A 1 5   ? 9.674   -9.039  -1.740  1.00 128.48 ? 5   HIS A CA  1 
ATOM   8    C C   . HIS A 1 5   ? 8.479   -9.912  -2.117  1.00 122.55 ? 5   HIS A C   1 
ATOM   9    O O   . HIS A 1 5   ? 7.330   -9.537  -1.905  1.00 101.61 ? 5   HIS A O   1 
ATOM   10   C CB  . HIS A 1 5   ? 9.338   -7.557  -1.877  1.00 112.32 ? 5   HIS A CB  1 
ATOM   11   C CG  . HIS A 1 5   ? 10.415  -6.648  -1.374  1.00 109.36 ? 5   HIS A CG  1 
ATOM   12   N ND1 . HIS A 1 5   ? 10.730  -6.539  -0.037  1.00 104.25 ? 5   HIS A ND1 1 
ATOM   13   C CD2 . HIS A 1 5   ? 11.239  -5.794  -2.025  1.00 106.14 ? 5   HIS A CD2 1 
ATOM   14   C CE1 . HIS A 1 5   ? 11.707  -5.664  0.113   1.00 103.01 ? 5   HIS A CE1 1 
ATOM   15   N NE2 . HIS A 1 5   ? 12.034  -5.196  -1.078  1.00 113.07 ? 5   HIS A NE2 1 
ATOM   16   N N   . HIS A 1 6   ? 8.773   -11.081 -2.679  1.00 142.08 ? 6   HIS A N   1 
ATOM   17   C CA  . HIS A 1 6   ? 7.764   -12.055 -3.068  1.00 131.63 ? 6   HIS A CA  1 
ATOM   18   C C   . HIS A 1 6   ? 8.019   -13.287 -2.213  1.00 136.96 ? 6   HIS A C   1 
ATOM   19   O O   . HIS A 1 6   ? 9.161   -13.719 -2.082  1.00 139.17 ? 6   HIS A O   1 
ATOM   20   C CB  . HIS A 1 6   ? 7.888   -12.412 -4.547  1.00 128.03 ? 6   HIS A CB  1 
ATOM   21   C CG  . HIS A 1 6   ? 7.575   -11.278 -5.473  1.00 130.67 ? 6   HIS A CG  1 
ATOM   22   N ND1 . HIS A 1 6   ? 8.514   -10.343 -5.849  1.00 127.99 ? 6   HIS A ND1 1 
ATOM   23   C CD2 . HIS A 1 6   ? 6.430   -10.939 -6.111  1.00 113.09 ? 6   HIS A CD2 1 
ATOM   24   C CE1 . HIS A 1 6   ? 7.960   -9.473  -6.673  1.00 117.52 ? 6   HIS A CE1 1 
ATOM   25   N NE2 . HIS A 1 6   ? 6.696   -9.812  -6.849  1.00 118.32 ? 6   HIS A NE2 1 
ATOM   26   N N   . HIS A 1 7   ? 6.970   -13.848 -1.620  1.00 138.33 ? 7   HIS A N   1 
ATOM   27   C CA  . HIS A 1 7   ? 7.146   -15.006 -0.747  1.00 148.63 ? 7   HIS A CA  1 
ATOM   28   C C   . HIS A 1 7   ? 6.543   -16.309 -1.286  1.00 153.24 ? 7   HIS A C   1 
ATOM   29   O O   . HIS A 1 7   ? 7.201   -17.045 -2.023  1.00 148.51 ? 7   HIS A O   1 
ATOM   30   C CB  . HIS A 1 7   ? 6.585   -14.669 0.636   1.00 138.22 ? 7   HIS A CB  1 
ATOM   31   C CG  . HIS A 1 7   ? 6.975   -13.305 1.121   1.00 129.18 ? 7   HIS A CG  1 
ATOM   32   N ND1 . HIS A 1 7   ? 6.349   -12.155 0.690   1.00 119.32 ? 7   HIS A ND1 1 
ATOM   33   C CD2 . HIS A 1 7   ? 7.937   -12.906 1.987   1.00 118.16 ? 7   HIS A CD2 1 
ATOM   34   C CE1 . HIS A 1 7   ? 6.904   -11.109 1.274   1.00 108.31 ? 7   HIS A CE1 1 
ATOM   35   N NE2 . HIS A 1 7   ? 7.869   -11.536 2.066   1.00 108.99 ? 7   HIS A NE2 1 
ATOM   36   N N   . HIS A 1 8   ? 5.304   -16.588 -0.897  1.00 154.89 ? 8   HIS A N   1 
ATOM   37   C CA  . HIS A 1 8   ? 4.556   -17.774 -1.342  1.00 152.04 ? 8   HIS A CA  1 
ATOM   38   C C   . HIS A 1 8   ? 5.182   -19.149 -1.064  1.00 159.69 ? 8   HIS A C   1 
ATOM   39   O O   . HIS A 1 8   ? 5.566   -19.446 0.069   1.00 155.08 ? 8   HIS A O   1 
ATOM   40   C CB  . HIS A 1 8   ? 4.141   -17.624 -2.821  1.00 139.83 ? 8   HIS A CB  1 
ATOM   41   N N   . HIS A 1 9   ? 5.216   -19.979 -2.107  1.00 163.71 ? 9   HIS A N   1 
ATOM   42   C CA  . HIS A 1 9   ? 5.777   -21.330 -2.110  1.00 155.60 ? 9   HIS A CA  1 
ATOM   43   C C   . HIS A 1 9   ? 5.137   -22.413 -1.235  1.00 154.11 ? 9   HIS A C   1 
ATOM   44   O O   . HIS A 1 9   ? 5.348   -23.596 -1.519  1.00 150.90 ? 9   HIS A O   1 
ATOM   45   C CB  . HIS A 1 9   ? 7.296   -21.308 -1.898  1.00 140.77 ? 9   HIS A CB  1 
ATOM   46   C CG  . HIS A 1 9   ? 7.879   -22.651 -1.586  1.00 144.80 ? 9   HIS A CG  1 
ATOM   47   N ND1 . HIS A 1 9   ? 8.496   -22.934 -0.387  1.00 140.67 ? 9   HIS A ND1 1 
ATOM   48   C CD2 . HIS A 1 9   ? 7.925   -23.793 -2.312  1.00 142.84 ? 9   HIS A CD2 1 
ATOM   49   C CE1 . HIS A 1 9   ? 8.905   -24.190 -0.390  1.00 135.40 ? 9   HIS A CE1 1 
ATOM   50   N NE2 . HIS A 1 9   ? 8.570   -24.734 -1.546  1.00 141.84 ? 9   HIS A NE2 1 
ATOM   51   N N   . HIS A 1 10  ? 4.359   -22.056 -0.208  1.00 145.30 ? 10  HIS A N   1 
ATOM   52   C CA  . HIS A 1 10  ? 3.801   -23.110 0.624   1.00 125.56 ? 10  HIS A CA  1 
ATOM   53   C C   . HIS A 1 10  ? 2.315   -22.913 0.877   1.00 119.41 ? 10  HIS A C   1 
ATOM   54   O O   . HIS A 1 10  ? 1.510   -23.777 0.539   1.00 115.57 ? 10  HIS A O   1 
ATOM   55   C CB  . HIS A 1 10  ? 4.539   -23.172 1.960   1.00 113.39 ? 10  HIS A CB  1 
ATOM   56   N N   . GLY A 1 11  ? 1.945   -21.781 1.466   1.00 113.59 ? 11  GLY A N   1 
ATOM   57   C CA  . GLY A 1 11  ? 0.532   -21.547 1.743   1.00 105.13 ? 11  GLY A CA  1 
ATOM   58   C C   . GLY A 1 11  ? -0.241  -22.279 2.842   1.00 93.04  ? 11  GLY A C   1 
ATOM   59   O O   . GLY A 1 11  ? -1.300  -22.826 2.559   1.00 90.14  ? 11  GLY A O   1 
ATOM   60   N N   . SER A 1 12  ? 0.263   -22.314 4.075   1.00 85.30  ? 12  SER A N   1 
ATOM   61   C CA  . SER A 1 12  ? -0.442  -23.023 5.158   1.00 67.36  ? 12  SER A CA  1 
ATOM   62   C C   . SER A 1 12  ? -1.749  -22.353 5.611   1.00 75.09  ? 12  SER A C   1 
ATOM   63   O O   . SER A 1 12  ? -1.913  -21.151 5.458   1.00 65.13  ? 12  SER A O   1 
ATOM   64   C CB  . SER A 1 12  ? 0.473   -23.202 6.363   1.00 56.49  ? 12  SER A CB  1 
ATOM   65   O OG  . SER A 1 12  ? 0.422   -22.071 7.203   1.00 76.53  ? 12  SER A OG  1 
ATOM   66   N N   . ASP A 1 13  ? -2.675  -23.142 6.162   1.00 64.80  ? 13  ASP A N   1 
ATOM   67   C CA  . ASP A 1 13  ? -3.962  -22.627 6.608   1.00 59.80  ? 13  ASP A CA  1 
ATOM   68   C C   . ASP A 1 13  ? -3.829  -21.737 7.836   1.00 57.63  ? 13  ASP A C   1 
ATOM   69   O O   . ASP A 1 13  ? -4.718  -20.919 8.092   1.00 58.22  ? 13  ASP A O   1 
ATOM   70   C CB  . ASP A 1 13  ? -4.925  -23.779 6.888   1.00 54.87  ? 13  ASP A CB  1 
ATOM   71   C CG  . ASP A 1 13  ? -5.395  -24.461 5.619   1.00 66.49  ? 13  ASP A CG  1 
ATOM   72   O OD1 . ASP A 1 13  ? -4.788  -24.220 4.555   1.00 75.67  ? 13  ASP A OD1 1 
ATOM   73   O OD2 . ASP A 1 13  ? -6.378  -25.227 5.684   1.00 71.41  ? 13  ASP A OD2 1 
ATOM   74   N N   . LEU A 1 14  ? -2.741  -21.875 8.596   1.00 48.13  ? 14  LEU A N   1 
ATOM   75   C CA  . LEU A 1 14  ? -2.466  -20.910 9.654   1.00 60.15  ? 14  LEU A CA  1 
ATOM   76   C C   . LEU A 1 14  ? -2.188  -19.531 9.069   1.00 60.45  ? 14  LEU A C   1 
ATOM   77   O O   . LEU A 1 14  ? -2.690  -18.521 9.574   1.00 53.37  ? 14  LEU A O   1 
ATOM   78   C CB  . LEU A 1 14  ? -1.288  -21.387 10.504  1.00 54.33  ? 14  LEU A CB  1 
ATOM   79   C CG  . LEU A 1 14  ? -0.881  -20.487 11.670  1.00 55.78  ? 14  LEU A CG  1 
ATOM   80   C CD1 . LEU A 1 14  ? -2.041  -20.302 12.631  1.00 54.11  ? 14  LEU A CD1 1 
ATOM   81   C CD2 . LEU A 1 14  ? 0.328   -21.062 12.391  1.00 63.45  ? 14  LEU A CD2 1 
ATOM   82   N N   . GLY A 1 15  ? -1.394  -19.473 7.997   1.00 60.44  ? 15  GLY A N   1 
ATOM   83   C CA  . GLY A 1 15  ? -1.179  -18.205 7.320   1.00 64.15  ? 15  GLY A CA  1 
ATOM   84   C C   . GLY A 1 15  ? -2.450  -17.662 6.697   1.00 66.21  ? 15  GLY A C   1 
ATOM   85   O O   . GLY A 1 15  ? -2.693  -16.452 6.715   1.00 60.44  ? 15  GLY A O   1 
ATOM   86   N N   . LYS A 1 16  ? -3.285  -18.548 6.146   1.00 59.85  ? 16  LYS A N   1 
ATOM   87   C CA  . LYS A 1 16  ? -4.561  -18.113 5.589   1.00 60.44  ? 16  LYS A CA  1 
ATOM   88   C C   . LYS A 1 16  ? -5.472  -17.524 6.659   1.00 66.08  ? 16  LYS A C   1 
ATOM   89   O O   . LYS A 1 16  ? -6.225  -16.584 6.381   1.00 59.33  ? 16  LYS A O   1 
ATOM   90   C CB  . LYS A 1 16  ? -5.255  -19.279 4.885   1.00 63.68  ? 16  LYS A CB  1 
ATOM   91   C CG  . LYS A 1 16  ? -4.435  -19.924 3.770   1.00 78.11  ? 16  LYS A CG  1 
ATOM   92   C CD  . LYS A 1 16  ? -4.138  -18.950 2.637   1.00 94.17  ? 16  LYS A CD  1 
ATOM   93   C CE  . LYS A 1 16  ? -5.413  -18.486 1.952   1.00 101.62 ? 16  LYS A CE  1 
ATOM   94   N NZ  . LYS A 1 16  ? -5.128  -17.720 0.706   1.00 86.99  ? 16  LYS A NZ  1 
ATOM   95   N N   . LYS A 1 17  ? -5.412  -18.050 7.885   1.00 54.21  ? 17  LYS A N   1 
ATOM   96   C CA  . LYS A 1 17  ? -6.206  -17.479 8.969   1.00 59.95  ? 17  LYS A CA  1 
ATOM   97   C C   . LYS A 1 17  ? -5.724  -16.077 9.325   1.00 52.78  ? 17  LYS A C   1 
ATOM   98   O O   . LYS A 1 17  ? -6.534  -15.201 9.646   1.00 53.45  ? 17  LYS A O   1 
ATOM   99   C CB  . LYS A 1 17  ? -6.164  -18.388 10.200  1.00 53.32  ? 17  LYS A CB  1 
ATOM   100  C CG  . LYS A 1 17  ? -6.979  -19.675 10.080  1.00 57.02  ? 17  LYS A CG  1 
ATOM   101  C CD  . LYS A 1 17  ? -6.985  -20.436 11.402  1.00 65.00  ? 17  LYS A CD  1 
ATOM   102  C CE  . LYS A 1 17  ? -7.700  -21.775 11.288  1.00 57.23  ? 17  LYS A CE  1 
ATOM   103  N NZ  . LYS A 1 17  ? -9.138  -21.638 10.950  1.00 53.52  ? 17  LYS A NZ  1 
ATOM   104  N N   . LEU A 1 18  ? -4.408  -15.848 9.283   1.00 48.22  ? 18  LEU A N   1 
ATOM   105  C CA  . LEU A 1 18  ? -3.885  -14.518 9.578   1.00 56.00  ? 18  LEU A CA  1 
ATOM   106  C C   . LEU A 1 18  ? -4.261  -13.524 8.485   1.00 49.64  ? 18  LEU A C   1 
ATOM   107  O O   . LEU A 1 18  ? -4.576  -12.363 8.773   1.00 50.52  ? 18  LEU A O   1 
ATOM   108  C CB  . LEU A 1 18  ? -2.367  -14.570 9.754   1.00 49.99  ? 18  LEU A CB  1 
ATOM   109  C CG  . LEU A 1 18  ? -1.686  -13.233 10.060  1.00 50.11  ? 18  LEU A CG  1 
ATOM   110  C CD1 . LEU A 1 18  ? -2.202  -12.645 11.366  1.00 42.64  ? 18  LEU A CD1 1 
ATOM   111  C CD2 . LEU A 1 18  ? -0.174  -13.387 10.101  1.00 55.39  ? 18  LEU A CD2 1 
ATOM   112  N N   . LEU A 1 19  ? -4.227  -13.962 7.223   1.00 49.19  ? 19  LEU A N   1 
ATOM   113  C CA  . LEU A 1 19  ? -4.656  -13.100 6.127   1.00 50.10  ? 19  LEU A CA  1 
ATOM   114  C C   . LEU A 1 19  ? -6.110  -12.682 6.296   1.00 54.94  ? 19  LEU A C   1 
ATOM   115  O O   . LEU A 1 19  ? -6.456  -11.511 6.107   1.00 54.07  ? 19  LEU A O   1 
ATOM   116  C CB  . LEU A 1 19  ? -4.458  -13.816 4.790   1.00 45.23  ? 19  LEU A CB  1 
ATOM   117  C CG  . LEU A 1 19  ? -3.017  -13.995 4.311   1.00 54.14  ? 19  LEU A CG  1 
ATOM   118  C CD1 . LEU A 1 19  ? -2.887  -15.204 3.396   1.00 55.40  ? 19  LEU A CD1 1 
ATOM   119  C CD2 . LEU A 1 19  ? -2.544  -12.743 3.600   1.00 52.05  ? 19  LEU A CD2 1 
ATOM   120  N N   . GLU A 1 20  ? -6.975  -13.627 6.666   1.00 47.18  ? 20  GLU A N   1 
ATOM   121  C CA  . GLU A 1 20  ? -8.390  -13.314 6.825   1.00 54.16  ? 20  GLU A CA  1 
ATOM   122  C C   . GLU A 1 20  ? -8.635  -12.435 8.044   1.00 58.49  ? 20  GLU A C   1 
ATOM   123  O O   . GLU A 1 20  ? -9.443  -11.501 7.989   1.00 54.05  ? 20  GLU A O   1 
ATOM   124  C CB  . GLU A 1 20  ? -9.197  -14.607 6.921   1.00 58.96  ? 20  GLU A CB  1 
ATOM   125  C CG  . GLU A 1 20  ? -10.602 -14.416 7.450   1.00 78.59  ? 20  GLU A CG  1 
ATOM   126  C CD  . GLU A 1 20  ? -11.290 -15.731 7.732   1.00 100.68 ? 20  GLU A CD  1 
ATOM   127  O OE1 . GLU A 1 20  ? -12.536 -15.784 7.656   1.00 91.58  ? 20  GLU A OE1 1 
ATOM   128  O OE2 . GLU A 1 20  ? -10.578 -16.714 8.021   1.00 104.67 ? 20  GLU A OE2 1 
ATOM   129  N N   . ALA A 1 21  ? -7.954  -12.719 9.157   1.00 45.15  ? 21  ALA A N   1 
ATOM   130  C CA  . ALA A 1 21  ? -8.144  -11.908 10.357  1.00 46.91  ? 21  ALA A CA  1 
ATOM   131  C C   . ALA A 1 21  ? -7.612  -10.495 10.159  1.00 48.35  ? 21  ALA A C   1 
ATOM   132  O O   . ALA A 1 21  ? -8.197  -9.529  10.662  1.00 47.34  ? 21  ALA A O   1 
ATOM   133  C CB  . ALA A 1 21  ? -7.465  -12.570 11.557  1.00 49.17  ? 21  ALA A CB  1 
ATOM   134  N N   . ALA A 1 22  ? -6.497  -10.355 9.439   1.00 42.96  ? 22  ALA A N   1 
ATOM   135  C CA  . ALA A 1 22  ? -5.955  -9.028  9.183   1.00 46.65  ? 22  ALA A CA  1 
ATOM   136  C C   . ALA A 1 22  ? -6.895  -8.212  8.307   1.00 50.04  ? 22  ALA A C   1 
ATOM   137  O O   . ALA A 1 22  ? -7.148  -7.034  8.583   1.00 45.93  ? 22  ALA A O   1 
ATOM   138  C CB  . ALA A 1 22  ? -4.579  -9.140  8.530   1.00 45.23  ? 22  ALA A CB  1 
ATOM   139  N N   . ARG A 1 23  ? -7.430  -8.826  7.250   1.00 40.62  ? 23  ARG A N   1 
ATOM   140  C CA  . ARG A 1 23  ? -8.343  -8.113  6.367   1.00 49.28  ? 23  ARG A CA  1 
ATOM   141  C C   . ARG A 1 23  ? -9.624  -7.722  7.088   1.00 51.02  ? 23  ARG A C   1 
ATOM   142  O O   . ARG A 1 23  ? -10.188 -6.658  6.812   1.00 46.74  ? 23  ARG A O   1 
ATOM   143  C CB  . ARG A 1 23  ? -8.665  -8.965  5.143   1.00 49.89  ? 23  ARG A CB  1 
ATOM   144  C CG  . ARG A 1 23  ? -9.320  -8.180  4.027   1.00 51.41  ? 23  ARG A CG  1 
ATOM   145  C CD  . ARG A 1 23  ? -9.940  -9.082  2.979   1.00 51.91  ? 23  ARG A CD  1 
ATOM   146  N NE  . ARG A 1 23  ? -10.627 -8.289  1.966   1.00 63.72  ? 23  ARG A NE  1 
ATOM   147  C CZ  . ARG A 1 23  ? -10.212 -8.148  0.711   1.00 74.77  ? 23  ARG A CZ  1 
ATOM   148  N NH1 . ARG A 1 23  ? -9.119  -8.771  0.292   1.00 73.19  ? 23  ARG A NH1 1 
ATOM   149  N NH2 . ARG A 1 23  ? -10.904 -7.392  -0.130  1.00 67.54  ? 23  ARG A NH2 1 
ATOM   150  N N   . ALA A 1 24  ? -10.091 -8.557  8.012   1.00 42.13  ? 24  ALA A N   1 
ATOM   151  C CA  . ALA A 1 24  ? -11.311 -8.282  8.756   1.00 46.47  ? 24  ALA A CA  1 
ATOM   152  C C   . ALA A 1 24  ? -11.076 -7.408  9.981   1.00 43.32  ? 24  ALA A C   1 
ATOM   153  O O   . ALA A 1 24  ? -12.040 -7.052  10.665  1.00 50.33  ? 24  ALA A O   1 
ATOM   154  C CB  . ALA A 1 24  ? -11.978 -9.596  9.173   1.00 52.68  ? 24  ALA A CB  1 
ATOM   155  N N   . GLY A 1 25  ? -9.828  -7.051  10.275  1.00 45.78  ? 25  GLY A N   1 
ATOM   156  C CA  . GLY A 1 25  ? -9.551  -6.162  11.387  1.00 48.17  ? 25  GLY A CA  1 
ATOM   157  C C   . GLY A 1 25  ? -9.803  -6.741  12.763  1.00 56.37  ? 25  GLY A C   1 
ATOM   158  O O   . GLY A 1 25  ? -10.209 -6.007  13.671  1.00 54.81  ? 25  GLY A O   1 
ATOM   159  N N   . GLN A 1 26  ? -9.567  -8.038  12.952  1.00 59.25  ? 26  GLN A N   1 
ATOM   160  C CA  . GLN A 1 26  ? -9.737  -8.675  14.260  1.00 56.15  ? 26  GLN A CA  1 
ATOM   161  C C   . GLN A 1 26  ? -8.416  -8.576  15.011  1.00 51.88  ? 26  GLN A C   1 
ATOM   162  O O   . GLN A 1 26  ? -7.509  -9.386  14.802  1.00 58.63  ? 26  GLN A O   1 
ATOM   163  C CB  . GLN A 1 26  ? -10.173 -10.127 14.109  1.00 64.56  ? 26  GLN A CB  1 
ATOM   164  C CG  . GLN A 1 26  ? -10.844 -10.449 12.790  1.00 74.01  ? 26  GLN A CG  1 
ATOM   165  C CD  . GLN A 1 26  ? -12.325 -10.716 12.936  1.00 89.88  ? 26  GLN A CD  1 
ATOM   166  O OE1 . GLN A 1 26  ? -13.000 -10.109 13.768  1.00 85.91  ? 26  GLN A OE1 1 
ATOM   167  N NE2 . GLN A 1 26  ? -12.840 -11.632 12.125  1.00 95.67  ? 26  GLN A NE2 1 
ATOM   168  N N   . ASP A 1 27  ? -8.312  -7.586  15.903  1.00 56.81  ? 27  ASP A N   1 
ATOM   169  C CA  . ASP A 1 27  ? -7.057  -7.349  16.613  1.00 62.31  ? 27  ASP A CA  1 
ATOM   170  C C   . ASP A 1 27  ? -6.679  -8.535  17.492  1.00 61.97  ? 27  ASP A C   1 
ATOM   171  O O   . ASP A 1 27  ? -5.521  -8.970  17.494  1.00 67.06  ? 27  ASP A O   1 
ATOM   172  C CB  . ASP A 1 27  ? -7.160  -6.080  17.458  1.00 67.49  ? 27  ASP A CB  1 
ATOM   173  C CG  . ASP A 1 27  ? -7.670  -4.888  16.671  1.00 81.50  ? 27  ASP A CG  1 
ATOM   174  O OD1 . ASP A 1 27  ? -7.170  -4.646  15.554  1.00 79.78  ? 27  ASP A OD1 1 
ATOM   175  O OD2 . ASP A 1 27  ? -8.576  -4.192  17.174  1.00 106.86 ? 27  ASP A OD2 1 
ATOM   176  N N   . ASP A 1 28  ? -7.639  -9.066  18.253  1.00 57.60  ? 28  ASP A N   1 
ATOM   177  C CA  . ASP A 1 28  ? -7.340  -10.169 19.161  1.00 63.67  ? 28  ASP A CA  1 
ATOM   178  C C   . ASP A 1 28  ? -6.925  -11.416 18.395  1.00 66.00  ? 28  ASP A C   1 
ATOM   179  O O   . ASP A 1 28  ? -5.936  -12.070 18.742  1.00 65.20  ? 28  ASP A O   1 
ATOM   180  C CB  . ASP A 1 28  ? -8.548  -10.461 20.051  1.00 69.25  ? 28  ASP A CB  1 
ATOM   181  C CG  . ASP A 1 28  ? -8.702  -9.455  21.170  1.00 86.74  ? 28  ASP A CG  1 
ATOM   182  O OD1 . ASP A 1 28  ? -7.780  -8.636  21.367  1.00 83.85  ? 28  ASP A OD1 1 
ATOM   183  O OD2 . ASP A 1 28  ? -9.745  -9.486  21.855  1.00 99.21  ? 28  ASP A OD2 1 
ATOM   184  N N   . GLU A 1 29  ? -7.672  -11.764 17.344  1.00 54.53  ? 29  GLU A N   1 
ATOM   185  C CA  . GLU A 1 29  ? -7.344  -12.967 16.589  1.00 52.36  ? 29  GLU A CA  1 
ATOM   186  C C   . GLU A 1 29  ? -5.998  -12.840 15.889  1.00 65.60  ? 29  GLU A C   1 
ATOM   187  O O   . GLU A 1 29  ? -5.252  -13.821 15.796  1.00 58.05  ? 29  GLU A O   1 
ATOM   188  C CB  . GLU A 1 29  ? -8.451  -13.275 15.581  1.00 56.39  ? 29  GLU A CB  1 
ATOM   189  C CG  . GLU A 1 29  ? -8.464  -14.725 15.103  1.00 78.66  ? 29  GLU A CG  1 
ATOM   190  C CD  . GLU A 1 29  ? -8.509  -15.726 16.251  1.00 97.33  ? 29  GLU A CD  1 
ATOM   191  O OE1 . GLU A 1 29  ? -9.236  -15.482 17.243  1.00 93.22  ? 29  GLU A OE1 1 
ATOM   192  O OE2 . GLU A 1 29  ? -7.809  -16.757 16.164  1.00 87.61  ? 29  GLU A OE2 1 
ATOM   193  N N   . VAL A 1 30  ? -5.659  -11.646 15.404  1.00 56.92  ? 30  VAL A N   1 
ATOM   194  C CA  . VAL A 1 30  ? -4.342  -11.460 14.806  1.00 49.03  ? 30  VAL A CA  1 
ATOM   195  C C   . VAL A 1 30  ? -3.255  -11.671 15.851  1.00 64.37  ? 30  VAL A C   1 
ATOM   196  O O   . VAL A 1 30  ? -2.226  -12.300 15.580  1.00 61.29  ? 30  VAL A O   1 
ATOM   197  C CB  . VAL A 1 30  ? -4.241  -10.072 14.151  1.00 55.02  ? 30  VAL A CB  1 
ATOM   198  C CG1 . VAL A 1 30  ? -2.789  -9.713  13.897  1.00 47.55  ? 30  VAL A CG1 1 
ATOM   199  C CG2 . VAL A 1 30  ? -5.021  -10.056 12.845  1.00 52.64  ? 30  VAL A CG2 1 
ATOM   200  N N   . ARG A 1 31  ? -3.474  -11.160 17.067  1.00 53.74  ? 31  ARG A N   1 
ATOM   201  C CA  . ARG A 1 31  ? -2.519  -11.373 18.149  1.00 71.94  ? 31  ARG A CA  1 
ATOM   202  C C   . ARG A 1 31  ? -2.375  -12.855 18.471  1.00 63.05  ? 31  ARG A C   1 
ATOM   203  O O   . ARG A 1 31  ? -1.259  -13.360 18.634  1.00 64.72  ? 31  ARG A O   1 
ATOM   204  C CB  . ARG A 1 31  ? -2.960  -10.588 19.385  1.00 70.24  ? 31  ARG A CB  1 
ATOM   205  C CG  . ARG A 1 31  ? -2.279  -10.998 20.685  1.00 83.78  ? 31  ARG A CG  1 
ATOM   206  C CD  . ARG A 1 31  ? -2.913  -10.308 21.892  1.00 76.38  ? 31  ARG A CD  1 
ATOM   207  N NE  . ARG A 1 31  ? -4.344  -10.584 22.000  1.00 91.38  ? 31  ARG A NE  1 
ATOM   208  C CZ  . ARG A 1 31  ? -4.863  -11.636 22.627  1.00 97.40  ? 31  ARG A CZ  1 
ATOM   209  N NH1 . ARG A 1 31  ? -6.179  -11.802 22.670  1.00 97.80  ? 31  ARG A NH1 1 
ATOM   210  N NH2 . ARG A 1 31  ? -4.069  -12.525 23.210  1.00 91.10  ? 31  ARG A NH2 1 
ATOM   211  N N   . ILE A 1 32  ? -3.497  -13.569 18.546  1.00 60.52  ? 32  ILE A N   1 
ATOM   212  C CA  . ILE A 1 32  ? -3.466  -14.981 18.907  1.00 57.67  ? 32  ILE A CA  1 
ATOM   213  C C   . ILE A 1 32  ? -2.757  -15.796 17.832  1.00 69.90  ? 32  ILE A C   1 
ATOM   214  O O   . ILE A 1 32  ? -1.911  -16.647 18.134  1.00 70.84  ? 32  ILE A O   1 
ATOM   215  C CB  . ILE A 1 32  ? -4.895  -15.492 19.153  1.00 58.25  ? 32  ILE A CB  1 
ATOM   216  C CG1 . ILE A 1 32  ? -5.472  -14.866 20.427  1.00 59.96  ? 32  ILE A CG1 1 
ATOM   217  C CG2 . ILE A 1 32  ? -4.905  -17.005 19.228  1.00 58.90  ? 32  ILE A CG2 1 
ATOM   218  C CD1 . ILE A 1 32  ? -6.917  -15.235 20.700  1.00 67.94  ? 32  ILE A CD1 1 
ATOM   219  N N   . LEU A 1 33  ? -3.086  -15.547 16.563  1.00 58.87  ? 33  LEU A N   1 
ATOM   220  C CA  . LEU A 1 33  ? -2.495  -16.326 15.478  1.00 61.46  ? 33  LEU A CA  1 
ATOM   221  C C   . LEU A 1 33  ? -0.990  -16.110 15.394  1.00 60.66  ? 33  LEU A C   1 
ATOM   222  O O   . LEU A 1 33  ? -0.237  -17.046 15.106  1.00 63.86  ? 33  LEU A O   1 
ATOM   223  C CB  . LEU A 1 33  ? -3.164  -15.968 14.152  1.00 58.09  ? 33  LEU A CB  1 
ATOM   224  C CG  . LEU A 1 33  ? -4.604  -16.455 13.992  1.00 65.18  ? 33  LEU A CG  1 
ATOM   225  C CD1 . LEU A 1 33  ? -5.240  -15.833 12.766  1.00 59.72  ? 33  LEU A CD1 1 
ATOM   226  C CD2 . LEU A 1 33  ? -4.642  -17.969 13.903  1.00 59.91  ? 33  LEU A CD2 1 
ATOM   227  N N   . MET A 1 34  ? -0.531  -14.885 15.648  1.00 55.19  ? 34  MET A N   1 
ATOM   228  C CA  . MET A 1 34  ? 0.904   -14.634 15.610  1.00 66.83  ? 34  MET A CA  1 
ATOM   229  C C   . MET A 1 34  ? 1.621   -15.298 16.777  1.00 77.14  ? 34  MET A C   1 
ATOM   230  O O   . MET A 1 34  ? 2.786   -15.689 16.643  1.00 70.66  ? 34  MET A O   1 
ATOM   231  C CB  . MET A 1 34  ? 1.170   -13.133 15.601  1.00 61.65  ? 34  MET A CB  1 
ATOM   232  C CG  . MET A 1 34  ? 0.725   -12.450 14.323  1.00 76.64  ? 34  MET A CG  1 
ATOM   233  S SD  . MET A 1 34  ? 0.918   -10.668 14.427  1.00 78.33  ? 34  MET A SD  1 
ATOM   234  C CE  . MET A 1 34  ? 2.658   -10.570 14.790  1.00 72.45  ? 34  MET A CE  1 
ATOM   235  N N   . ALA A 1 35  ? 0.947   -15.442 17.921  1.00 65.82  ? 35  ALA A N   1 
ATOM   236  C CA  . ALA A 1 35  ? 1.555   -16.139 19.049  1.00 73.72  ? 35  ALA A CA  1 
ATOM   237  C C   . ALA A 1 35  ? 1.676   -17.635 18.782  1.00 71.54  ? 35  ALA A C   1 
ATOM   238  O O   . ALA A 1 35  ? 2.572   -18.288 19.327  1.00 76.95  ? 35  ALA A O   1 
ATOM   239  C CB  . ALA A 1 35  ? 0.750   -15.887 20.322  1.00 60.68  ? 35  ALA A CB  1 
ATOM   240  N N   . ASN A 1 36  ? 0.792   -18.193 17.954  1.00 65.82  ? 36  ASN A N   1 
ATOM   241  C CA  . ASN A 1 36  ? 0.863   -19.593 17.551  1.00 63.74  ? 36  ASN A CA  1 
ATOM   242  C C   . ASN A 1 36  ? 1.820   -19.831 16.389  1.00 59.99  ? 36  ASN A C   1 
ATOM   243  O O   . ASN A 1 36  ? 1.825   -20.932 15.828  1.00 69.28  ? 36  ASN A O   1 
ATOM   244  C CB  . ASN A 1 36  ? -0.527  -20.114 17.168  1.00 73.56  ? 36  ASN A CB  1 
ATOM   245  C CG  . ASN A 1 36  ? -1.490  -20.144 18.337  1.00 80.02  ? 36  ASN A CG  1 
ATOM   246  O OD1 . ASN A 1 36  ? -1.081  -20.166 19.499  1.00 91.42  ? 36  ASN A OD1 1 
ATOM   247  N ND2 . ASN A 1 36  ? -2.784  -20.154 18.033  1.00 82.42  ? 36  ASN A ND2 1 
ATOM   248  N N   . GLY A 1 37  ? 2.605   -18.828 16.000  1.00 56.98  ? 37  GLY A N   1 
ATOM   249  C CA  . GLY A 1 37  ? 3.609   -19.009 14.973  1.00 54.63  ? 37  GLY A CA  1 
ATOM   250  C C   . GLY A 1 37  ? 3.192   -18.668 13.561  1.00 72.07  ? 37  GLY A C   1 
ATOM   251  O O   . GLY A 1 37  ? 3.883   -19.071 12.618  1.00 64.64  ? 37  GLY A O   1 
ATOM   252  N N   . ALA A 1 38  ? 2.093   -17.937 13.375  1.00 63.21  ? 38  ALA A N   1 
ATOM   253  C CA  . ALA A 1 38  ? 1.661   -17.581 12.028  1.00 60.85  ? 38  ALA A CA  1 
ATOM   254  C C   . ALA A 1 38  ? 2.692   -16.683 11.359  1.00 54.06  ? 38  ALA A C   1 
ATOM   255  O O   . ALA A 1 38  ? 3.173   -15.715 11.955  1.00 63.72  ? 38  ALA A O   1 
ATOM   256  C CB  . ALA A 1 38  ? 0.302   -16.884 12.064  1.00 62.65  ? 38  ALA A CB  1 
ATOM   257  N N   . ASP A 1 39  ? 3.027   -16.989 10.146  1.00 51.26  ? 39  ASP A N   1 
ATOM   258  C CA  . ASP A 1 39  ? 3.992   -16.220 9.451   1.00 61.88  ? 39  ASP A CA  1 
ATOM   259  C C   . ASP A 1 39  ? 3.461   -14.863 9.145   1.00 62.41  ? 39  ASP A C   1 
ATOM   260  O O   . ASP A 1 39  ? 2.577   -14.729 8.388   1.00 58.50  ? 39  ASP A O   1 
ATOM   261  C CB  . ASP A 1 39  ? 4.336   -16.908 8.168   1.00 56.50  ? 39  ASP A CB  1 
ATOM   262  C CG  . ASP A 1 39  ? 5.456   -16.256 7.455   1.00 75.19  ? 39  ASP A CG  1 
ATOM   263  O OD1 . ASP A 1 39  ? 5.972   -15.247 7.911   1.00 80.91  ? 39  ASP A OD1 1 
ATOM   264  O OD2 . ASP A 1 39  ? 5.827   -16.744 6.414   1.00 88.88  ? 39  ASP A OD2 1 
ATOM   265  N N   . VAL A 1 40  ? 4.134   -13.818 9.581   1.00 67.43  ? 40  VAL A N   1 
ATOM   266  C CA  . VAL A 1 40  ? 3.697   -12.448 9.351   1.00 63.87  ? 40  VAL A CA  1 
ATOM   267  C C   . VAL A 1 40  ? 3.756   -12.056 7.882   1.00 64.82  ? 40  VAL A C   1 
ATOM   268  O O   . VAL A 1 40  ? 3.152   -11.050 7.494   1.00 63.67  ? 40  VAL A O   1 
ATOM   269  C CB  . VAL A 1 40  ? 4.542   -11.480 10.205  1.00 57.49  ? 40  VAL A CB  1 
ATOM   270  C CG1 . VAL A 1 40  ? 5.893   -11.223 9.544   1.00 60.59  ? 40  VAL A CG1 1 
ATOM   271  C CG2 . VAL A 1 40  ? 3.794   -10.177 10.448  1.00 65.86  ? 40  VAL A CG2 1 
ATOM   272  N N   . ASN A 1 41  ? 4.475   -12.833 7.083   1.00 61.05  ? 41  ASN A N   1 
ATOM   273  C CA  . ASN A 1 41  ? 4.631   -12.537 5.668   1.00 54.04  ? 41  ASN A CA  1 
ATOM   274  C C   . ASN A 1 41  ? 4.038   -13.579 4.739   1.00 63.44  ? 41  ASN A C   1 
ATOM   275  O O   . ASN A 1 41  ? 4.541   -13.793 3.646   1.00 61.18  ? 41  ASN A O   1 
ATOM   276  C CB  . ASN A 1 41  ? 6.105   -12.331 5.330   1.00 65.17  ? 41  ASN A CB  1 
ATOM   277  C CG  . ASN A 1 41  ? 6.633   -11.005 5.825   1.00 79.12  ? 41  ASN A CG  1 
ATOM   278  O OD1 . ASN A 1 41  ? 6.048   -9.961  5.570   1.00 64.45  ? 41  ASN A OD1 1 
ATOM   279  N ND2 . ASN A 1 41  ? 7.747   -11.042 6.534   1.00 72.07  ? 41  ASN A ND2 1 
ATOM   280  N N   . ALA A 1 42  ? 2.956   -14.215 5.161   1.00 57.40  ? 42  ALA A N   1 
ATOM   281  C CA  . ALA A 1 42  ? 2.295   -15.205 4.340   1.00 56.43  ? 42  ALA A CA  1 
ATOM   282  C C   . ALA A 1 42  ? 1.608   -14.625 3.150   1.00 64.53  ? 42  ALA A C   1 
ATOM   283  O O   . ALA A 1 42  ? 1.244   -13.502 3.156   1.00 65.38  ? 42  ALA A O   1 
ATOM   284  C CB  . ALA A 1 42  ? 1.280   -15.919 5.157   1.00 56.25  ? 42  ALA A CB  1 
ATOM   285  N N   . VAL A 1 43  ? 1.434   -15.404 2.089   1.00 59.91  ? 43  VAL A N   1 
ATOM   286  C CA  . VAL A 1 43  ? 0.730   -14.886 0.917   1.00 66.90  ? 43  VAL A CA  1 
ATOM   287  C C   . VAL A 1 43  ? -0.379  -15.794 0.424   1.00 60.21  ? 43  VAL A C   1 
ATOM   288  O O   . VAL A 1 43  ? -0.352  -16.998 0.622   1.00 83.30  ? 43  VAL A O   1 
ATOM   289  C CB  . VAL A 1 43  ? 1.650   -14.577 -0.287  1.00 64.67  ? 43  VAL A CB  1 
ATOM   290  C CG1 . VAL A 1 43  ? 3.002   -14.024 0.125   1.00 72.27  ? 43  VAL A CG1 1 
ATOM   291  C CG2 . VAL A 1 43  ? 1.810   -15.801 -1.151  1.00 80.32  ? 43  VAL A CG2 1 
ATOM   292  N N   . ASP A 1 44  ? -1.367  -15.183 -0.208  1.00 63.18  ? 44  ASP A N   1 
ATOM   293  C CA  . ASP A 1 44  ? -2.468  -15.898 -0.828  1.00 66.29  ? 44  ASP A CA  1 
ATOM   294  C C   . ASP A 1 44  ? -2.129  -16.162 -2.295  1.00 73.42  ? 44  ASP A C   1 
ATOM   295  O O   . ASP A 1 44  ? -0.986  -15.987 -2.731  1.00 72.13  ? 44  ASP A O   1 
ATOM   296  C CB  . ASP A 1 44  ? -3.774  -15.114 -0.660  1.00 70.69  ? 44  ASP A CB  1 
ATOM   297  C CG  . ASP A 1 44  ? -3.690  -13.700 -1.208  1.00 74.70  ? 44  ASP A CG  1 
ATOM   298  O OD1 . ASP A 1 44  ? -2.652  -13.347 -1.804  1.00 83.37  ? 44  ASP A OD1 1 
ATOM   299  O OD2 . ASP A 1 44  ? -4.668  -12.938 -1.037  1.00 70.00  ? 44  ASP A OD2 1 
ATOM   300  N N   . GLU A 1 45  ? -3.130  -16.583 -3.072  1.00 82.45  ? 45  GLU A N   1 
ATOM   301  C CA  . GLU A 1 45  ? -2.891  -16.908 -4.473  1.00 80.10  ? 45  GLU A CA  1 
ATOM   302  C C   . GLU A 1 45  ? -2.503  -15.684 -5.292  1.00 80.75  ? 45  GLU A C   1 
ATOM   303  O O   . GLU A 1 45  ? -1.844  -15.827 -6.327  1.00 73.41  ? 45  GLU A O   1 
ATOM   304  C CB  . GLU A 1 45  ? -4.130  -17.576 -5.078  1.00 81.02  ? 45  GLU A CB  1 
ATOM   305  C CG  . GLU A 1 45  ? -5.424  -16.784 -4.905  1.00 103.68 ? 45  GLU A CG  1 
ATOM   306  C CD  . GLU A 1 45  ? -6.155  -17.106 -3.610  1.00 120.32 ? 45  GLU A CD  1 
ATOM   307  O OE1 . GLU A 1 45  ? -7.372  -17.380 -3.672  1.00 124.37 ? 45  GLU A OE1 1 
ATOM   308  O OE2 . GLU A 1 45  ? -5.518  -17.089 -2.535  1.00 111.76 ? 45  GLU A OE2 1 
ATOM   309  N N   . TYR A 1 46  ? -2.884  -14.487 -4.853  1.00 77.69  ? 46  TYR A N   1 
ATOM   310  C CA  . TYR A 1 46  ? -2.568  -13.259 -5.569  1.00 58.64  ? 46  TYR A CA  1 
ATOM   311  C C   . TYR A 1 46  ? -1.286  -12.595 -5.085  1.00 67.44  ? 46  TYR A C   1 
ATOM   312  O O   . TYR A 1 46  ? -0.905  -11.552 -5.626  1.00 64.08  ? 46  TYR A O   1 
ATOM   313  C CB  . TYR A 1 46  ? -3.727  -12.267 -5.453  1.00 77.44  ? 46  TYR A CB  1 
ATOM   314  C CG  . TYR A 1 46  ? -5.029  -12.794 -6.000  1.00 93.49  ? 46  TYR A CG  1 
ATOM   315  C CD1 . TYR A 1 46  ? -5.272  -12.816 -7.367  1.00 98.28  ? 46  TYR A CD1 1 
ATOM   316  C CD2 . TYR A 1 46  ? -6.020  -13.264 -5.150  1.00 91.22  ? 46  TYR A CD2 1 
ATOM   317  C CE1 . TYR A 1 46  ? -6.463  -13.295 -7.873  1.00 100.71 ? 46  TYR A CE1 1 
ATOM   318  C CE2 . TYR A 1 46  ? -7.215  -13.744 -5.646  1.00 106.99 ? 46  TYR A CE2 1 
ATOM   319  C CZ  . TYR A 1 46  ? -7.433  -13.758 -7.006  1.00 108.64 ? 46  TYR A CZ  1 
ATOM   320  O OH  . TYR A 1 46  ? -8.625  -14.237 -7.500  1.00 104.77 ? 46  TYR A OH  1 
ATOM   321  N N   . GLY A 1 47  ? -0.618  -13.163 -4.086  1.00 63.30  ? 47  GLY A N   1 
ATOM   322  C CA  . GLY A 1 47  ? 0.595   -12.577 -3.557  1.00 58.25  ? 47  GLY A CA  1 
ATOM   323  C C   . GLY A 1 47  ? 0.400   -11.550 -2.466  1.00 61.32  ? 47  GLY A C   1 
ATOM   324  O O   . GLY A 1 47  ? 1.382   -10.918 -2.056  1.00 63.16  ? 47  GLY A O   1 
ATOM   325  N N   . SER A 1 48  ? -0.824  -11.367 -1.978  1.00 66.17  ? 48  SER A N   1 
ATOM   326  C CA  . SER A 1 48  ? -1.088  -10.384 -0.934  1.00 60.45  ? 48  SER A CA  1 
ATOM   327  C C   . SER A 1 48  ? -0.628  -10.902 0.424   1.00 58.87  ? 48  SER A C   1 
ATOM   328  O O   . SER A 1 48  ? -0.908  -12.046 0.790   1.00 63.13  ? 48  SER A O   1 
ATOM   329  C CB  . SER A 1 48  ? -2.579  -10.052 -0.886  1.00 55.55  ? 48  SER A CB  1 
ATOM   330  O OG  . SER A 1 48  ? -3.038  -9.580  -2.140  1.00 71.60  ? 48  SER A OG  1 
ATOM   331  N N   . THR A 1 49  ? 0.045   -10.054 1.175   1.00 52.53  ? 49  THR A N   1 
ATOM   332  C CA  . THR A 1 49  ? 0.432   -10.395 2.531   1.00 51.76  ? 49  THR A CA  1 
ATOM   333  C C   . THR A 1 49  ? -0.589  -9.791  3.512   1.00 66.10  ? 49  THR A C   1 
ATOM   334  O O   . THR A 1 49  ? -1.446  -8.990  3.123   1.00 50.14  ? 49  THR A O   1 
ATOM   335  C CB  . THR A 1 49  ? 1.811   -9.823  2.865   1.00 56.64  ? 49  THR A CB  1 
ATOM   336  O OG1 . THR A 1 49  ? 1.742   -8.397  2.888   1.00 56.81  ? 49  THR A OG1 1 
ATOM   337  C CG2 . THR A 1 49  ? 2.820   -10.251 1.827   1.00 56.25  ? 49  THR A CG2 1 
ATOM   338  N N   . PRO A 1 50  ? -0.541  -10.199 4.776   1.00 54.04  ? 50  PRO A N   1 
ATOM   339  C CA  . PRO A 1 50  ? -1.448  -9.582  5.757   1.00 50.49  ? 50  PRO A CA  1 
ATOM   340  C C   . PRO A 1 50  ? -1.358  -8.066  5.791   1.00 51.19  ? 50  PRO A C   1 
ATOM   341  O O   . PRO A 1 50  ? -2.372  -7.395  6.028   1.00 48.78  ? 50  PRO A O   1 
ATOM   342  C CB  . PRO A 1 50  ? -0.998  -10.205 7.085   1.00 46.69  ? 50  PRO A CB  1 
ATOM   343  C CG  . PRO A 1 50  ? -0.428  -11.526 6.696   1.00 46.94  ? 50  PRO A CG  1 
ATOM   344  C CD  . PRO A 1 50  ? 0.236   -11.306 5.368   1.00 53.57  ? 50  PRO A CD  1 
ATOM   345  N N   . LEU A 1 51  ? -0.171  -7.505  5.550   1.00 50.25  ? 51  LEU A N   1 
ATOM   346  C CA  . LEU A 1 51  ? -0.030  -6.054  5.545   1.00 54.50  ? 51  LEU A CA  1 
ATOM   347  C C   . LEU A 1 51  ? -0.750  -5.433  4.352   1.00 47.66  ? 51  LEU A C   1 
ATOM   348  O O   . LEU A 1 51  ? -1.319  -4.342  4.470   1.00 49.96  ? 51  LEU A O   1 
ATOM   349  C CB  . LEU A 1 51  ? 1.450   -5.674  5.551   1.00 52.09  ? 51  LEU A CB  1 
ATOM   350  C CG  . LEU A 1 51  ? 1.790   -4.199  5.767   1.00 57.00  ? 51  LEU A CG  1 
ATOM   351  C CD1 . LEU A 1 51  ? 1.196   -3.687  7.073   1.00 44.38  ? 51  LEU A CD1 1 
ATOM   352  C CD2 . LEU A 1 51  ? 3.300   -4.000  5.744   1.00 52.70  ? 51  LEU A CD2 1 
ATOM   353  N N   . HIS A 1 52  ? -0.738  -6.112  3.198   1.00 49.37  ? 52  HIS A N   1 
ATOM   354  C CA  . HIS A 1 52  ? -1.549  -5.675  2.063   1.00 46.92  ? 52  HIS A CA  1 
ATOM   355  C C   . HIS A 1 52  ? -3.016  -5.561  2.452   1.00 52.80  ? 52  HIS A C   1 
ATOM   356  O O   . HIS A 1 52  ? -3.663  -4.541  2.194   1.00 49.96  ? 52  HIS A O   1 
ATOM   357  C CB  . HIS A 1 52  ? -1.407  -6.651  0.892   1.00 49.28  ? 52  HIS A CB  1 
ATOM   358  C CG  . HIS A 1 52  ? -0.165  -6.469  0.079   1.00 52.96  ? 52  HIS A CG  1 
ATOM   359  N ND1 . HIS A 1 52  ? 0.964   -7.241  0.258   1.00 56.00  ? 52  HIS A ND1 1 
ATOM   360  C CD2 . HIS A 1 52  ? 0.113   -5.631  -0.947  1.00 52.47  ? 52  HIS A CD2 1 
ATOM   361  C CE1 . HIS A 1 52  ? 1.889   -6.873  -0.609  1.00 57.11  ? 52  HIS A CE1 1 
ATOM   362  N NE2 . HIS A 1 52  ? 1.398   -5.898  -1.353  1.00 56.51  ? 52  HIS A NE2 1 
ATOM   363  N N   . LEU A 1 53  ? -3.557  -6.607  3.080   1.00 50.46  ? 53  LEU A N   1 
ATOM   364  C CA  . LEU A 1 53  ? -4.990  -6.672  3.330   1.00 47.69  ? 53  LEU A CA  1 
ATOM   365  C C   . LEU A 1 53  ? -5.421  -5.729  4.443   1.00 44.68  ? 53  LEU A C   1 
ATOM   366  O O   . LEU A 1 53  ? -6.520  -5.168  4.379   1.00 49.84  ? 53  LEU A O   1 
ATOM   367  C CB  . LEU A 1 53  ? -5.392  -8.112  3.654   1.00 46.06  ? 53  LEU A CB  1 
ATOM   368  C CG  . LEU A 1 53  ? -5.061  -9.135  2.562   1.00 53.05  ? 53  LEU A CG  1 
ATOM   369  C CD1 . LEU A 1 53  ? -5.620  -10.509 2.900   1.00 53.23  ? 53  LEU A CD1 1 
ATOM   370  C CD2 . LEU A 1 53  ? -5.575  -8.664  1.210   1.00 49.38  ? 53  LEU A CD2 1 
ATOM   371  N N   . ALA A 1 54  ? -4.582  -5.541  5.463   1.00 44.86  ? 54  ALA A N   1 
ATOM   372  C CA  . ALA A 1 54  ? -4.916  -4.588  6.515   1.00 45.35  ? 54  ALA A CA  1 
ATOM   373  C C   . ALA A 1 54  ? -4.865  -3.158  5.992   1.00 45.33  ? 54  ALA A C   1 
ATOM   374  O O   . ALA A 1 54  ? -5.686  -2.321  6.382   1.00 42.42  ? 54  ALA A O   1 
ATOM   375  C CB  . ALA A 1 54  ? -3.970  -4.761  7.701   1.00 43.27  ? 54  ALA A CB  1 
ATOM   376  N N   . ALA A 1 55  ? -3.906  -2.862  5.111   1.00 45.38  ? 55  ALA A N   1 
ATOM   377  C CA  . ALA A 1 55  ? -3.815  -1.526  4.529   1.00 49.83  ? 55  ALA A CA  1 
ATOM   378  C C   . ALA A 1 55  ? -4.963  -1.268  3.562   1.00 48.53  ? 55  ALA A C   1 
ATOM   379  O O   . ALA A 1 55  ? -5.499  -0.156  3.504   1.00 55.99  ? 55  ALA A O   1 
ATOM   380  C CB  . ALA A 1 55  ? -2.470  -1.355  3.822   1.00 44.08  ? 55  ALA A CB  1 
ATOM   381  N N   . LEU A 1 56  ? -5.347  -2.287  2.792   1.00 50.55  ? 56  LEU A N   1 
ATOM   382  C CA  . LEU A 1 56  ? -6.482  -2.159  1.883   1.00 49.74  ? 56  LEU A CA  1 
ATOM   383  C C   . LEU A 1 56  ? -7.770  -1.874  2.647   1.00 56.10  ? 56  LEU A C   1 
ATOM   384  O O   . LEU A 1 56  ? -8.548  -0.992  2.269   1.00 49.25  ? 56  LEU A O   1 
ATOM   385  C CB  . LEU A 1 56  ? -6.611  -3.435  1.050   1.00 51.23  ? 56  LEU A CB  1 
ATOM   386  C CG  . LEU A 1 56  ? -7.765  -3.622  0.065   1.00 65.21  ? 56  LEU A CG  1 
ATOM   387  C CD1 . LEU A 1 56  ? -7.316  -4.569  -1.026  1.00 71.97  ? 56  LEU A CD1 1 
ATOM   388  C CD2 . LEU A 1 56  ? -9.007  -4.178  0.748   1.00 55.21  ? 56  LEU A CD2 1 
ATOM   389  N N   . ALA A 1 57  ? -8.022  -2.627  3.717   1.00 46.70  ? 57  ALA A N   1 
ATOM   390  C CA  . ALA A 1 57  ? -9.272  -2.518  4.460   1.00 48.86  ? 57  ALA A CA  1 
ATOM   391  C C   . ALA A 1 57  ? -9.244  -1.422  5.517   1.00 43.00  ? 57  ALA A C   1 
ATOM   392  O O   . ALA A 1 57  ? -10.254 -1.219  6.200   1.00 47.09  ? 57  ALA A O   1 
ATOM   393  C CB  . ALA A 1 57  ? -9.613  -3.862  5.111   1.00 50.24  ? 57  ALA A CB  1 
ATOM   394  N N   . GLY A 1 58  ? -8.120  -0.727  5.679   1.00 43.47  ? 58  GLY A N   1 
ATOM   395  C CA  . GLY A 1 58  ? -8.076  0.444   6.532   1.00 44.77  ? 58  GLY A CA  1 
ATOM   396  C C   . GLY A 1 58  ? -7.928  0.184   8.014   1.00 46.41  ? 58  GLY A C   1 
ATOM   397  O O   . GLY A 1 58  ? -8.386  0.997   8.822   1.00 44.89  ? 58  GLY A O   1 
ATOM   398  N N   . HIS A 1 59  ? -7.289  -0.917  8.404   1.00 48.68  ? 59  HIS A N   1 
ATOM   399  C CA  . HIS A 1 59  ? -7.182  -1.298  9.815   1.00 39.43  ? 59  HIS A CA  1 
ATOM   400  C C   . HIS A 1 59  ? -5.826  -0.845  10.346  1.00 44.78  ? 59  HIS A C   1 
ATOM   401  O O   . HIS A 1 59  ? -4.842  -1.585  10.283  1.00 49.07  ? 59  HIS A O   1 
ATOM   402  C CB  . HIS A 1 59  ? -7.388  -2.800  9.978   1.00 46.04  ? 59  HIS A CB  1 
ATOM   403  C CG  . HIS A 1 59  ? -8.701  -3.280  9.447   1.00 42.03  ? 59  HIS A CG  1 
ATOM   404  N ND1 . HIS A 1 59  ? -9.902  -2.717  9.820   1.00 43.17  ? 59  HIS A ND1 1 
ATOM   405  C CD2 . HIS A 1 59  ? -9.002  -4.258  8.560   1.00 42.97  ? 59  HIS A CD2 1 
ATOM   406  C CE1 . HIS A 1 59  ? -10.888 -3.332  9.191   1.00 40.11  ? 59  HIS A CE1 1 
ATOM   407  N NE2 . HIS A 1 59  ? -10.369 -4.271  8.422   1.00 41.48  ? 59  HIS A NE2 1 
ATOM   408  N N   . LEU A 1 60  ? -5.792  0.378   10.885  1.00 43.34  ? 60  LEU A N   1 
ATOM   409  C CA  . LEU A 1 60  ? -4.533  0.987   11.309  1.00 50.67  ? 60  LEU A CA  1 
ATOM   410  C C   . LEU A 1 60  ? -3.844  0.175   12.399  1.00 53.11  ? 60  LEU A C   1 
ATOM   411  O O   . LEU A 1 60  ? -2.623  -0.019  12.358  1.00 48.53  ? 60  LEU A O   1 
ATOM   412  C CB  . LEU A 1 60  ? -4.783  2.415   11.796  1.00 44.34  ? 60  LEU A CB  1 
ATOM   413  C CG  . LEU A 1 60  ? -3.570  3.147   12.381  1.00 52.73  ? 60  LEU A CG  1 
ATOM   414  C CD1 . LEU A 1 60  ? -2.515  3.354   11.313  1.00 53.71  ? 60  LEU A CD1 1 
ATOM   415  C CD2 . LEU A 1 60  ? -3.971  4.476   13.005  1.00 46.97  ? 60  LEU A CD2 1 
ATOM   416  N N   . GLU A 1 61  ? -4.601  -0.298  13.391  1.00 49.77  ? 61  GLU A N   1 
ATOM   417  C CA  . GLU A 1 61  ? -3.976  -0.995  14.509  1.00 59.18  ? 61  GLU A CA  1 
ATOM   418  C C   . GLU A 1 61  ? -3.362  -2.318  14.069  1.00 55.15  ? 61  GLU A C   1 
ATOM   419  O O   . GLU A 1 61  ? -2.320  -2.720  14.599  1.00 62.45  ? 61  GLU A O   1 
ATOM   420  C CB  . GLU A 1 61  ? -4.995  -1.208  15.631  1.00 57.72  ? 61  GLU A CB  1 
ATOM   421  C CG  . GLU A 1 61  ? -4.367  -1.407  17.001  1.00 78.47  ? 61  GLU A CG  1 
ATOM   422  N N   . ILE A 1 62  ? -3.981  -3.002  13.102  1.00 52.03  ? 62  ILE A N   1 
ATOM   423  C CA  . ILE A 1 62  ? -3.392  -4.224  12.562  1.00 47.74  ? 62  ILE A CA  1 
ATOM   424  C C   . ILE A 1 62  ? -2.119  -3.905  11.790  1.00 58.27  ? 62  ILE A C   1 
ATOM   425  O O   . ILE A 1 62  ? -1.129  -4.642  11.866  1.00 52.94  ? 62  ILE A O   1 
ATOM   426  C CB  . ILE A 1 62  ? -4.406  -4.972  11.678  1.00 53.91  ? 62  ILE A CB  1 
ATOM   427  C CG1 . ILE A 1 62  ? -5.665  -5.337  12.468  1.00 57.13  ? 62  ILE A CG1 1 
ATOM   428  C CG2 . ILE A 1 62  ? -3.773  -6.225  11.089  1.00 46.80  ? 62  ILE A CG2 1 
ATOM   429  C CD1 . ILE A 1 62  ? -5.438  -6.387  13.516  1.00 69.71  ? 62  ILE A CD1 1 
ATOM   430  N N   . VAL A 1 63  ? -2.125  -2.809  11.026  1.00 50.20  ? 63  VAL A N   1 
ATOM   431  C CA  . VAL A 1 63  ? -0.947  -2.438  10.250  1.00 50.83  ? 63  VAL A CA  1 
ATOM   432  C C   . VAL A 1 63  ? 0.244   -2.206  11.170  1.00 49.32  ? 63  VAL A C   1 
ATOM   433  O O   . VAL A 1 63  ? 1.373   -2.612  10.866  1.00 53.41  ? 63  VAL A O   1 
ATOM   434  C CB  . VAL A 1 63  ? -1.247  -1.198  9.387   1.00 56.00  ? 63  VAL A CB  1 
ATOM   435  C CG1 . VAL A 1 63  ? 0.038   -0.613  8.837   1.00 44.86  ? 63  VAL A CG1 1 
ATOM   436  C CG2 . VAL A 1 63  ? -2.186  -1.561  8.252   1.00 45.07  ? 63  VAL A CG2 1 
ATOM   437  N N   . GLU A 1 64  ? 0.006   -1.575  12.322  1.00 47.28  ? 64  GLU A N   1 
ATOM   438  C CA  . GLU A 1 64  ? 1.101   -1.260  13.233  1.00 58.39  ? 64  GLU A CA  1 
ATOM   439  C C   . GLU A 1 64  ? 1.668   -2.516  13.891  1.00 55.73  ? 64  GLU A C   1 
ATOM   440  O O   . GLU A 1 64  ? 2.890   -2.659  14.006  1.00 58.29  ? 64  GLU A O   1 
ATOM   441  C CB  . GLU A 1 64  ? 0.626   -0.251  14.281  1.00 55.57  ? 64  GLU A CB  1 
ATOM   442  C CG  . GLU A 1 64  ? 0.364   1.151   13.720  1.00 63.31  ? 64  GLU A CG  1 
ATOM   443  C CD  . GLU A 1 64  ? -0.329  2.078   14.708  1.00 70.10  ? 64  GLU A CD  1 
ATOM   444  O OE1 . GLU A 1 64  ? -0.886  1.584   15.710  1.00 78.18  ? 64  GLU A OE1 1 
ATOM   445  O OE2 . GLU A 1 64  ? -0.321  3.306   14.479  1.00 81.20  ? 64  GLU A OE2 1 
ATOM   446  N N   . VAL A 1 65  ? 0.806   -3.443  14.322  1.00 53.71  ? 65  VAL A N   1 
ATOM   447  C CA  . VAL A 1 65  ? 1.319   -4.643  14.981  1.00 55.56  ? 65  VAL A CA  1 
ATOM   448  C C   . VAL A 1 65  ? 2.031   -5.547  13.983  1.00 62.25  ? 65  VAL A C   1 
ATOM   449  O O   . VAL A 1 65  ? 2.964   -6.270  14.351  1.00 60.11  ? 65  VAL A O   1 
ATOM   450  C CB  . VAL A 1 65  ? 0.200   -5.401  15.724  1.00 54.66  ? 65  VAL A CB  1 
ATOM   451  C CG1 . VAL A 1 65  ? -0.539  -4.473  16.672  1.00 58.29  ? 65  VAL A CG1 1 
ATOM   452  C CG2 . VAL A 1 65  ? -0.759  -6.072  14.755  1.00 58.23  ? 65  VAL A CG2 1 
ATOM   453  N N   . LEU A 1 66  ? 1.618   -5.531  12.714  1.00 54.31  ? 66  LEU A N   1 
ATOM   454  C CA  . LEU A 1 66  ? 2.333   -6.315  11.714  1.00 48.29  ? 66  LEU A CA  1 
ATOM   455  C C   . LEU A 1 66  ? 3.718   -5.736  11.459  1.00 55.59  ? 66  LEU A C   1 
ATOM   456  O O   . LEU A 1 66  ? 4.707   -6.476  11.401  1.00 59.67  ? 66  LEU A O   1 
ATOM   457  C CB  . LEU A 1 66  ? 1.525   -6.385  10.418  1.00 50.26  ? 66  LEU A CB  1 
ATOM   458  C CG  . LEU A 1 66  ? 0.213   -7.174  10.475  1.00 56.10  ? 66  LEU A CG  1 
ATOM   459  C CD1 . LEU A 1 66  ? -0.591  -7.012  9.189   1.00 43.30  ? 66  LEU A CD1 1 
ATOM   460  C CD2 . LEU A 1 66  ? 0.474   -8.644  10.763  1.00 55.70  ? 66  LEU A CD2 1 
ATOM   461  N N   . LEU A 1 67  ? 3.811   -4.411  11.324  1.00 53.81  ? 67  LEU A N   1 
ATOM   462  C CA  . LEU A 1 67  ? 5.106   -3.777  11.095  1.00 63.56  ? 67  LEU A CA  1 
ATOM   463  C C   . LEU A 1 67  ? 6.039   -3.978  12.284  1.00 62.07  ? 67  LEU A C   1 
ATOM   464  O O   . LEU A 1 67  ? 7.249   -4.158  12.107  1.00 60.71  ? 67  LEU A O   1 
ATOM   465  C CB  . LEU A 1 67  ? 4.916   -2.288  10.803  1.00 53.72  ? 67  LEU A CB  1 
ATOM   466  C CG  . LEU A 1 67  ? 4.299   -1.939  9.445   1.00 57.09  ? 67  LEU A CG  1 
ATOM   467  C CD1 . LEU A 1 67  ? 3.894   -0.472  9.400   1.00 46.42  ? 67  LEU A CD1 1 
ATOM   468  C CD2 . LEU A 1 67  ? 5.269   -2.264  8.320   1.00 54.25  ? 67  LEU A CD2 1 
ATOM   469  N N   . LYS A 1 68  ? 5.495   -3.956  13.503  1.00 52.37  ? 68  LYS A N   1 
ATOM   470  C CA  . LYS A 1 68  ? 6.318   -4.149  14.691  1.00 69.01  ? 68  LYS A CA  1 
ATOM   471  C C   . LYS A 1 68  ? 6.882   -5.559  14.790  1.00 63.23  ? 68  LYS A C   1 
ATOM   472  O O   . LYS A 1 68  ? 7.841   -5.774  15.536  1.00 71.44  ? 68  LYS A O   1 
ATOM   473  C CB  . LYS A 1 68  ? 5.513   -3.828  15.949  1.00 61.50  ? 68  LYS A CB  1 
ATOM   474  C CG  . LYS A 1 68  ? 5.546   -2.366  16.332  1.00 76.90  ? 68  LYS A CG  1 
ATOM   475  C CD  . LYS A 1 68  ? 4.488   -2.038  17.366  1.00 85.59  ? 68  LYS A CD  1 
ATOM   476  C CE  . LYS A 1 68  ? 4.536   -0.563  17.726  1.00 80.57  ? 68  LYS A CE  1 
ATOM   477  N NZ  . LYS A 1 68  ? 3.175   -0.008  17.965  1.00 79.08  ? 68  LYS A NZ  1 
ATOM   478  N N   . ASN A 1 69  ? 6.313   -6.519  14.062  1.00 64.35  ? 69  ASN A N   1 
ATOM   479  C CA  . ASN A 1 69  ? 6.769   -7.902  14.098  1.00 61.44  ? 69  ASN A CA  1 
ATOM   480  C C   . ASN A 1 69  ? 7.380   -8.340  12.771  1.00 64.68  ? 69  ASN A C   1 
ATOM   481  O O   . ASN A 1 69  ? 7.251   -9.500  12.373  1.00 67.77  ? 69  ASN A O   1 
ATOM   482  C CB  . ASN A 1 69  ? 5.625   -8.832  14.490  1.00 63.29  ? 69  ASN A CB  1 
ATOM   483  C CG  . ASN A 1 69  ? 5.159   -8.612  15.919  1.00 75.76  ? 69  ASN A CG  1 
ATOM   484  O OD1 . ASN A 1 69  ? 5.662   -9.238  16.851  1.00 93.60  ? 69  ASN A OD1 1 
ATOM   485  N ND2 . ASN A 1 69  ? 4.188   -7.724  16.095  1.00 69.53  ? 69  ASN A ND2 1 
ATOM   486  N N   . GLY A 1 70  ? 8.039   -7.418  12.076  1.00 57.74  ? 70  GLY A N   1 
ATOM   487  C CA  . GLY A 1 70  ? 8.845   -7.781  10.929  1.00 59.00  ? 70  GLY A CA  1 
ATOM   488  C C   . GLY A 1 70  ? 8.099   -8.015  9.637   1.00 59.51  ? 70  GLY A C   1 
ATOM   489  O O   . GLY A 1 70  ? 8.626   -8.696  8.752   1.00 61.83  ? 70  GLY A O   1 
ATOM   490  N N   . ALA A 1 71  ? 6.887   -7.482  9.496   1.00 60.79  ? 71  ALA A N   1 
ATOM   491  C CA  . ALA A 1 71  ? 6.212   -7.540  8.207   1.00 61.49  ? 71  ALA A CA  1 
ATOM   492  C C   . ALA A 1 71  ? 7.002   -6.745  7.176   1.00 56.36  ? 71  ALA A C   1 
ATOM   493  O O   . ALA A 1 71  ? 7.538   -5.674  7.472   1.00 53.58  ? 71  ALA A O   1 
ATOM   494  C CB  . ALA A 1 71  ? 4.790   -6.995  8.314   1.00 59.71  ? 71  ALA A CB  1 
ATOM   495  N N   . ASP A 1 72  ? 7.101   -7.280  5.968   1.00 51.39  ? 72  ASP A N   1 
ATOM   496  C CA  . ASP A 1 72  ? 7.822   -6.615  4.893   1.00 58.32  ? 72  ASP A CA  1 
ATOM   497  C C   . ASP A 1 72  ? 6.992   -5.441  4.395   1.00 62.56  ? 72  ASP A C   1 
ATOM   498  O O   . ASP A 1 72  ? 5.975   -5.631  3.746   1.00 54.98  ? 72  ASP A O   1 
ATOM   499  C CB  . ASP A 1 72  ? 8.095   -7.595  3.758   1.00 49.28  ? 72  ASP A CB  1 
ATOM   500  C CG  . ASP A 1 72  ? 8.922   -6.986  2.656   1.00 75.47  ? 72  ASP A CG  1 
ATOM   501  O OD1 . ASP A 1 72  ? 9.396   -5.851  2.830   1.00 67.41  ? 72  ASP A OD1 1 
ATOM   502  O OD2 . ASP A 1 72  ? 9.099   -7.643  1.615   1.00 77.65  ? 72  ASP A OD2 1 
ATOM   503  N N   . VAL A 1 73  ? 7.441   -4.227  4.686   1.00 53.78  ? 73  VAL A N   1 
ATOM   504  C CA  . VAL A 1 73  ? 6.689   -3.036  4.313   1.00 54.54  ? 73  VAL A CA  1 
ATOM   505  C C   . VAL A 1 73  ? 6.640   -2.841  2.802   1.00 63.24  ? 73  VAL A C   1 
ATOM   506  O O   . VAL A 1 73  ? 5.757   -2.133  2.303   1.00 58.52  ? 73  VAL A O   1 
ATOM   507  C CB  . VAL A 1 73  ? 7.285   -1.797  5.012   1.00 63.03  ? 73  VAL A CB  1 
ATOM   508  C CG1 . VAL A 1 73  ? 8.620   -1.416  4.387   1.00 58.58  ? 73  VAL A CG1 1 
ATOM   509  C CG2 . VAL A 1 73  ? 6.302   -0.627  4.973   1.00 52.42  ? 73  VAL A CG2 1 
ATOM   510  N N   . ASN A 1 74  ? 7.546   -3.469  2.051   1.00 57.31  ? 74  ASN A N   1 
ATOM   511  C CA  . ASN A 1 74  ? 7.623   -3.282  0.607   1.00 52.76  ? 74  ASN A CA  1 
ATOM   512  C C   . ASN A 1 74  ? 7.324   -4.567  -0.157  1.00 57.09  ? 74  ASN A C   1 
ATOM   513  O O   . ASN A 1 74  ? 7.815   -4.759  -1.270  1.00 67.35  ? 74  ASN A O   1 
ATOM   514  C CB  . ASN A 1 74  ? 8.990   -2.729  0.211   1.00 54.38  ? 74  ASN A CB  1 
ATOM   515  C CG  . ASN A 1 74  ? 9.138   -1.259  0.547   1.00 65.17  ? 74  ASN A CG  1 
ATOM   516  O OD1 . ASN A 1 74  ? 8.253   -0.453  0.255   1.00 61.48  ? 74  ASN A OD1 1 
ATOM   517  N ND2 . ASN A 1 74  ? 10.252  -0.903  1.173   1.00 58.88  ? 74  ASN A ND2 1 
ATOM   518  N N   . ALA A 1 75  ? 6.501   -5.428  0.410   1.00 53.70  ? 75  ALA A N   1 
ATOM   519  C CA  . ALA A 1 75  ? 6.159   -6.650  -0.282  1.00 52.56  ? 75  ALA A CA  1 
ATOM   520  C C   . ALA A 1 75  ? 5.394   -6.338  -1.561  1.00 62.63  ? 75  ALA A C   1 
ATOM   521  O O   . ALA A 1 75  ? 4.582   -5.427  -1.602  1.00 60.25  ? 75  ALA A O   1 
ATOM   522  C CB  . ALA A 1 75  ? 5.339   -7.551  0.618   1.00 55.69  ? 75  ALA A CB  1 
ATOM   523  N N   . TYR A 1 76  ? 5.688   -7.086  -2.611  1.00 63.36  ? 76  TYR A N   1 
ATOM   524  C CA  . TYR A 1 76  ? 5.015   -6.951  -3.898  1.00 52.20  ? 76  TYR A CA  1 
ATOM   525  C C   . TYR A 1 76  ? 4.087   -8.139  -4.109  1.00 71.85  ? 76  TYR A C   1 
ATOM   526  O O   . TYR A 1 76  ? 4.489   -9.290  -3.908  1.00 67.63  ? 76  TYR A O   1 
ATOM   527  C CB  . TYR A 1 76  ? 6.025   -6.884  -5.048  1.00 76.85  ? 76  TYR A CB  1 
ATOM   528  C CG  . TYR A 1 76  ? 6.847   -5.613  -5.128  1.00 88.32  ? 76  TYR A CG  1 
ATOM   529  C CD1 . TYR A 1 76  ? 8.015   -5.467  -4.389  1.00 88.80  ? 76  TYR A CD1 1 
ATOM   530  C CD2 . TYR A 1 76  ? 6.466   -4.568  -5.962  1.00 94.21  ? 76  TYR A CD2 1 
ATOM   531  C CE1 . TYR A 1 76  ? 8.774   -4.308  -4.467  1.00 89.47  ? 76  TYR A CE1 1 
ATOM   532  C CE2 . TYR A 1 76  ? 7.216   -3.407  -6.047  1.00 92.86  ? 76  TYR A CE2 1 
ATOM   533  C CZ  . TYR A 1 76  ? 8.369   -3.282  -5.298  1.00 108.44 ? 76  TYR A CZ  1 
ATOM   534  O OH  . TYR A 1 76  ? 9.116   -2.129  -5.381  1.00 100.57 ? 76  TYR A OH  1 
ATOM   535  N N   . ASP A 1 77  ? 2.851   -7.867  -4.521  1.00 55.92  ? 77  ASP A N   1 
ATOM   536  C CA  . ASP A 1 77  ? 1.966   -8.944  -4.943  1.00 63.90  ? 77  ASP A CA  1 
ATOM   537  C C   . ASP A 1 77  ? 2.287   -9.296  -6.395  1.00 67.94  ? 77  ASP A C   1 
ATOM   538  O O   . ASP A 1 77  ? 3.244   -8.786  -6.984  1.00 67.56  ? 77  ASP A O   1 
ATOM   539  C CB  . ASP A 1 77  ? 0.501   -8.566  -4.721  1.00 60.57  ? 77  ASP A CB  1 
ATOM   540  C CG  . ASP A 1 77  ? 0.059   -7.359  -5.535  1.00 76.52  ? 77  ASP A CG  1 
ATOM   541  O OD1 . ASP A 1 77  ? 0.849   -6.829  -6.343  1.00 86.73  ? 77  ASP A OD1 1 
ATOM   542  O OD2 . ASP A 1 77  ? -1.105  -6.938  -5.362  1.00 76.06  ? 77  ASP A OD2 1 
ATOM   543  N N   . THR A 1 78  ? 1.489   -10.178 -7.000  1.00 66.02  ? 78  THR A N   1 
ATOM   544  C CA  . THR A 1 78  ? 1.794   -10.609 -8.359  1.00 76.76  ? 78  THR A CA  1 
ATOM   545  C C   . THR A 1 78  ? 1.569   -9.501  -9.380  1.00 78.01  ? 78  THR A C   1 
ATOM   546  O O   . THR A 1 78  ? 2.136   -9.562  -10.476 1.00 80.97  ? 78  THR A O   1 
ATOM   547  C CB  . THR A 1 78  ? 0.970   -11.846 -8.724  1.00 70.62  ? 78  THR A CB  1 
ATOM   548  O OG1 . THR A 1 78  ? -0.425  -11.525 -8.686  1.00 80.91  ? 78  THR A OG1 1 
ATOM   549  C CG2 . THR A 1 78  ? 1.255   -12.978 -7.746  1.00 62.52  ? 78  THR A CG2 1 
ATOM   550  N N   . ARG A 1 79  ? 0.772   -8.491  -9.044  1.00 73.94  ? 79  ARG A N   1 
ATOM   551  C CA  . ARG A 1 79  ? 0.591   -7.321  -9.893  1.00 70.92  ? 79  ARG A CA  1 
ATOM   552  C C   . ARG A 1 79  ? 1.605   -6.222  -9.614  1.00 72.36  ? 79  ARG A C   1 
ATOM   553  O O   . ARG A 1 79  ? 1.530   -5.160  -10.238 1.00 72.06  ? 79  ARG A O   1 
ATOM   554  C CB  . ARG A 1 79  ? -0.818  -6.747  -9.726  1.00 70.31  ? 79  ARG A CB  1 
ATOM   555  C CG  . ARG A 1 79  ? -1.862  -7.335  -10.658 1.00 86.01  ? 79  ARG A CG  1 
ATOM   556  C CD  . ARG A 1 79  ? -2.963  -8.007  -9.859  1.00 117.92 ? 79  ARG A CD  1 
ATOM   557  N NE  . ARG A 1 79  ? -3.385  -7.190  -8.722  1.00 127.42 ? 79  ARG A NE  1 
ATOM   558  C CZ  . ARG A 1 79  ? -3.965  -7.672  -7.627  1.00 123.76 ? 79  ARG A CZ  1 
ATOM   559  N NH1 . ARG A 1 79  ? -4.188  -8.975  -7.510  1.00 118.05 ? 79  ARG A NH1 1 
ATOM   560  N NH2 . ARG A 1 79  ? -4.316  -6.853  -6.644  1.00 107.63 ? 79  ARG A NH2 1 
ATOM   561  N N   . GLY A 1 80  ? 2.543   -6.441  -8.696  1.00 57.13  ? 80  GLY A N   1 
ATOM   562  C CA  . GLY A 1 80  ? 3.512   -5.423  -8.347  1.00 61.44  ? 80  GLY A CA  1 
ATOM   563  C C   . GLY A 1 80  ? 3.026   -4.372  -7.374  1.00 66.30  ? 80  GLY A C   1 
ATOM   564  O O   . GLY A 1 80  ? 3.733   -3.383  -7.152  1.00 71.11  ? 80  GLY A O   1 
ATOM   565  N N   . LEU A 1 81  ? 1.847   -4.554  -6.783  1.00 56.19  ? 81  LEU A N   1 
ATOM   566  C CA  . LEU A 1 81  ? 1.297   -3.574  -5.855  1.00 56.77  ? 81  LEU A CA  1 
ATOM   567  C C   . LEU A 1 81  ? 1.861   -3.791  -4.456  1.00 55.57  ? 81  LEU A C   1 
ATOM   568  O O   . LEU A 1 81  ? 1.887   -4.919  -3.956  1.00 54.17  ? 81  LEU A O   1 
ATOM   569  C CB  . LEU A 1 81  ? -0.227  -3.665  -5.827  1.00 52.15  ? 81  LEU A CB  1 
ATOM   570  C CG  . LEU A 1 81  ? -0.962  -3.202  -7.083  1.00 68.15  ? 81  LEU A CG  1 
ATOM   571  C CD1 . LEU A 1 81  ? -2.452  -3.464  -6.963  1.00 55.25  ? 81  LEU A CD1 1 
ATOM   572  C CD2 . LEU A 1 81  ? -0.700  -1.730  -7.321  1.00 58.24  ? 81  LEU A CD2 1 
ATOM   573  N N   . THR A 1 82  ? 2.309   -2.708  -3.829  1.00 49.13  ? 82  THR A N   1 
ATOM   574  C CA  . THR A 1 82  ? 2.792   -2.712  -2.457  1.00 46.25  ? 82  THR A CA  1 
ATOM   575  C C   . THR A 1 82  ? 1.684   -2.278  -1.510  1.00 57.57  ? 82  THR A C   1 
ATOM   576  O O   . THR A 1 82  ? 0.658   -1.747  -1.941  1.00 52.11  ? 82  THR A O   1 
ATOM   577  C CB  . THR A 1 82  ? 3.990   -1.769  -2.313  1.00 48.98  ? 82  THR A CB  1 
ATOM   578  O OG1 . THR A 1 82  ? 3.569   -0.422  -2.558  1.00 56.25  ? 82  THR A OG1 1 
ATOM   579  C CG2 . THR A 1 82  ? 5.084   -2.141  -3.300  1.00 51.57  ? 82  THR A CG2 1 
ATOM   580  N N   . PRO A 1 83  ? 1.847   -2.506  -0.203  1.00 54.18  ? 83  PRO A N   1 
ATOM   581  C CA  . PRO A 1 83  ? 0.852   -1.977  0.745   1.00 44.04  ? 83  PRO A CA  1 
ATOM   582  C C   . PRO A 1 83  ? 0.623   -0.481  0.614   1.00 50.69  ? 83  PRO A C   1 
ATOM   583  O O   . PRO A 1 83  ? -0.506  -0.017  0.821   1.00 45.69  ? 83  PRO A O   1 
ATOM   584  C CB  . PRO A 1 83  ? 1.452   -2.344  2.109   1.00 48.68  ? 83  PRO A CB  1 
ATOM   585  C CG  . PRO A 1 83  ? 2.230   -3.585  1.837   1.00 51.64  ? 83  PRO A CG  1 
ATOM   586  C CD  . PRO A 1 83  ? 2.812   -3.405  0.458   1.00 46.74  ? 83  PRO A CD  1 
ATOM   587  N N   . LEU A 1 84  ? 1.657   0.294   0.272   1.00 46.72  ? 84  LEU A N   1 
ATOM   588  C CA  . LEU A 1 84  ? 1.471   1.730   0.093   1.00 51.80  ? 84  LEU A CA  1 
ATOM   589  C C   . LEU A 1 84  ? 0.582   2.039   -1.108  1.00 47.54  ? 84  LEU A C   1 
ATOM   590  O O   . LEU A 1 84  ? -0.205  2.991   -1.059  1.00 41.32  ? 84  LEU A O   1 
ATOM   591  C CB  . LEU A 1 84  ? 2.825   2.425   -0.052  1.00 48.50  ? 84  LEU A CB  1 
ATOM   592  C CG  . LEU A 1 84  ? 2.821   3.954   -0.143  1.00 50.80  ? 84  LEU A CG  1 
ATOM   593  C CD1 . LEU A 1 84  ? 2.272   4.574   1.132   1.00 46.58  ? 84  LEU A CD1 1 
ATOM   594  C CD2 . LEU A 1 84  ? 4.216   4.489   -0.441  1.00 45.33  ? 84  LEU A CD2 1 
ATOM   595  N N   . HIS A 1 85  ? 0.699   1.258   -2.189  1.00 44.95  ? 85  HIS A N   1 
ATOM   596  C CA  . HIS A 1 85  ? -0.230  1.387   -3.309  1.00 46.92  ? 85  HIS A CA  1 
ATOM   597  C C   . HIS A 1 85  ? -1.672  1.275   -2.840  1.00 52.16  ? 85  HIS A C   1 
ATOM   598  O O   . HIS A 1 85  ? -2.527  2.091   -3.205  1.00 45.61  ? 85  HIS A O   1 
ATOM   599  C CB  . HIS A 1 85  ? 0.046   0.309   -4.363  1.00 44.76  ? 85  HIS A CB  1 
ATOM   600  C CG  . HIS A 1 85  ? 1.183   0.620   -5.287  1.00 58.30  ? 85  HIS A CG  1 
ATOM   601  N ND1 . HIS A 1 85  ? 2.396   -0.031  -5.217  1.00 53.97  ? 85  HIS A ND1 1 
ATOM   602  C CD2 . HIS A 1 85  ? 1.279   1.481   -6.328  1.00 53.14  ? 85  HIS A CD2 1 
ATOM   603  C CE1 . HIS A 1 85  ? 3.195   0.429   -6.163  1.00 62.02  ? 85  HIS A CE1 1 
ATOM   604  N NE2 . HIS A 1 85  ? 2.543   1.347   -6.850  1.00 56.97  ? 85  HIS A NE2 1 
ATOM   605  N N   . LEU A 1 86  ? -1.965  0.252   -2.034  1.00 51.25  ? 86  LEU A N   1 
ATOM   606  C CA  . LEU A 1 86  ? -3.342  -0.007  -1.630  1.00 42.87  ? 86  LEU A CA  1 
ATOM   607  C C   . LEU A 1 86  ? -3.849  1.058   -0.668  1.00 42.44  ? 86  LEU A C   1 
ATOM   608  O O   . LEU A 1 86  ? -5.003  1.489   -0.762  1.00 46.98  ? 86  LEU A O   1 
ATOM   609  C CB  . LEU A 1 86  ? -3.446  -1.397  -1.002  1.00 46.16  ? 86  LEU A CB  1 
ATOM   610  C CG  . LEU A 1 86  ? -3.008  -2.556  -1.898  1.00 53.79  ? 86  LEU A CG  1 
ATOM   611  C CD1 . LEU A 1 86  ? -3.068  -3.871  -1.141  1.00 54.14  ? 86  LEU A CD1 1 
ATOM   612  C CD2 . LEU A 1 86  ? -3.873  -2.615  -3.138  1.00 44.23  ? 86  LEU A CD2 1 
ATOM   613  N N   . ALA A 1 87  ? -3.001  1.495   0.266   1.00 41.94  ? 87  ALA A N   1 
ATOM   614  C CA  . ALA A 1 87  ? -3.412  2.540   1.198   1.00 42.43  ? 87  ALA A CA  1 
ATOM   615  C C   . ALA A 1 87  ? -3.738  3.834   0.463   1.00 48.49  ? 87  ALA A C   1 
ATOM   616  O O   . ALA A 1 87  ? -4.691  4.537   0.818   1.00 50.08  ? 87  ALA A O   1 
ATOM   617  C CB  . ALA A 1 87  ? -2.317  2.771   2.241   1.00 42.73  ? 87  ALA A CB  1 
ATOM   618  N N   . ALA A 1 88  ? -2.954  4.166   -0.564  1.00 46.45  ? 88  ALA A N   1 
ATOM   619  C CA  . ALA A 1 88  ? -3.221  5.372   -1.340  1.00 49.48  ? 88  ALA A CA  1 
ATOM   620  C C   . ALA A 1 88  ? -4.456  5.200   -2.212  1.00 46.52  ? 88  ALA A C   1 
ATOM   621  O O   . ALA A 1 88  ? -5.249  6.134   -2.373  1.00 51.06  ? 88  ALA A O   1 
ATOM   622  C CB  . ALA A 1 88  ? -2.005  5.721   -2.195  1.00 47.36  ? 88  ALA A CB  1 
ATOM   623  N N   . LEU A 1 89  ? -4.637  4.005   -2.775  1.00 48.12  ? 89  LEU A N   1 
ATOM   624  C CA  . LEU A 1 89  ? -5.773  3.743   -3.650  1.00 45.62  ? 89  LEU A CA  1 
ATOM   625  C C   . LEU A 1 89  ? -7.089  3.788   -2.885  1.00 53.29  ? 89  LEU A C   1 
ATOM   626  O O   . LEU A 1 89  ? -8.085  4.327   -3.381  1.00 50.30  ? 89  LEU A O   1 
ATOM   627  C CB  . LEU A 1 89  ? -5.589  2.385   -4.322  1.00 41.17  ? 89  LEU A CB  1 
ATOM   628  C CG  . LEU A 1 89  ? -6.700  1.896   -5.241  1.00 51.66  ? 89  LEU A CG  1 
ATOM   629  C CD1 . LEU A 1 89  ? -6.749  2.764   -6.478  1.00 55.07  ? 89  LEU A CD1 1 
ATOM   630  C CD2 . LEU A 1 89  ? -6.468  0.440   -5.604  1.00 58.74  ? 89  LEU A CD2 1 
ATOM   631  N N   . TYR A 1 90  ? -7.120  3.217   -1.684  1.00 42.41  ? 90  TYR A N   1 
ATOM   632  C CA  . TYR A 1 90  ? -8.331  3.182   -0.876  1.00 44.33  ? 90  TYR A CA  1 
ATOM   633  C C   . TYR A 1 90  ? -8.465  4.387   0.044   1.00 48.22  ? 90  TYR A C   1 
ATOM   634  O O   . TYR A 1 90  ? -9.405  4.435   0.844   1.00 51.82  ? 90  TYR A O   1 
ATOM   635  C CB  . TYR A 1 90  ? -8.380  1.886   -0.062  1.00 42.66  ? 90  TYR A CB  1 
ATOM   636  C CG  . TYR A 1 90  ? -8.770  0.684   -0.890  1.00 44.22  ? 90  TYR A CG  1 
ATOM   637  C CD1 . TYR A 1 90  ? -7.849  0.060   -1.722  1.00 48.99  ? 90  TYR A CD1 1 
ATOM   638  C CD2 . TYR A 1 90  ? -10.066 0.187   -0.854  1.00 47.28  ? 90  TYR A CD2 1 
ATOM   639  C CE1 . TYR A 1 90  ? -8.204  -1.034  -2.487  1.00 46.80  ? 90  TYR A CE1 1 
ATOM   640  C CE2 . TYR A 1 90  ? -10.431 -0.909  -1.614  1.00 47.58  ? 90  TYR A CE2 1 
ATOM   641  C CZ  . TYR A 1 90  ? -9.496  -1.514  -2.428  1.00 58.78  ? 90  TYR A CZ  1 
ATOM   642  O OH  . TYR A 1 90  ? -9.849  -2.602  -3.190  1.00 54.05  ? 90  TYR A OH  1 
ATOM   643  N N   . GLY A 1 91  ? -7.554  5.350   -0.048  1.00 43.52  ? 91  GLY A N   1 
ATOM   644  C CA  . GLY A 1 91  ? -7.689  6.608   0.668   1.00 44.38  ? 91  GLY A CA  1 
ATOM   645  C C   . GLY A 1 91  ? -7.535  6.538   2.173   1.00 50.46  ? 91  GLY A C   1 
ATOM   646  O O   . GLY A 1 91  ? -8.315  7.168   2.897   1.00 47.98  ? 91  GLY A O   1 
ATOM   647  N N   . HIS A 1 92  ? -6.543  5.800   2.667   1.00 46.59  ? 92  HIS A N   1 
ATOM   648  C CA  . HIS A 1 92  ? -6.315  5.638   4.105   1.00 47.07  ? 92  HIS A CA  1 
ATOM   649  C C   . HIS A 1 92  ? -5.074  6.440   4.488   1.00 43.32  ? 92  HIS A C   1 
ATOM   650  O O   . HIS A 1 92  ? -3.951  5.930   4.445   1.00 43.22  ? 92  HIS A O   1 
ATOM   651  C CB  . HIS A 1 92  ? -6.181  4.161   4.467   1.00 41.44  ? 92  HIS A CB  1 
ATOM   652  C CG  . HIS A 1 92  ? -7.432  3.375   4.227   1.00 40.18  ? 92  HIS A CG  1 
ATOM   653  N ND1 . HIS A 1 92  ? -8.659  3.767   4.715   1.00 48.48  ? 92  HIS A ND1 1 
ATOM   654  C CD2 . HIS A 1 92  ? -7.648  2.228   3.540   1.00 38.94  ? 92  HIS A CD2 1 
ATOM   655  C CE1 . HIS A 1 92  ? -9.579  2.894   4.343   1.00 46.38  ? 92  HIS A CE1 1 
ATOM   656  N NE2 . HIS A 1 92  ? -8.991  1.951   3.629   1.00 46.46  ? 92  HIS A NE2 1 
ATOM   657  N N   . LEU A 1 93  ? -5.297  7.690   4.893   1.00 41.75  ? 93  LEU A N   1 
ATOM   658  C CA  . LEU A 1 93  ? -4.205  8.640   5.080   1.00 43.22  ? 93  LEU A CA  1 
ATOM   659  C C   . LEU A 1 93  ? -3.258  8.212   6.200   1.00 47.50  ? 93  LEU A C   1 
ATOM   660  O O   . LEU A 1 93  ? -2.036  8.193   6.018   1.00 47.18  ? 93  LEU A O   1 
ATOM   661  C CB  . LEU A 1 93  ? -4.783  10.029  5.357   1.00 39.24  ? 93  LEU A CB  1 
ATOM   662  C CG  . LEU A 1 93  ? -3.771  11.099  5.752   1.00 47.82  ? 93  LEU A CG  1 
ATOM   663  C CD1 . LEU A 1 93  ? -2.803  11.365  4.614   1.00 49.96  ? 93  LEU A CD1 1 
ATOM   664  C CD2 . LEU A 1 93  ? -4.503  12.364  6.156   1.00 50.19  ? 93  LEU A CD2 1 
ATOM   665  N N   . GLU A 1 94  ? -3.798  7.887   7.381   1.00 43.82  ? 94  GLU A N   1 
ATOM   666  C CA  . GLU A 1 94  ? -2.925  7.544   8.504   1.00 45.71  ? 94  GLU A CA  1 
ATOM   667  C C   . GLU A 1 94  ? -2.119  6.287   8.224   1.00 44.47  ? 94  GLU A C   1 
ATOM   668  O O   . GLU A 1 94  ? -0.983  6.163   8.693   1.00 52.66  ? 94  GLU A O   1 
ATOM   669  C CB  . GLU A 1 94  ? -3.733  7.367   9.791   1.00 49.51  ? 94  GLU A CB  1 
ATOM   670  C CG  . GLU A 1 94  ? -4.592  8.559   10.162  1.00 69.92  ? 94  GLU A CG  1 
ATOM   671  C CD  . GLU A 1 94  ? -5.978  8.478   9.554   1.00 104.49 ? 94  GLU A CD  1 
ATOM   672  O OE1 . GLU A 1 94  ? -6.958  8.798   10.260  1.00 121.72 ? 94  GLU A OE1 1 
ATOM   673  O OE2 . GLU A 1 94  ? -6.087  8.080   8.374   1.00 85.35  ? 94  GLU A OE2 1 
ATOM   674  N N   . ILE A 1 95  ? -2.681  5.344   7.465   1.00 42.35  ? 95  ILE A N   1 
ATOM   675  C CA  . ILE A 1 95  ? -1.923  4.149   7.115   1.00 43.96  ? 95  ILE A CA  1 
ATOM   676  C C   . ILE A 1 95  ? -0.806  4.495   6.139   1.00 50.77  ? 95  ILE A C   1 
ATOM   677  O O   . ILE A 1 95  ? 0.306   3.962   6.237   1.00 45.16  ? 95  ILE A O   1 
ATOM   678  C CB  . ILE A 1 95  ? -2.861  3.064   6.560   1.00 43.61  ? 95  ILE A CB  1 
ATOM   679  C CG1 . ILE A 1 95  ? -3.795  2.577   7.669   1.00 49.27  ? 95  ILE A CG1 1 
ATOM   680  C CG2 . ILE A 1 95  ? -2.061  1.906   5.978   1.00 43.43  ? 95  ILE A CG2 1 
ATOM   681  C CD1 . ILE A 1 95  ? -4.717  1.465   7.246   1.00 51.55  ? 95  ILE A CD1 1 
ATOM   682  N N   . VAL A 1 96  ? -1.075  5.401   5.193   1.00 41.11  ? 96  VAL A N   1 
ATOM   683  C CA  . VAL A 1 96  ? -0.015  5.887   4.310   1.00 49.95  ? 96  VAL A CA  1 
ATOM   684  C C   . VAL A 1 96  ? 1.136   6.449   5.130   1.00 47.48  ? 96  VAL A C   1 
ATOM   685  O O   . VAL A 1 96  ? 2.311   6.170   4.855   1.00 50.66  ? 96  VAL A O   1 
ATOM   686  C CB  . VAL A 1 96  ? -0.566  6.937   3.327   1.00 51.60  ? 96  VAL A CB  1 
ATOM   687  C CG1 . VAL A 1 96  ? 0.577   7.664   2.633   1.00 43.90  ? 96  VAL A CG1 1 
ATOM   688  C CG2 . VAL A 1 96  ? -1.474  6.286   2.300   1.00 44.96  ? 96  VAL A CG2 1 
ATOM   689  N N   . GLU A 1 97  ? 0.817   7.232   6.163   1.00 41.41  ? 97  GLU A N   1 
ATOM   690  C CA  . GLU A 1 97  ? 1.856   7.844   6.985   1.00 53.43  ? 97  GLU A CA  1 
ATOM   691  C C   . GLU A 1 97  ? 2.650   6.798   7.758   1.00 54.45  ? 97  GLU A C   1 
ATOM   692  O O   . GLU A 1 97  ? 3.880   6.882   7.841   1.00 55.07  ? 97  GLU A O   1 
ATOM   693  C CB  . GLU A 1 97  ? 1.229   8.851   7.944   1.00 45.89  ? 97  GLU A CB  1 
ATOM   694  C CG  . GLU A 1 97  ? 0.267   9.801   7.266   1.00 67.45  ? 97  GLU A CG  1 
ATOM   695  C CD  . GLU A 1 97  ? 0.490   11.238  7.668   1.00 80.41  ? 97  GLU A CD  1 
ATOM   696  O OE1 . GLU A 1 97  ? -0.493  11.909  8.051   1.00 93.61  ? 97  GLU A OE1 1 
ATOM   697  O OE2 . GLU A 1 97  ? 1.652   11.695  7.599   1.00 92.04  ? 97  GLU A OE2 1 
ATOM   698  N N   . VAL A 1 98  ? 1.965   5.806   8.330   1.00 57.03  ? 98  VAL A N   1 
ATOM   699  C CA  . VAL A 1 98  ? 2.664   4.789   9.110   1.00 54.82  ? 98  VAL A CA  1 
ATOM   700  C C   . VAL A 1 98  ? 3.555   3.944   8.209   1.00 51.43  ? 98  VAL A C   1 
ATOM   701  O O   . VAL A 1 98  ? 4.690   3.613   8.572   1.00 54.10  ? 98  VAL A O   1 
ATOM   702  C CB  . VAL A 1 98  ? 1.656   3.926   9.890   1.00 55.40  ? 98  VAL A CB  1 
ATOM   703  C CG1 . VAL A 1 98  ? 2.359   2.759   10.553  1.00 66.64  ? 98  VAL A CG1 1 
ATOM   704  C CG2 . VAL A 1 98  ? 0.938   4.772   10.929  1.00 57.35  ? 98  VAL A CG2 1 
ATOM   705  N N   . LEU A 1 99  ? 3.065   3.593   7.018   1.00 47.58  ? 99  LEU A N   1 
ATOM   706  C CA  . LEU A 1 99  ? 3.881   2.827   6.081   1.00 48.43  ? 99  LEU A CA  1 
ATOM   707  C C   . LEU A 1 99  ? 5.145   3.587   5.699   1.00 53.97  ? 99  LEU A C   1 
ATOM   708  O O   . LEU A 1 99  ? 6.239   3.011   5.669   1.00 57.14  ? 99  LEU A O   1 
ATOM   709  C CB  . LEU A 1 99  ? 3.070   2.482   4.833   1.00 50.75  ? 99  LEU A CB  1 
ATOM   710  C CG  . LEU A 1 99  ? 1.931   1.476   5.000   1.00 58.42  ? 99  LEU A CG  1 
ATOM   711  C CD1 . LEU A 1 99  ? 1.135   1.357   3.710   1.00 38.82  ? 99  LEU A CD1 1 
ATOM   712  C CD2 . LEU A 1 99  ? 2.479   0.124   5.417   1.00 50.37  ? 99  LEU A CD2 1 
ATOM   713  N N   . LEU A 1 100 ? 5.012   4.880   5.395   1.00 52.23  ? 100 LEU A N   1 
ATOM   714  C CA  . LEU A 1 100 ? 6.185   5.681   5.058   1.00 57.08  ? 100 LEU A CA  1 
ATOM   715  C C   . LEU A 1 100 ? 7.166   5.733   6.222   1.00 54.08  ? 100 LEU A C   1 
ATOM   716  O O   . LEU A 1 100 ? 8.380   5.598   6.029   1.00 59.72  ? 100 LEU A O   1 
ATOM   717  C CB  . LEU A 1 100 ? 5.758   7.093   4.647   1.00 45.58  ? 100 LEU A CB  1 
ATOM   718  C CG  . LEU A 1 100 ? 5.050   7.197   3.290   1.00 48.95  ? 100 LEU A CG  1 
ATOM   719  C CD1 . LEU A 1 100 ? 4.447   8.578   3.089   1.00 47.62  ? 100 LEU A CD1 1 
ATOM   720  C CD2 . LEU A 1 100 ? 6.014   6.861   2.163   1.00 45.93  ? 100 LEU A CD2 1 
ATOM   721  N N   . LYS A 1 101 ? 6.652   5.916   7.440   1.00 51.35  ? 101 LYS A N   1 
ATOM   722  C CA  . LYS A 1 101 ? 7.495   5.945   8.629   1.00 62.92  ? 101 LYS A CA  1 
ATOM   723  C C   . LYS A 1 101 ? 8.275   4.649   8.818   1.00 62.62  ? 101 LYS A C   1 
ATOM   724  O O   . LYS A 1 101 ? 9.339   4.665   9.442   1.00 67.35  ? 101 LYS A O   1 
ATOM   725  C CB  . LYS A 1 101 ? 6.622   6.236   9.853   1.00 56.16  ? 101 LYS A CB  1 
ATOM   726  C CG  . LYS A 1 101 ? 7.365   6.372   11.165  1.00 73.05  ? 101 LYS A CG  1 
ATOM   727  C CD  . LYS A 1 101 ? 6.388   6.534   12.311  1.00 80.80  ? 101 LYS A CD  1 
ATOM   728  C CE  . LYS A 1 101 ? 7.066   6.328   13.650  1.00 87.01  ? 101 LYS A CE  1 
ATOM   729  N NZ  . LYS A 1 101 ? 6.072   6.182   14.749  1.00 95.34  ? 101 LYS A NZ  1 
ATOM   730  N N   . TYR A 1 102 ? 7.783   3.532   8.282   1.00 60.78  ? 102 TYR A N   1 
ATOM   731  C CA  . TYR A 1 102 ? 8.467   2.250   8.377   1.00 50.42  ? 102 TYR A CA  1 
ATOM   732  C C   . TYR A 1 102 ? 9.253   1.910   7.116   1.00 56.72  ? 102 TYR A C   1 
ATOM   733  O O   . TYR A 1 102 ? 9.603   0.744   6.912   1.00 62.58  ? 102 TYR A O   1 
ATOM   734  C CB  . TYR A 1 102 ? 7.469   1.136   8.693   1.00 58.08  ? 102 TYR A CB  1 
ATOM   735  C CG  . TYR A 1 102 ? 7.213   0.956   10.170  1.00 60.45  ? 102 TYR A CG  1 
ATOM   736  C CD1 . TYR A 1 102 ? 6.371   1.816   10.858  1.00 53.06  ? 102 TYR A CD1 1 
ATOM   737  C CD2 . TYR A 1 102 ? 7.822   -0.074  10.878  1.00 64.30  ? 102 TYR A CD2 1 
ATOM   738  C CE1 . TYR A 1 102 ? 6.135   1.658   12.208  1.00 63.48  ? 102 TYR A CE1 1 
ATOM   739  C CE2 . TYR A 1 102 ? 7.590   -0.242  12.231  1.00 61.84  ? 102 TYR A CE2 1 
ATOM   740  C CZ  . TYR A 1 102 ? 6.745   0.629   12.891  1.00 66.15  ? 102 TYR A CZ  1 
ATOM   741  O OH  . TYR A 1 102 ? 6.504   0.476   14.237  1.00 74.55  ? 102 TYR A OH  1 
ATOM   742  N N   . GLY A 1 103 ? 9.536   2.895   6.268   1.00 54.15  ? 103 GLY A N   1 
ATOM   743  C CA  . GLY A 1 103 ? 10.413  2.681   5.136   1.00 46.12  ? 103 GLY A CA  1 
ATOM   744  C C   . GLY A 1 103 ? 9.753   2.212   3.861   1.00 52.80  ? 103 GLY A C   1 
ATOM   745  O O   . GLY A 1 103 ? 10.424  1.603   3.019   1.00 56.33  ? 103 GLY A O   1 
ATOM   746  N N   . ALA A 1 104 ? 8.461   2.470   3.685   1.00 52.01  ? 104 ALA A N   1 
ATOM   747  C CA  . ALA A 1 104 ? 7.806   2.127   2.431   1.00 62.24  ? 104 ALA A CA  1 
ATOM   748  C C   . ALA A 1 104 ? 8.436   2.896   1.276   1.00 52.38  ? 104 ALA A C   1 
ATOM   749  O O   . ALA A 1 104 ? 8.789   4.071   1.411   1.00 54.27  ? 104 ALA A O   1 
ATOM   750  C CB  . ALA A 1 104 ? 6.310   2.427   2.507   1.00 49.78  ? 104 ALA A CB  1 
ATOM   751  N N   . ASP A 1 105 ? 8.596   2.221   0.141   1.00 47.04  ? 105 ASP A N   1 
ATOM   752  C CA  . ASP A 1 105 ? 9.142   2.846   -1.060  1.00 58.00  ? 105 ASP A CA  1 
ATOM   753  C C   . ASP A 1 105 ? 8.083   3.752   -1.677  1.00 58.72  ? 105 ASP A C   1 
ATOM   754  O O   . ASP A 1 105 ? 7.108   3.271   -2.267  1.00 55.60  ? 105 ASP A O   1 
ATOM   755  C CB  . ASP A 1 105 ? 9.597   1.775   -2.048  1.00 55.26  ? 105 ASP A CB  1 
ATOM   756  C CG  . ASP A 1 105 ? 10.252  2.359   -3.293  1.00 71.23  ? 105 ASP A CG  1 
ATOM   757  O OD1 . ASP A 1 105 ? 10.440  3.596   -3.358  1.00 61.53  ? 105 ASP A OD1 1 
ATOM   758  O OD2 . ASP A 1 105 ? 10.577  1.577   -4.212  1.00 72.84  ? 105 ASP A OD2 1 
ATOM   759  N N   . VAL A 1 106 ? 8.276   5.068   -1.547  1.00 53.20  ? 106 VAL A N   1 
ATOM   760  C CA  . VAL A 1 106 ? 7.289   6.026   -2.026  1.00 51.55  ? 106 VAL A CA  1 
ATOM   761  C C   . VAL A 1 106 ? 7.136   5.982   -3.541  1.00 57.01  ? 106 VAL A C   1 
ATOM   762  O O   . VAL A 1 106 ? 6.117   6.440   -4.069  1.00 57.13  ? 106 VAL A O   1 
ATOM   763  C CB  . VAL A 1 106 ? 7.662   7.447   -1.559  1.00 58.39  ? 106 VAL A CB  1 
ATOM   764  C CG1 . VAL A 1 106 ? 8.818   8.003   -2.382  1.00 51.45  ? 106 VAL A CG1 1 
ATOM   765  C CG2 . VAL A 1 106 ? 6.452   8.378   -1.622  1.00 51.52  ? 106 VAL A CG2 1 
ATOM   766  N N   . ASN A 1 107 ? 8.112   5.423   -4.260  1.00 48.12  ? 107 ASN A N   1 
ATOM   767  C CA  . ASN A 1 107 ? 8.114   5.456   -5.718  1.00 52.25  ? 107 ASN A CA  1 
ATOM   768  C C   . ASN A 1 107 ? 8.054   4.064   -6.338  1.00 58.40  ? 107 ASN A C   1 
ATOM   769  O O   . ASN A 1 107 ? 8.379   3.903   -7.517  1.00 61.21  ? 107 ASN A O   1 
ATOM   770  C CB  . ASN A 1 107 ? 9.341   6.212   -6.229  1.00 50.83  ? 107 ASN A CB  1 
ATOM   771  C CG  . ASN A 1 107 ? 9.227   7.710   -6.021  1.00 60.53  ? 107 ASN A CG  1 
ATOM   772  O OD1 . ASN A 1 107 ? 8.167   8.297   -6.238  1.00 65.53  ? 107 ASN A OD1 1 
ATOM   773  N ND2 . ASN A 1 107 ? 10.317  8.336   -5.590  1.00 57.78  ? 107 ASN A ND2 1 
ATOM   774  N N   . ALA A 1 108 ? 7.644   3.057   -5.571  1.00 56.46  ? 108 ALA A N   1 
ATOM   775  C CA  . ALA A 1 108 ? 7.465   1.727   -6.136  1.00 58.78  ? 108 ALA A CA  1 
ATOM   776  C C   . ALA A 1 108 ? 6.392   1.757   -7.215  1.00 60.67  ? 108 ALA A C   1 
ATOM   777  O O   . ALA A 1 108 ? 5.392   2.469   -7.101  1.00 55.98  ? 108 ALA A O   1 
ATOM   778  C CB  . ALA A 1 108 ? 7.082   0.732   -5.042  1.00 60.01  ? 108 ALA A CB  1 
ATOM   779  N N   . ASN A 1 109 ? 6.606   0.990   -8.277  1.00 58.34  ? 109 ASN A N   1 
ATOM   780  C CA  . ASN A 1 109 ? 5.637   0.898   -9.356  1.00 52.19  ? 109 ASN A CA  1 
ATOM   781  C C   . ASN A 1 109 ? 5.221   -0.548  -9.570  1.00 57.21  ? 109 ASN A C   1 
ATOM   782  O O   . ASN A 1 109 ? 5.986   -1.480  -9.307  1.00 62.84  ? 109 ASN A O   1 
ATOM   783  C CB  . ASN A 1 109 ? 6.182   1.488   -10.665 1.00 80.86  ? 109 ASN A CB  1 
ATOM   784  C CG  . ASN A 1 109 ? 7.651   1.200   -10.868 1.00 81.74  ? 109 ASN A CG  1 
ATOM   785  O OD1 . ASN A 1 109 ? 8.037   0.083   -11.211 1.00 81.52  ? 109 ASN A OD1 1 
ATOM   786  N ND2 . ASN A 1 109 ? 8.483   2.214   -10.668 1.00 89.85  ? 109 ASN A ND2 1 
ATOM   787  N N   . ASP A 1 110 ? 3.993   -0.722  -10.044 1.00 54.58  ? 110 ASP A N   1 
ATOM   788  C CA  . ASP A 1 110 ? 3.422   -2.043  -10.251 1.00 65.09  ? 110 ASP A CA  1 
ATOM   789  C C   . ASP A 1 110 ? 3.721   -2.504  -11.678 1.00 69.92  ? 110 ASP A C   1 
ATOM   790  O O   . ASP A 1 110 ? 4.580   -1.938  -12.361 1.00 66.52  ? 110 ASP A O   1 
ATOM   791  C CB  . ASP A 1 110 ? 1.922   -2.013  -9.940  1.00 66.45  ? 110 ASP A CB  1 
ATOM   792  C CG  . ASP A 1 110 ? 1.119   -1.278  -10.998 1.00 72.56  ? 110 ASP A CG  1 
ATOM   793  O OD1 . ASP A 1 110 ? 1.660   -0.346  -11.631 1.00 81.41  ? 110 ASP A OD1 1 
ATOM   794  O OD2 . ASP A 1 110 ? -0.062  -1.635  -11.193 1.00 79.62  ? 110 ASP A OD2 1 
ATOM   795  N N   . ILE A 1 111 ? 3.005   -3.528  -12.147 1.00 71.49  ? 111 ILE A N   1 
ATOM   796  C CA  . ILE A 1 111 ? 3.272   -4.090  -13.467 1.00 75.72  ? 111 ILE A CA  1 
ATOM   797  C C   . ILE A 1 111 ? 2.992   -3.063  -14.559 1.00 73.17  ? 111 ILE A C   1 
ATOM   798  O O   . ILE A 1 111 ? 3.721   -2.984  -15.557 1.00 80.82  ? 111 ILE A O   1 
ATOM   799  C CB  . ILE A 1 111 ? 2.460   -5.386  -13.664 1.00 57.79  ? 111 ILE A CB  1 
ATOM   800  C CG1 . ILE A 1 111 ? 3.336   -6.615  -13.397 1.00 86.00  ? 111 ILE A CG1 1 
ATOM   801  C CG2 . ILE A 1 111 ? 1.857   -5.462  -15.059 1.00 79.07  ? 111 ILE A CG2 1 
ATOM   802  C CD1 . ILE A 1 111 ? 3.991   -6.633  -12.028 1.00 87.18  ? 111 ILE A CD1 1 
ATOM   803  N N   . ASP A 1 112 ? 1.959   -2.243  -14.380 1.00 72.44  ? 112 ASP A N   1 
ATOM   804  C CA  . ASP A 1 112 ? 1.583   -1.237  -15.364 1.00 67.36  ? 112 ASP A CA  1 
ATOM   805  C C   . ASP A 1 112 ? 2.316   0.088   -15.174 1.00 65.18  ? 112 ASP A C   1 
ATOM   806  O O   . ASP A 1 112 ? 2.013   1.055   -15.879 1.00 63.57  ? 112 ASP A O   1 
ATOM   807  C CB  . ASP A 1 112 ? 0.071   -1.003  -15.324 1.00 71.40  ? 112 ASP A CB  1 
ATOM   808  C CG  . ASP A 1 112 ? -0.717  -2.219  -15.774 1.00 86.98  ? 112 ASP A CG  1 
ATOM   809  O OD1 . ASP A 1 112 ? -0.094  -3.182  -16.267 1.00 91.57  ? 112 ASP A OD1 1 
ATOM   810  O OD2 . ASP A 1 112 ? -1.959  -2.214  -15.632 1.00 88.75  ? 112 ASP A OD2 1 
ATOM   811  N N   . GLY A 1 113 ? 3.264   0.159   -14.244 1.00 61.64  ? 113 GLY A N   1 
ATOM   812  C CA  . GLY A 1 113 ? 4.021   1.375   -14.036 1.00 53.11  ? 113 GLY A CA  1 
ATOM   813  C C   . GLY A 1 113 ? 3.396   2.388   -13.102 1.00 61.69  ? 113 GLY A C   1 
ATOM   814  O O   . GLY A 1 113 ? 3.937   3.491   -12.962 1.00 56.71  ? 113 GLY A O   1 
ATOM   815  N N   . TYR A 1 114 ? 2.281   2.056   -12.454 1.00 55.44  ? 114 TYR A N   1 
ATOM   816  C CA  . TYR A 1 114 ? 1.627   2.990   -11.546 1.00 53.90  ? 114 TYR A CA  1 
ATOM   817  C C   . TYR A 1 114 ? 2.384   3.067   -10.226 1.00 51.72  ? 114 TYR A C   1 
ATOM   818  O O   . TYR A 1 114 ? 2.713   2.039   -9.628  1.00 53.72  ? 114 TYR A O   1 
ATOM   819  C CB  . TYR A 1 114 ? 0.177   2.573   -11.291 1.00 53.19  ? 114 TYR A CB  1 
ATOM   820  C CG  . TYR A 1 114 ? -0.731  2.665   -12.501 1.00 59.14  ? 114 TYR A CG  1 
ATOM   821  C CD1 . TYR A 1 114 ? -1.044  3.895   -13.067 1.00 62.66  ? 114 TYR A CD1 1 
ATOM   822  C CD2 . TYR A 1 114 ? -1.290  1.523   -13.065 1.00 78.35  ? 114 TYR A CD2 1 
ATOM   823  C CE1 . TYR A 1 114 ? -1.878  3.984   -14.170 1.00 72.44  ? 114 TYR A CE1 1 
ATOM   824  C CE2 . TYR A 1 114 ? -2.127  1.603   -14.167 1.00 86.07  ? 114 TYR A CE2 1 
ATOM   825  C CZ  . TYR A 1 114 ? -2.416  2.835   -14.714 1.00 77.08  ? 114 TYR A CZ  1 
ATOM   826  O OH  . TYR A 1 114 ? -3.246  2.918   -15.810 1.00 94.21  ? 114 TYR A OH  1 
ATOM   827  N N   . THR A 1 115 ? 2.664   4.279   -9.784  1.00 49.03  ? 115 THR A N   1 
ATOM   828  C CA  . THR A 1 115 ? 3.201   4.555   -8.461  1.00 51.51  ? 115 THR A CA  1 
ATOM   829  C C   . THR A 1 115 ? 2.064   4.908   -7.514  1.00 55.81  ? 115 THR A C   1 
ATOM   830  O O   . THR A 1 115 ? 0.936   5.149   -7.943  1.00 50.17  ? 115 THR A O   1 
ATOM   831  C CB  . THR A 1 115 ? 4.203   5.705   -8.536  1.00 53.32  ? 115 THR A CB  1 
ATOM   832  O OG1 . THR A 1 115 ? 3.513   6.907   -8.900  1.00 53.51  ? 115 THR A OG1 1 
ATOM   833  C CG2 . THR A 1 115 ? 5.273   5.407   -9.571  1.00 54.41  ? 115 THR A CG2 1 
ATOM   834  N N   . PRO A 1 116 ? 2.321   4.930   -6.199  1.00 49.96  ? 116 PRO A N   1 
ATOM   835  C CA  . PRO A 1 116 ? 1.272   5.406   -5.281  1.00 46.57  ? 116 PRO A CA  1 
ATOM   836  C C   . PRO A 1 116 ? 0.754   6.788   -5.633  1.00 53.86  ? 116 PRO A C   1 
ATOM   837  O O   . PRO A 1 116 ? -0.447  7.049   -5.482  1.00 47.67  ? 116 PRO A O   1 
ATOM   838  C CB  . PRO A 1 116 ? 1.977   5.391   -3.918  1.00 52.86  ? 116 PRO A CB  1 
ATOM   839  C CG  . PRO A 1 116 ? 2.968   4.302   -4.041  1.00 48.04  ? 116 PRO A CG  1 
ATOM   840  C CD  . PRO A 1 116 ? 3.465   4.364   -5.465  1.00 50.80  ? 116 PRO A CD  1 
ATOM   841  N N   . LEU A 1 117 ? 1.629   7.677   -6.113  1.00 43.80  ? 117 LEU A N   1 
ATOM   842  C CA  . LEU A 1 117 ? 1.191   9.004   -6.525  1.00 46.51  ? 117 LEU A CA  1 
ATOM   843  C C   . LEU A 1 117 ? 0.190   8.926   -7.670  1.00 45.93  ? 117 LEU A C   1 
ATOM   844  O O   . LEU A 1 117 ? -0.779  9.693   -7.702  1.00 46.19  ? 117 LEU A O   1 
ATOM   845  C CB  . LEU A 1 117 ? 2.396   9.849   -6.925  1.00 47.31  ? 117 LEU A CB  1 
ATOM   846  C CG  . LEU A 1 117 ? 2.120   11.344  -7.085  1.00 46.31  ? 117 LEU A CG  1 
ATOM   847  C CD1 . LEU A 1 117 ? 1.827   11.965  -5.730  1.00 44.55  ? 117 LEU A CD1 1 
ATOM   848  C CD2 . LEU A 1 117 ? 3.288   12.042  -7.765  1.00 45.09  ? 117 LEU A CD2 1 
ATOM   849  N N   . HIS A 1 118 ? 0.407   8.011   -8.620  1.00 44.27  ? 118 HIS A N   1 
ATOM   850  C CA  . HIS A 1 118 ? -0.550  7.827   -9.707  1.00 46.71  ? 118 HIS A CA  1 
ATOM   851  C C   . HIS A 1 118 ? -1.926  7.462   -9.170  1.00 51.45  ? 118 HIS A C   1 
ATOM   852  O O   . HIS A 1 118 ? -2.939  8.040   -9.581  1.00 45.77  ? 118 HIS A O   1 
ATOM   853  C CB  . HIS A 1 118 ? -0.062  6.743   -10.670 1.00 50.48  ? 118 HIS A CB  1 
ATOM   854  C CG  . HIS A 1 118 ? 1.006   7.196   -11.614 1.00 58.36  ? 118 HIS A CG  1 
ATOM   855  N ND1 . HIS A 1 118 ? 2.346   6.961   -11.392 1.00 60.50  ? 118 HIS A ND1 1 
ATOM   856  C CD2 . HIS A 1 118 ? 0.932   7.853   -12.797 1.00 64.97  ? 118 HIS A CD2 1 
ATOM   857  C CE1 . HIS A 1 118 ? 3.052   7.463   -12.389 1.00 62.42  ? 118 HIS A CE1 1 
ATOM   858  N NE2 . HIS A 1 118 ? 2.218   8.010   -13.255 1.00 67.29  ? 118 HIS A NE2 1 
ATOM   859  N N   . LEU A 1 119 ? -1.980  6.504   -8.240  1.00 46.31  ? 119 LEU A N   1 
ATOM   860  C CA  . LEU A 1 119 ? -3.265  6.004   -7.764  1.00 46.94  ? 119 LEU A CA  1 
ATOM   861  C C   . LEU A 1 119 ? -4.005  7.054   -6.947  1.00 42.77  ? 119 LEU A C   1 
ATOM   862  O O   . LEU A 1 119 ? -5.217  7.232   -7.112  1.00 52.02  ? 119 LEU A O   1 
ATOM   863  C CB  . LEU A 1 119 ? -3.059  4.731   -6.945  1.00 44.58  ? 119 LEU A CB  1 
ATOM   864  C CG  . LEU A 1 119 ? -2.332  3.609   -7.690  1.00 49.86  ? 119 LEU A CG  1 
ATOM   865  C CD1 . LEU A 1 119 ? -2.252  2.347   -6.847  1.00 46.54  ? 119 LEU A CD1 1 
ATOM   866  C CD2 . LEU A 1 119 ? -3.020  3.327   -9.010  1.00 47.96  ? 119 LEU A CD2 1 
ATOM   867  N N   . ALA A 1 120 ? -3.299  7.754   -6.056  1.00 39.46  ? 120 ALA A N   1 
ATOM   868  C CA  . ALA A 1 120 ? -3.951  8.783   -5.255  1.00 41.41  ? 120 ALA A CA  1 
ATOM   869  C C   . ALA A 1 120 ? -4.463  9.929   -6.119  1.00 45.96  ? 120 ALA A C   1 
ATOM   870  O O   . ALA A 1 120 ? -5.508  10.514  -5.815  1.00 45.72  ? 120 ALA A O   1 
ATOM   871  C CB  . ALA A 1 120 ? -2.989  9.306   -4.190  1.00 38.58  ? 120 ALA A CB  1 
ATOM   872  N N   . ALA A 1 121 ? -3.751  10.257  -7.197  1.00 46.50  ? 121 ALA A N   1 
ATOM   873  C CA  . ALA A 1 121 ? -4.201  11.321  -8.089  1.00 51.07  ? 121 ALA A CA  1 
ATOM   874  C C   . ALA A 1 121 ? -5.420  10.887  -8.892  1.00 46.52  ? 121 ALA A C   1 
ATOM   875  O O   . ALA A 1 121 ? -6.365  11.663  -9.063  1.00 49.11  ? 121 ALA A O   1 
ATOM   876  C CB  . ALA A 1 121 ? -3.063  11.741  -9.018  1.00 49.98  ? 121 ALA A CB  1 
ATOM   877  N N   . ASN A 1 122 ? -5.414  9.645   -9.385  1.00 45.70  ? 122 ASN A N   1 
ATOM   878  C CA  . ASN A 1 122 ? -6.555  9.125   -10.130 1.00 42.61  ? 122 ASN A CA  1 
ATOM   879  C C   . ASN A 1 122 ? -7.832  9.179   -9.298  1.00 60.09  ? 122 ASN A C   1 
ATOM   880  O O   . ASN A 1 122 ? -8.901  9.529   -9.808  1.00 51.29  ? 122 ASN A O   1 
ATOM   881  C CB  . ASN A 1 122 ? -6.253  7.691   -10.578 1.00 51.83  ? 122 ASN A CB  1 
ATOM   882  C CG  . ASN A 1 122 ? -7.256  7.155   -11.586 1.00 69.33  ? 122 ASN A CG  1 
ATOM   883  O OD1 . ASN A 1 122 ? -8.342  7.701   -11.761 1.00 79.99  ? 122 ASN A OD1 1 
ATOM   884  N ND2 . ASN A 1 122 ? -6.889  6.063   -12.248 1.00 79.55  ? 122 ASN A ND2 1 
ATOM   885  N N   . LEU A 1 123 ? -7.739  8.849   -8.011  1.00 44.65  ? 123 LEU A N   1 
ATOM   886  C CA  . LEU A 1 123 ? -8.893  8.816   -7.123  1.00 47.50  ? 123 LEU A CA  1 
ATOM   887  C C   . LEU A 1 123 ? -9.147  10.141  -6.415  1.00 50.37  ? 123 LEU A C   1 
ATOM   888  O O   . LEU A 1 123 ? -10.097 10.234  -5.632  1.00 55.17  ? 123 LEU A O   1 
ATOM   889  C CB  . LEU A 1 123 ? -8.726  7.703   -6.081  1.00 52.62  ? 123 LEU A CB  1 
ATOM   890  C CG  . LEU A 1 123 ? -9.244  6.306   -6.436  1.00 56.67  ? 123 LEU A CG  1 
ATOM   891  C CD1 . LEU A 1 123 ? -10.744 6.334   -6.674  1.00 51.61  ? 123 LEU A CD1 1 
ATOM   892  C CD2 . LEU A 1 123 ? -8.525  5.740   -7.646  1.00 53.67  ? 123 LEU A CD2 1 
ATOM   893  N N   . GLY A 1 124 ? -8.324  11.158  -6.659  1.00 48.03  ? 124 GLY A N   1 
ATOM   894  C CA  . GLY A 1 124 ? -8.574  12.475  -6.103  1.00 45.64  ? 124 GLY A CA  1 
ATOM   895  C C   . GLY A 1 124 ? -8.343  12.616  -4.613  1.00 46.34  ? 124 GLY A C   1 
ATOM   896  O O   . GLY A 1 124 ? -8.998  13.443  -3.973  1.00 46.35  ? 124 GLY A O   1 
ATOM   897  N N   . HIS A 1 125 ? -7.420  11.843  -4.040  1.00 46.83  ? 125 HIS A N   1 
ATOM   898  C CA  . HIS A 1 125 ? -7.118  11.928  -2.610  1.00 44.05  ? 125 HIS A CA  1 
ATOM   899  C C   . HIS A 1 125 ? -6.053  12.999  -2.417  1.00 47.30  ? 125 HIS A C   1 
ATOM   900  O O   . HIS A 1 125 ? -4.853  12.720  -2.417  1.00 42.29  ? 125 HIS A O   1 
ATOM   901  C CB  . HIS A 1 125 ? -6.661  10.577  -2.071  1.00 44.56  ? 125 HIS A CB  1 
ATOM   902  C CG  . HIS A 1 125 ? -7.674  9.487   -2.236  1.00 41.77  ? 125 HIS A CG  1 
ATOM   903  N ND1 . HIS A 1 125 ? -8.999  9.645   -1.900  1.00 52.05  ? 125 HIS A ND1 1 
ATOM   904  C CD2 . HIS A 1 125 ? -7.549  8.220   -2.701  1.00 44.15  ? 125 HIS A CD2 1 
ATOM   905  C CE1 . HIS A 1 125 ? -9.653  8.523   -2.153  1.00 47.40  ? 125 HIS A CE1 1 
ATOM   906  N NE2 . HIS A 1 125 ? -8.796  7.644   -2.637  1.00 44.84  ? 125 HIS A NE2 1 
ATOM   907  N N   . LEU A 1 126 ? -6.505  14.243  -2.224  1.00 44.99  ? 126 LEU A N   1 
ATOM   908  C CA  . LEU A 1 126 ? -5.602  15.390  -2.280  1.00 45.40  ? 126 LEU A CA  1 
ATOM   909  C C   . LEU A 1 126 ? -4.578  15.364  -1.152  1.00 47.70  ? 126 LEU A C   1 
ATOM   910  O O   . LEU A 1 126 ? -3.389  15.608  -1.380  1.00 42.19  ? 126 LEU A O   1 
ATOM   911  C CB  . LEU A 1 126 ? -6.403  16.694  -2.242  1.00 38.83  ? 126 LEU A CB  1 
ATOM   912  C CG  . LEU A 1 126 ? -6.697  17.331  -3.605  1.00 63.51  ? 126 LEU A CG  1 
ATOM   913  C CD1 . LEU A 1 126 ? -7.339  16.336  -4.562  1.00 58.67  ? 126 LEU A CD1 1 
ATOM   914  C CD2 . LEU A 1 126 ? -7.567  18.565  -3.439  1.00 58.44  ? 126 LEU A CD2 1 
ATOM   915  N N   . GLU A 1 127 ? -5.020  15.091  0.078   1.00 38.49  ? 127 GLU A N   1 
ATOM   916  C CA  . GLU A 1 127 ? -4.084  15.108  1.196   1.00 45.91  ? 127 GLU A CA  1 
ATOM   917  C C   . GLU A 1 127 ? -3.060  13.985  1.091   1.00 47.50  ? 127 GLU A C   1 
ATOM   918  O O   . GLU A 1 127 ? -1.888  14.181  1.433   1.00 46.26  ? 127 GLU A O   1 
ATOM   919  C CB  . GLU A 1 127 ? -4.839  15.018  2.523   1.00 47.09  ? 127 GLU A CB  1 
ATOM   920  C CG  . GLU A 1 127 ? -3.959  15.264  3.745   1.00 52.01  ? 127 GLU A CG  1 
ATOM   921  C CD  . GLU A 1 127 ? -4.761  15.573  5.004   1.00 67.91  ? 127 GLU A CD  1 
ATOM   922  O OE1 . GLU A 1 127 ? -6.007  15.621  4.929   1.00 74.87  ? 127 GLU A OE1 1 
ATOM   923  O OE2 . GLU A 1 127 ? -4.140  15.772  6.071   1.00 63.28  ? 127 GLU A OE2 1 
ATOM   924  N N   . ILE A 1 128 ? -3.474  12.810  0.617   1.00 43.87  ? 128 ILE A N   1 
ATOM   925  C CA  . ILE A 1 128 ? -2.521  11.723  0.427   1.00 40.54  ? 128 ILE A CA  1 
ATOM   926  C C   . ILE A 1 128 ? -1.483  12.106  -0.619  1.00 51.05  ? 128 ILE A C   1 
ATOM   927  O O   . ILE A 1 128 ? -0.293  11.802  -0.473  1.00 44.96  ? 128 ILE A O   1 
ATOM   928  C CB  . ILE A 1 128 ? -3.265  10.426  0.062   1.00 42.84  ? 128 ILE A CB  1 
ATOM   929  C CG1 . ILE A 1 128 ? -4.068  9.926   1.269   1.00 43.51  ? 128 ILE A CG1 1 
ATOM   930  C CG2 . ILE A 1 128 ? -2.292  9.361   -0.415  1.00 37.30  ? 128 ILE A CG2 1 
ATOM   931  C CD1 . ILE A 1 128 ? -4.866  8.680   1.000   1.00 45.85  ? 128 ILE A CD1 1 
ATOM   932  N N   . VAL A 1 129 ? -1.907  12.792  -1.684  1.00 41.91  ? 129 VAL A N   1 
ATOM   933  C CA  . VAL A 1 129 ? -0.961  13.266  -2.692  1.00 42.27  ? 129 VAL A CA  1 
ATOM   934  C C   . VAL A 1 129 ? 0.051   14.220  -2.064  1.00 43.97  ? 129 VAL A C   1 
ATOM   935  O O   . VAL A 1 129 ? 1.256   14.126  -2.313  1.00 43.85  ? 129 VAL A O   1 
ATOM   936  C CB  . VAL A 1 129 ? -1.708  13.927  -3.864  1.00 43.47  ? 129 VAL A CB  1 
ATOM   937  C CG1 . VAL A 1 129 ? -0.763  14.815  -4.662  1.00 42.05  ? 129 VAL A CG1 1 
ATOM   938  C CG2 . VAL A 1 129 ? -2.317  12.864  -4.757  1.00 44.74  ? 129 VAL A CG2 1 
ATOM   939  N N   . GLU A 1 130 ? -0.434  15.147  -1.235  1.00 38.19  ? 130 GLU A N   1 
ATOM   940  C CA  . GLU A 1 130 ? 0.466   16.082  -0.564  1.00 45.79  ? 130 GLU A CA  1 
ATOM   941  C C   . GLU A 1 130 ? 1.480   15.349  0.307   1.00 52.57  ? 130 GLU A C   1 
ATOM   942  O O   . GLU A 1 130 ? 2.665   15.705  0.327   1.00 47.29  ? 130 GLU A O   1 
ATOM   943  C CB  . GLU A 1 130 ? -0.346  17.065  0.275   1.00 38.29  ? 130 GLU A CB  1 
ATOM   944  C CG  . GLU A 1 130 ? 0.496   18.041  1.067   1.00 44.07  ? 130 GLU A CG  1 
ATOM   945  C CD  . GLU A 1 130 ? -0.340  18.906  1.984   1.00 57.23  ? 130 GLU A CD  1 
ATOM   946  O OE1 . GLU A 1 130 ? -1.538  18.599  2.169   1.00 54.13  ? 130 GLU A OE1 1 
ATOM   947  O OE2 . GLU A 1 130 ? 0.201   19.896  2.518   1.00 57.89  ? 130 GLU A OE2 1 
ATOM   948  N N   . VAL A 1 131 ? 1.036   14.320  1.029   1.00 46.86  ? 131 VAL A N   1 
ATOM   949  C CA  . VAL A 1 131 ? 1.935   13.583  1.910   1.00 48.78  ? 131 VAL A CA  1 
ATOM   950  C C   . VAL A 1 131 ? 2.960   12.801  1.097   1.00 47.96  ? 131 VAL A C   1 
ATOM   951  O O   . VAL A 1 131 ? 4.152   12.794  1.419   1.00 44.55  ? 131 VAL A O   1 
ATOM   952  C CB  . VAL A 1 131 ? 1.127   12.667  2.847   1.00 49.31  ? 131 VAL A CB  1 
ATOM   953  C CG1 . VAL A 1 131 ? 2.048   11.733  3.609   1.00 47.57  ? 131 VAL A CG1 1 
ATOM   954  C CG2 . VAL A 1 131 ? 0.302   13.506  3.811   1.00 42.36  ? 131 VAL A CG2 1 
ATOM   955  N N   . LEU A 1 132 ? 2.511   12.137  0.027   1.00 44.38  ? 132 LEU A N   1 
ATOM   956  C CA  . LEU A 1 132 ? 3.439   11.415  -0.837  1.00 46.25  ? 132 LEU A CA  1 
ATOM   957  C C   . LEU A 1 132 ? 4.487   12.351  -1.427  1.00 49.70  ? 132 LEU A C   1 
ATOM   958  O O   . LEU A 1 132 ? 5.668   11.993  -1.521  1.00 50.68  ? 132 LEU A O   1 
ATOM   959  C CB  . LEU A 1 132 ? 2.668   10.697  -1.948  1.00 42.77  ? 132 LEU A CB  1 
ATOM   960  C CG  . LEU A 1 132 ? 1.799   9.513   -1.518  1.00 45.89  ? 132 LEU A CG  1 
ATOM   961  C CD1 . LEU A 1 132 ? 1.029   8.953   -2.703  1.00 37.84  ? 132 LEU A CD1 1 
ATOM   962  C CD2 . LEU A 1 132 ? 2.653   8.433   -0.883  1.00 39.06  ? 132 LEU A CD2 1 
ATOM   963  N N   . LEU A 1 133 ? 4.081   13.564  -1.814  1.00 47.26  ? 133 LEU A N   1 
ATOM   964  C CA  . LEU A 1 133 ? 5.035   14.517  -2.372  1.00 49.86  ? 133 LEU A CA  1 
ATOM   965  C C   . LEU A 1 133 ? 6.076   14.928  -1.337  1.00 42.54  ? 133 LEU A C   1 
ATOM   966  O O   . LEU A 1 133 ? 7.264   15.041  -1.658  1.00 53.59  ? 133 LEU A O   1 
ATOM   967  C CB  . LEU A 1 133 ? 4.302   15.747  -2.913  1.00 41.93  ? 133 LEU A CB  1 
ATOM   968  C CG  . LEU A 1 133 ? 3.423   15.583  -4.158  1.00 53.07  ? 133 LEU A CG  1 
ATOM   969  C CD1 . LEU A 1 133 ? 2.580   16.830  -4.393  1.00 48.07  ? 133 LEU A CD1 1 
ATOM   970  C CD2 . LEU A 1 133 ? 4.259   15.272  -5.385  1.00 42.30  ? 133 LEU A CD2 1 
ATOM   971  N N   . LYS A 1 134 ? 5.650   15.158  -0.091  1.00 48.62  ? 134 LYS A N   1 
ATOM   972  C CA  . LYS A 1 134 ? 6.594   15.557  0.951   1.00 57.95  ? 134 LYS A CA  1 
ATOM   973  C C   . LYS A 1 134 ? 7.635   14.476  1.213   1.00 60.29  ? 134 LYS A C   1 
ATOM   974  O O   . LYS A 1 134 ? 8.781   14.789  1.551   1.00 57.30  ? 134 LYS A O   1 
ATOM   975  C CB  . LYS A 1 134 ? 5.846   15.904  2.243   1.00 55.65  ? 134 LYS A CB  1 
ATOM   976  C CG  . LYS A 1 134 ? 6.754   16.347  3.391   1.00 67.49  ? 134 LYS A CG  1 
ATOM   977  C CD  . LYS A 1 134 ? 5.996   17.102  4.476   1.00 85.51  ? 134 LYS A CD  1 
ATOM   978  C CE  . LYS A 1 134 ? 5.339   16.166  5.486   1.00 91.09  ? 134 LYS A CE  1 
ATOM   979  N NZ  . LYS A 1 134 ? 6.326   15.545  6.415   1.00 93.85  ? 134 LYS A NZ  1 
ATOM   980  N N   . HIS A 1 135 ? 7.272   13.206  1.041   1.00 53.48  ? 135 HIS A N   1 
ATOM   981  C CA  . HIS A 1 135 ? 8.200   12.102  1.239   1.00 50.77  ? 135 HIS A CA  1 
ATOM   982  C C   . HIS A 1 135 ? 8.926   11.709  -0.041  1.00 49.91  ? 135 HIS A C   1 
ATOM   983  O O   . HIS A 1 135 ? 9.460   10.597  -0.124  1.00 58.54  ? 135 HIS A O   1 
ATOM   984  C CB  . HIS A 1 135 ? 7.466   10.905  1.841   1.00 53.62  ? 135 HIS A CB  1 
ATOM   985  C CG  . HIS A 1 135 ? 7.061   11.112  3.268   1.00 57.30  ? 135 HIS A CG  1 
ATOM   986  N ND1 . HIS A 1 135 ? 7.595   10.383  4.308   1.00 64.73  ? 135 HIS A ND1 1 
ATOM   987  C CD2 . HIS A 1 135 ? 6.187   11.983  3.828   1.00 57.58  ? 135 HIS A CD2 1 
ATOM   988  C CE1 . HIS A 1 135 ? 7.058   10.788  5.447   1.00 61.70  ? 135 HIS A CE1 1 
ATOM   989  N NE2 . HIS A 1 135 ? 6.202   11.758  5.182   1.00 61.93  ? 135 HIS A NE2 1 
ATOM   990  N N   . GLY A 1 136 ? 8.954   12.592  -1.036  1.00 49.73  ? 136 GLY A N   1 
ATOM   991  C CA  . GLY A 1 136 ? 9.796   12.393  -2.196  1.00 47.23  ? 136 GLY A CA  1 
ATOM   992  C C   . GLY A 1 136 ? 9.178   11.642  -3.351  1.00 49.76  ? 136 GLY A C   1 
ATOM   993  O O   . GLY A 1 136 ? 9.905   10.987  -4.105  1.00 55.74  ? 136 GLY A O   1 
ATOM   994  N N   . ALA A 1 137 ? 7.860   11.715  -3.523  1.00 52.72  ? 137 ALA A N   1 
ATOM   995  C CA  . ALA A 1 137 ? 7.237   11.087  -4.680  1.00 57.02  ? 137 ALA A CA  1 
ATOM   996  C C   . ALA A 1 137 ? 7.724   11.751  -5.963  1.00 57.05  ? 137 ALA A C   1 
ATOM   997  O O   . ALA A 1 137 ? 7.884   12.972  -6.029  1.00 54.74  ? 137 ALA A O   1 
ATOM   998  C CB  . ALA A 1 137 ? 5.714   11.175  -4.585  1.00 50.86  ? 137 ALA A CB  1 
ATOM   999  N N   . ASP A 1 138 ? 7.967   10.934  -6.985  1.00 56.33  ? 138 ASP A N   1 
ATOM   1000 C CA  . ASP A 1 138 ? 8.535   11.414  -8.242  1.00 68.26  ? 138 ASP A CA  1 
ATOM   1001 C C   . ASP A 1 138 ? 7.417   11.926  -9.141  1.00 64.37  ? 138 ASP A C   1 
ATOM   1002 O O   . ASP A 1 138 ? 6.606   11.144  -9.648  1.00 55.19  ? 138 ASP A O   1 
ATOM   1003 C CB  . ASP A 1 138 ? 9.321   10.299  -8.925  1.00 60.05  ? 138 ASP A CB  1 
ATOM   1004 C CG  . ASP A 1 138 ? 9.950   10.739  -10.233 1.00 68.54  ? 138 ASP A CG  1 
ATOM   1005 O OD1 . ASP A 1 138 ? 10.068  11.962  -10.472 1.00 66.71  ? 138 ASP A OD1 1 
ATOM   1006 O OD2 . ASP A 1 138 ? 10.325  9.853   -11.028 1.00 78.53  ? 138 ASP A OD2 1 
ATOM   1007 N N   . VAL A 1 139 ? 7.386   13.244  -9.360  1.00 59.13  ? 139 VAL A N   1 
ATOM   1008 C CA  . VAL A 1 139 ? 6.346   13.835  -10.193 1.00 54.62  ? 139 VAL A CA  1 
ATOM   1009 C C   . VAL A 1 139 ? 6.526   13.496  -11.668 1.00 63.54  ? 139 VAL A C   1 
ATOM   1010 O O   . VAL A 1 139 ? 5.573   13.616  -12.446 1.00 59.95  ? 139 VAL A O   1 
ATOM   1011 C CB  . VAL A 1 139 ? 6.313   15.360  -9.983  1.00 62.59  ? 139 VAL A CB  1 
ATOM   1012 C CG1 . VAL A 1 139 ? 6.086   15.678  -8.518  1.00 59.32  ? 139 VAL A CG1 1 
ATOM   1013 C CG2 . VAL A 1 139 ? 7.603   15.995  -10.472 1.00 66.18  ? 139 VAL A CG2 1 
ATOM   1014 N N   . ASN A 1 140 ? 7.719   13.065  -12.074 1.00 60.74  ? 140 ASN A N   1 
ATOM   1015 C CA  . ASN A 1 140 ? 8.012   12.753  -13.468 1.00 59.99  ? 140 ASN A CA  1 
ATOM   1016 C C   . ASN A 1 140 ? 7.833   11.279  -13.806 1.00 67.34  ? 140 ASN A C   1 
ATOM   1017 O O   . ASN A 1 140 ? 8.002   10.906  -14.971 1.00 65.23  ? 140 ASN A O   1 
ATOM   1018 C CB  . ASN A 1 140 ? 9.442   13.185  -13.812 1.00 69.71  ? 140 ASN A CB  1 
ATOM   1019 C CG  . ASN A 1 140 ? 9.697   14.649  -13.514 1.00 66.55  ? 140 ASN A CG  1 
ATOM   1020 O OD1 . ASN A 1 140 ? 8.914   15.518  -13.899 1.00 75.33  ? 140 ASN A OD1 1 
ATOM   1021 N ND2 . ASN A 1 140 ? 10.792  14.929  -12.814 1.00 76.72  ? 140 ASN A ND2 1 
ATOM   1022 N N   . ALA A 1 141 ? 7.504   10.437  -12.828 1.00 57.64  ? 141 ALA A N   1 
ATOM   1023 C CA  . ALA A 1 141 ? 7.307   9.019   -13.096 1.00 59.77  ? 141 ALA A CA  1 
ATOM   1024 C C   . ALA A 1 141 ? 6.126   8.819   -14.037 1.00 61.67  ? 141 ALA A C   1 
ATOM   1025 O O   . ALA A 1 141 ? 5.035   9.351   -13.805 1.00 57.58  ? 141 ALA A O   1 
ATOM   1026 C CB  . ALA A 1 141 ? 7.082   8.257   -11.792 1.00 61.21  ? 141 ALA A CB  1 
ATOM   1027 N N   . GLN A 1 142 ? 6.345   8.054   -15.101 1.00 60.99  ? 142 GLN A N   1 
ATOM   1028 C CA  . GLN A 1 142 ? 5.329   7.788   -16.105 1.00 58.64  ? 142 GLN A CA  1 
ATOM   1029 C C   . GLN A 1 142 ? 4.849   6.346   -15.999 1.00 58.59  ? 142 GLN A C   1 
ATOM   1030 O O   . GLN A 1 142 ? 5.629   5.436   -15.711 1.00 61.92  ? 142 GLN A O   1 
ATOM   1031 C CB  . GLN A 1 142 ? 5.868   8.051   -17.518 1.00 61.01  ? 142 GLN A CB  1 
ATOM   1032 C CG  . GLN A 1 142 ? 6.300   9.491   -17.765 1.00 77.25  ? 142 GLN A CG  1 
ATOM   1033 C CD  . GLN A 1 142 ? 6.697   9.746   -19.210 1.00 82.41  ? 142 GLN A CD  1 
ATOM   1034 O OE1 . GLN A 1 142 ? 6.680   8.839   -20.042 1.00 78.31  ? 142 GLN A OE1 1 
ATOM   1035 N NE2 . GLN A 1 142 ? 7.053   10.989  -19.513 1.00 86.26  ? 142 GLN A NE2 1 
ATOM   1036 N N   . ASP A 1 143 ? 3.557   6.149   -16.236 1.00 55.06  ? 143 ASP A N   1 
ATOM   1037 C CA  . ASP A 1 143 ? 2.983   4.814   -16.280 1.00 64.56  ? 143 ASP A CA  1 
ATOM   1038 C C   . ASP A 1 143 ? 3.174   4.237   -17.685 1.00 65.97  ? 143 ASP A C   1 
ATOM   1039 O O   . ASP A 1 143 ? 3.849   4.826   -18.532 1.00 69.26  ? 143 ASP A O   1 
ATOM   1040 C CB  . ASP A 1 143 ? 1.517   4.858   -15.846 1.00 64.43  ? 143 ASP A CB  1 
ATOM   1041 C CG  . ASP A 1 143 ? 0.658   5.738   -16.742 1.00 74.80  ? 143 ASP A CG  1 
ATOM   1042 O OD1 . ASP A 1 143 ? 1.200   6.385   -17.663 1.00 75.89  ? 143 ASP A OD1 1 
ATOM   1043 O OD2 . ASP A 1 143 ? -0.572  5.768   -16.530 1.00 76.14  ? 143 ASP A OD2 1 
ATOM   1044 N N   . LYS A 1 144 ? 2.574   3.074   -17.952 1.00 68.51  ? 144 LYS A N   1 
ATOM   1045 C CA  . LYS A 1 144 ? 2.752   2.426   -19.248 1.00 71.79  ? 144 LYS A CA  1 
ATOM   1046 C C   . LYS A 1 144 ? 2.068   3.179   -20.379 1.00 73.77  ? 144 LYS A C   1 
ATOM   1047 O O   . LYS A 1 144 ? 2.314   2.862   -21.548 1.00 76.63  ? 144 LYS A O   1 
ATOM   1048 C CB  . LYS A 1 144 ? 2.245   0.981   -19.201 1.00 72.08  ? 144 LYS A CB  1 
ATOM   1049 C CG  . LYS A 1 144 ? 0.732   0.819   -19.258 1.00 75.05  ? 144 LYS A CG  1 
ATOM   1050 C CD  . LYS A 1 144 ? 0.359   -0.657  -19.385 1.00 80.27  ? 144 LYS A CD  1 
ATOM   1051 C CE  . LYS A 1 144 ? -1.144  -0.857  -19.517 1.00 91.76  ? 144 LYS A CE  1 
ATOM   1052 N NZ  . LYS A 1 144 ? -1.511  -2.293  -19.693 1.00 90.99  ? 144 LYS A NZ  1 
ATOM   1053 N N   . PHE A 1 145 ? 1.222   4.155   -20.065 1.00 71.71  ? 145 PHE A N   1 
ATOM   1054 C CA  . PHE A 1 145 ? 0.633   5.038   -21.059 1.00 65.30  ? 145 PHE A CA  1 
ATOM   1055 C C   . PHE A 1 145 ? 1.400   6.345   -21.195 1.00 61.19  ? 145 PHE A C   1 
ATOM   1056 O O   . PHE A 1 145 ? 0.913   7.274   -21.847 1.00 71.91  ? 145 PHE A O   1 
ATOM   1057 C CB  . PHE A 1 145 ? -0.826  5.331   -20.708 1.00 72.95  ? 145 PHE A CB  1 
ATOM   1058 C CG  . PHE A 1 145 ? -1.671  4.102   -20.558 1.00 80.23  ? 145 PHE A CG  1 
ATOM   1059 C CD1 . PHE A 1 145 ? -2.284  3.531   -21.660 1.00 89.00  ? 145 PHE A CD1 1 
ATOM   1060 C CD2 . PHE A 1 145 ? -1.864  3.524   -19.314 1.00 89.91  ? 145 PHE A CD2 1 
ATOM   1061 C CE1 . PHE A 1 145 ? -3.070  2.400   -21.525 1.00 93.71  ? 145 PHE A CE1 1 
ATOM   1062 C CE2 . PHE A 1 145 ? -2.648  2.393   -19.174 1.00 90.33  ? 145 PHE A CE2 1 
ATOM   1063 C CZ  . PHE A 1 145 ? -3.252  1.831   -20.282 1.00 93.98  ? 145 PHE A CZ  1 
ATOM   1064 N N   . GLY A 1 146 ? 2.580   6.442   -20.583 1.00 62.42  ? 146 GLY A N   1 
ATOM   1065 C CA  . GLY A 1 146 ? 3.358   7.665   -20.637 1.00 57.03  ? 146 GLY A CA  1 
ATOM   1066 C C   . GLY A 1 146 ? 2.782   8.827   -19.862 1.00 76.72  ? 146 GLY A C   1 
ATOM   1067 O O   . GLY A 1 146 ? 3.157   9.974   -20.118 1.00 73.05  ? 146 GLY A O   1 
ATOM   1068 N N   . LYS A 1 147 ? 1.885   8.570   -18.913 1.00 66.56  ? 147 LYS A N   1 
ATOM   1069 C CA  . LYS A 1 147 ? 1.228   9.625   -18.154 1.00 63.09  ? 147 LYS A CA  1 
ATOM   1070 C C   . LYS A 1 147 ? 1.837   9.739   -16.762 1.00 63.96  ? 147 LYS A C   1 
ATOM   1071 O O   . LYS A 1 147 ? 2.083   8.725   -16.099 1.00 54.88  ? 147 LYS A O   1 
ATOM   1072 C CB  . LYS A 1 147 ? -0.277  9.368   -18.049 1.00 65.45  ? 147 LYS A CB  1 
ATOM   1073 C CG  . LYS A 1 147 ? -0.972  9.237   -19.396 1.00 77.91  ? 147 LYS A CG  1 
ATOM   1074 C CD  . LYS A 1 147 ? -2.338  9.905   -19.390 1.00 73.52  ? 147 LYS A CD  1 
ATOM   1075 C CE  . LYS A 1 147 ? -2.977  9.843   -20.768 1.00 78.81  ? 147 LYS A CE  1 
ATOM   1076 N NZ  . LYS A 1 147 ? -2.071  10.382  -21.821 1.00 88.28  ? 147 LYS A NZ  1 
ATOM   1077 N N   . THR A 1 148 ? 2.086   10.972  -16.335 1.00 56.84  ? 148 THR A N   1 
ATOM   1078 C CA  . THR A 1 148 ? 2.480   11.274  -14.970 1.00 56.91  ? 148 THR A CA  1 
ATOM   1079 C C   . THR A 1 148 ? 1.242   11.517  -14.111 1.00 62.13  ? 148 THR A C   1 
ATOM   1080 O O   . THR A 1 148 ? 0.111   11.571  -14.600 1.00 55.67  ? 148 THR A O   1 
ATOM   1081 C CB  . THR A 1 148 ? 3.388   12.502  -14.931 1.00 53.71  ? 148 THR A CB  1 
ATOM   1082 O OG1 . THR A 1 148 ? 2.644   13.653  -15.353 1.00 52.37  ? 148 THR A OG1 1 
ATOM   1083 C CG2 . THR A 1 148 ? 4.584   12.311  -15.849 1.00 58.85  ? 148 THR A CG2 1 
ATOM   1084 N N   . ALA A 1 149 ? 1.465   11.665  -12.804 1.00 52.97  ? 149 ALA A N   1 
ATOM   1085 C CA  . ALA A 1 149 ? 0.360   12.018  -11.921 1.00 48.48  ? 149 ALA A CA  1 
ATOM   1086 C C   . ALA A 1 149 ? -0.236  13.365  -12.299 1.00 51.29  ? 149 ALA A C   1 
ATOM   1087 O O   . ALA A 1 149 ? -1.453  13.551  -12.213 1.00 48.77  ? 149 ALA A O   1 
ATOM   1088 C CB  . ALA A 1 149 ? 0.827   12.030  -10.467 1.00 44.87  ? 149 ALA A CB  1 
ATOM   1089 N N   . PHE A 1 150 ? 0.604   14.306  -12.738 1.00 47.12  ? 150 PHE A N   1 
ATOM   1090 C CA  . PHE A 1 150 ? 0.113   15.610  -13.173 1.00 49.72  ? 150 PHE A CA  1 
ATOM   1091 C C   . PHE A 1 150 ? -0.758  15.489  -14.419 1.00 54.23  ? 150 PHE A C   1 
ATOM   1092 O O   . PHE A 1 150 ? -1.783  16.170  -14.533 1.00 52.52  ? 150 PHE A O   1 
ATOM   1093 C CB  . PHE A 1 150 ? 1.295   16.549  -13.418 1.00 43.96  ? 150 PHE A CB  1 
ATOM   1094 C CG  . PHE A 1 150 ? 0.910   17.895  -13.973 1.00 55.24  ? 150 PHE A CG  1 
ATOM   1095 C CD1 . PHE A 1 150 ? 0.290   18.841  -13.173 1.00 54.73  ? 150 PHE A CD1 1 
ATOM   1096 C CD2 . PHE A 1 150 ? 1.197   18.221  -15.288 1.00 63.33  ? 150 PHE A CD2 1 
ATOM   1097 C CE1 . PHE A 1 150 ? -0.057  20.081  -13.683 1.00 51.25  ? 150 PHE A CE1 1 
ATOM   1098 C CE2 . PHE A 1 150 ? 0.856   19.459  -15.801 1.00 55.88  ? 150 PHE A CE2 1 
ATOM   1099 C CZ  . PHE A 1 150 ? 0.230   20.390  -14.998 1.00 53.24  ? 150 PHE A CZ  1 
ATOM   1100 N N   . ASP A 1 151 ? -0.369  14.626  -15.364 1.00 52.65  ? 151 ASP A N   1 
ATOM   1101 C CA  . ASP A 1 151 ? -1.180  14.440  -16.564 1.00 54.30  ? 151 ASP A CA  1 
ATOM   1102 C C   . ASP A 1 151 ? -2.565  13.912  -16.213 1.00 60.35  ? 151 ASP A C   1 
ATOM   1103 O O   . ASP A 1 151 ? -3.566  14.323  -16.813 1.00 51.40  ? 151 ASP A O   1 
ATOM   1104 C CB  . ASP A 1 151 ? -0.477  13.497  -17.544 1.00 50.82  ? 151 ASP A CB  1 
ATOM   1105 C CG  . ASP A 1 151 ? 0.886   14.013  -17.983 1.00 66.48  ? 151 ASP A CG  1 
ATOM   1106 O OD1 . ASP A 1 151 ? 1.005   15.227  -18.255 1.00 55.21  ? 151 ASP A OD1 1 
ATOM   1107 O OD2 . ASP A 1 151 ? 1.841   13.208  -18.038 1.00 67.83  ? 151 ASP A OD2 1 
ATOM   1108 N N   . ILE A 1 152 ? -2.642  13.009  -15.233 1.00 46.30  ? 152 ILE A N   1 
ATOM   1109 C CA  . ILE A 1 152 ? -3.928  12.454  -14.827 1.00 47.09  ? 152 ILE A CA  1 
ATOM   1110 C C   . ILE A 1 152 ? -4.834  13.545  -14.269 1.00 42.19  ? 152 ILE A C   1 
ATOM   1111 O O   . ILE A 1 152 ? -6.033  13.586  -14.568 1.00 54.31  ? 152 ILE A O   1 
ATOM   1112 C CB  . ILE A 1 152 ? -3.714  11.314  -13.814 1.00 60.02  ? 152 ILE A CB  1 
ATOM   1113 C CG1 . ILE A 1 152 ? -2.938  10.170  -14.470 1.00 59.34  ? 152 ILE A CG1 1 
ATOM   1114 C CG2 . ILE A 1 152 ? -5.045  10.818  -13.286 1.00 52.23  ? 152 ILE A CG2 1 
ATOM   1115 C CD1 . ILE A 1 152 ? -2.603  9.028   -13.529 1.00 60.03  ? 152 ILE A CD1 1 
ATOM   1116 N N   . SER A 1 153 ? -4.281  14.454  -13.461 1.00 46.81  ? 153 SER A N   1 
ATOM   1117 C CA  . SER A 1 153 ? -5.106  15.520  -12.901 1.00 50.75  ? 153 SER A CA  1 
ATOM   1118 C C   . SER A 1 153 ? -5.575  16.490  -13.977 1.00 52.02  ? 153 SER A C   1 
ATOM   1119 O O   . SER A 1 153 ? -6.681  17.034  -13.881 1.00 51.93  ? 153 SER A O   1 
ATOM   1120 C CB  . SER A 1 153 ? -4.343  16.266  -11.802 1.00 45.20  ? 153 SER A CB  1 
ATOM   1121 O OG  . SER A 1 153 ? -3.273  17.033  -12.327 1.00 51.44  ? 153 SER A OG  1 
ATOM   1122 N N   . ILE A 1 154 ? -4.761  16.709  -15.013 1.00 56.24  ? 154 ILE A N   1 
ATOM   1123 C CA  . ILE A 1 154 ? -5.157  17.600  -16.098 1.00 46.78  ? 154 ILE A CA  1 
ATOM   1124 C C   . ILE A 1 154 ? -6.241  16.955  -16.955 1.00 41.37  ? 154 ILE A C   1 
ATOM   1125 O O   . ILE A 1 154 ? -7.213  17.613  -17.344 1.00 51.94  ? 154 ILE A O   1 
ATOM   1126 C CB  . ILE A 1 154 ? -3.924  17.996  -16.931 1.00 62.16  ? 154 ILE A CB  1 
ATOM   1127 C CG1 . ILE A 1 154 ? -3.019  18.931  -16.127 1.00 39.19  ? 154 ILE A CG1 1 
ATOM   1128 C CG2 . ILE A 1 154 ? -4.338  18.644  -18.240 1.00 51.39  ? 154 ILE A CG2 1 
ATOM   1129 C CD1 . ILE A 1 154 ? -3.688  20.230  -15.713 1.00 46.24  ? 154 ILE A CD1 1 
ATOM   1130 N N   . ASP A 1 155 ? -6.104  15.658  -17.252 1.00 47.77  ? 155 ASP A N   1 
ATOM   1131 C CA  . ASP A 1 155 ? -7.101  14.980  -18.075 1.00 44.86  ? 155 ASP A CA  1 
ATOM   1132 C C   . ASP A 1 155 ? -8.439  14.853  -17.359 1.00 62.45  ? 155 ASP A C   1 
ATOM   1133 O O   . ASP A 1 155 ? -9.485  14.779  -18.015 1.00 47.98  ? 155 ASP A O   1 
ATOM   1134 C CB  . ASP A 1 155 ? -6.607  13.596  -18.490 1.00 51.91  ? 155 ASP A CB  1 
ATOM   1135 C CG  . ASP A 1 155 ? -5.342  13.650  -19.321 1.00 73.18  ? 155 ASP A CG  1 
ATOM   1136 O OD1 . ASP A 1 155 ? -5.198  14.592  -20.130 1.00 67.53  ? 155 ASP A OD1 1 
ATOM   1137 O OD2 . ASP A 1 155 ? -4.482  12.758  -19.151 1.00 73.82  ? 155 ASP A OD2 1 
ATOM   1138 N N   . ASN A 1 156 ? -8.429  14.807  -16.031 1.00 48.89  ? 156 ASN A N   1 
ATOM   1139 C CA  . ASN A 1 156 ? -9.657  14.745  -15.250 1.00 46.13  ? 156 ASN A CA  1 
ATOM   1140 C C   . ASN A 1 156 ? -10.183 16.121  -14.882 1.00 42.90  ? 156 ASN A C   1 
ATOM   1141 O O   . ASN A 1 156 ? -11.227 16.215  -14.230 1.00 49.44  ? 156 ASN A O   1 
ATOM   1142 C CB  . ASN A 1 156 ? -9.438  13.925  -13.971 1.00 48.57  ? 156 ASN A CB  1 
ATOM   1143 C CG  . ASN A 1 156 ? -9.262  12.445  -14.249 1.00 59.72  ? 156 ASN A CG  1 
ATOM   1144 O OD1 . ASN A 1 156 ? -9.727  11.933  -15.266 1.00 55.91  ? 156 ASN A OD1 1 
ATOM   1145 N ND2 . ASN A 1 156 ? -8.594  11.750  -13.339 1.00 52.05  ? 156 ASN A ND2 1 
ATOM   1146 N N   . GLY A 1 157 ? -9.487  17.185  -15.277 1.00 42.34  ? 157 GLY A N   1 
ATOM   1147 C CA  . GLY A 1 157 ? -9.927  18.531  -14.954 1.00 39.14  ? 157 GLY A CA  1 
ATOM   1148 C C   . GLY A 1 157 ? -9.955  18.838  -13.475 1.00 52.19  ? 157 GLY A C   1 
ATOM   1149 O O   . GLY A 1 157 ? -10.784 19.638  -13.030 1.00 44.33  ? 157 GLY A O   1 
ATOM   1150 N N   . ASN A 1 158 ? -9.073  18.214  -12.694 1.00 46.20  ? 158 ASN A N   1 
ATOM   1151 C CA  . ASN A 1 158 ? -8.990  18.477  -11.256 1.00 43.81  ? 158 ASN A CA  1 
ATOM   1152 C C   . ASN A 1 158 ? -7.917  19.535  -11.043 1.00 41.03  ? 158 ASN A C   1 
ATOM   1153 O O   . ASN A 1 158 ? -6.744  19.230  -10.826 1.00 49.64  ? 158 ASN A O   1 
ATOM   1154 C CB  . ASN A 1 158 ? -8.681  17.199  -10.483 1.00 45.37  ? 158 ASN A CB  1 
ATOM   1155 C CG  . ASN A 1 158 ? -8.945  17.341  -8.995  1.00 45.02  ? 158 ASN A CG  1 
ATOM   1156 O OD1 . ASN A 1 158 ? -8.863  18.436  -8.440  1.00 44.74  ? 158 ASN A OD1 1 
ATOM   1157 N ND2 . ASN A 1 158 ? -9.270  16.233  -8.342  1.00 45.67  ? 158 ASN A ND2 1 
ATOM   1158 N N   . GLU A 1 159 ? -8.330  20.803  -11.100 1.00 48.45  ? 159 GLU A N   1 
ATOM   1159 C CA  . GLU A 1 159 ? -7.361  21.889  -11.030 1.00 52.93  ? 159 GLU A CA  1 
ATOM   1160 C C   . GLU A 1 159 ? -6.781  22.040  -9.630  1.00 52.17  ? 159 GLU A C   1 
ATOM   1161 O O   . GLU A 1 159 ? -5.627  22.460  -9.484  1.00 54.29  ? 159 GLU A O   1 
ATOM   1162 C CB  . GLU A 1 159 ? -8.004  23.198  -11.489 1.00 62.22  ? 159 GLU A CB  1 
ATOM   1163 C CG  . GLU A 1 159 ? -7.000  24.318  -11.740 1.00 97.22  ? 159 GLU A CG  1 
ATOM   1164 C CD  . GLU A 1 159 ? -5.851  23.891  -12.648 1.00 110.05 ? 159 GLU A CD  1 
ATOM   1165 O OE1 . GLU A 1 159 ? -6.110  23.461  -13.796 1.00 99.53  ? 159 GLU A OE1 1 
ATOM   1166 O OE2 . GLU A 1 159 ? -4.684  23.978  -12.203 1.00 101.69 ? 159 GLU A OE2 1 
ATOM   1167 N N   . ASP A 1 160 ? -7.553  21.714  -8.592  1.00 52.15  ? 160 ASP A N   1 
ATOM   1168 C CA  . ASP A 1 160 ? -7.009  21.778  -7.241  1.00 46.94  ? 160 ASP A CA  1 
ATOM   1169 C C   . ASP A 1 160 ? -5.894  20.759  -7.053  1.00 41.70  ? 160 ASP A C   1 
ATOM   1170 O O   . ASP A 1 160 ? -4.847  21.073  -6.477  1.00 47.76  ? 160 ASP A O   1 
ATOM   1171 C CB  . ASP A 1 160 ? -8.120  21.566  -6.212  1.00 47.40  ? 160 ASP A CB  1 
ATOM   1172 C CG  . ASP A 1 160 ? -9.239  22.590  -6.342  1.00 72.79  ? 160 ASP A CG  1 
ATOM   1173 O OD1 . ASP A 1 160 ? -8.939  23.804  -6.330  1.00 74.03  ? 160 ASP A OD1 1 
ATOM   1174 O OD2 . ASP A 1 160 ? -10.416 22.183  -6.473  1.00 73.75  ? 160 ASP A OD2 1 
ATOM   1175 N N   . LEU A 1 161 ? -6.099  19.536  -7.542  1.00 43.60  ? 161 LEU A N   1 
ATOM   1176 C CA  . LEU A 1 161 ? -5.054  18.525  -7.468  1.00 43.52  ? 161 LEU A CA  1 
ATOM   1177 C C   . LEU A 1 161 ? -3.850  18.915  -8.317  1.00 54.07  ? 161 LEU A C   1 
ATOM   1178 O O   . LEU A 1 161 ? -2.701  18.710  -7.909  1.00 52.94  ? 161 LEU A O   1 
ATOM   1179 C CB  . LEU A 1 161 ? -5.613  17.176  -7.911  1.00 38.13  ? 161 LEU A CB  1 
ATOM   1180 C CG  . LEU A 1 161 ? -4.654  16.001  -8.092  1.00 54.23  ? 161 LEU A CG  1 
ATOM   1181 C CD1 . LEU A 1 161 ? -3.988  15.622  -6.778  1.00 50.15  ? 161 LEU A CD1 1 
ATOM   1182 C CD2 . LEU A 1 161 ? -5.406  14.818  -8.676  1.00 53.37  ? 161 LEU A CD2 1 
ATOM   1183 N N   . ALA A 1 162 ? -4.095  19.485  -9.499  1.00 49.42  ? 162 ALA A N   1 
ATOM   1184 C CA  . ALA A 1 162 ? -2.995  19.870  -10.380 1.00 47.93  ? 162 ALA A CA  1 
ATOM   1185 C C   . ALA A 1 162 ? -2.135  20.955  -9.747  1.00 48.83  ? 162 ALA A C   1 
ATOM   1186 O O   . ALA A 1 162 ? -0.908  20.953  -9.896  1.00 53.28  ? 162 ALA A O   1 
ATOM   1187 C CB  . ALA A 1 162 ? -3.542  20.332  -11.731 1.00 57.05  ? 162 ALA A CB  1 
ATOM   1188 N N   . GLU A 1 163 ? -2.764  21.889  -9.027  1.00 46.08  ? 163 GLU A N   1 
ATOM   1189 C CA  . GLU A 1 163 ? -2.010  22.935  -8.343  1.00 54.02  ? 163 GLU A CA  1 
ATOM   1190 C C   . GLU A 1 163 ? -1.140  22.356  -7.231  1.00 58.64  ? 163 GLU A C   1 
ATOM   1191 O O   . GLU A 1 163 ? -0.026  22.833  -6.992  1.00 54.36  ? 163 GLU A O   1 
ATOM   1192 C CB  . GLU A 1 163 ? -2.973  23.986  -7.790  1.00 47.05  ? 163 GLU A CB  1 
ATOM   1193 C CG  . GLU A 1 163 ? -2.329  25.061  -6.930  1.00 63.08  ? 163 GLU A CG  1 
ATOM   1194 C CD  . GLU A 1 163 ? -3.353  26.013  -6.325  1.00 83.11  ? 163 GLU A CD  1 
ATOM   1195 O OE1 . GLU A 1 163 ? -4.468  26.128  -6.883  1.00 80.27  ? 163 GLU A OE1 1 
ATOM   1196 O OE2 . GLU A 1 163 ? -3.048  26.640  -5.289  1.00 81.98  ? 163 GLU A OE2 1 
ATOM   1197 N N   . ILE A 1 164 ? -1.634  21.328  -6.538  1.00 57.95  ? 164 ILE A N   1 
ATOM   1198 C CA  . ILE A 1 164 ? -0.831  20.679  -5.507  1.00 50.20  ? 164 ILE A CA  1 
ATOM   1199 C C   . ILE A 1 164 ? 0.355   19.954  -6.132  1.00 45.27  ? 164 ILE A C   1 
ATOM   1200 O O   . ILE A 1 164 ? 1.472   19.995  -5.605  1.00 50.17  ? 164 ILE A O   1 
ATOM   1201 C CB  . ILE A 1 164 ? -1.706  19.723  -4.670  1.00 54.40  ? 164 ILE A CB  1 
ATOM   1202 C CG1 . ILE A 1 164 ? -2.684  20.517  -3.803  1.00 52.63  ? 164 ILE A CG1 1 
ATOM   1203 C CG2 . ILE A 1 164 ? -0.845  18.813  -3.803  1.00 51.91  ? 164 ILE A CG2 1 
ATOM   1204 C CD1 . ILE A 1 164 ? -3.703  19.652  -3.090  1.00 54.32  ? 164 ILE A CD1 1 
ATOM   1205 N N   . LEU A 1 165 ? 0.137   19.292  -7.271  1.00 45.02  ? 165 LEU A N   1 
ATOM   1206 C CA  . LEU A 1 165 ? 1.208   18.530  -7.901  1.00 52.24  ? 165 LEU A CA  1 
ATOM   1207 C C   . LEU A 1 165 ? 2.311   19.420  -8.460  1.00 64.03  ? 165 LEU A C   1 
ATOM   1208 O O   . LEU A 1 165 ? 3.433   18.942  -8.652  1.00 58.64  ? 165 LEU A O   1 
ATOM   1209 C CB  . LEU A 1 165 ? 0.634   17.637  -9.004  1.00 40.87  ? 165 LEU A CB  1 
ATOM   1210 C CG  . LEU A 1 165 ? -0.110  16.387  -8.520  1.00 48.10  ? 165 LEU A CG  1 
ATOM   1211 C CD1 . LEU A 1 165 ? -0.980  15.803  -9.621  1.00 47.25  ? 165 LEU A CD1 1 
ATOM   1212 C CD2 . LEU A 1 165 ? 0.869   15.338  -8.008  1.00 45.76  ? 165 LEU A CD2 1 
ATOM   1213 N N   . GLN A 1 166 ? 2.032   20.700  -8.706  1.00 64.55  ? 166 GLN A N   1 
ATOM   1214 C CA  . GLN A 1 166 ? 3.024   21.613  -9.261  1.00 62.56  ? 166 GLN A CA  1 
ATOM   1215 C C   . GLN A 1 166 ? 3.782   22.403  -8.204  1.00 62.66  ? 166 GLN A C   1 
ATOM   1216 O O   . GLN A 1 166 ? 4.980   22.652  -8.371  1.00 78.21  ? 166 GLN A O   1 
ATOM   1217 C CB  . GLN A 1 166 ? 2.362   22.598  -10.227 1.00 59.90  ? 166 GLN A CB  1 
ATOM   1218 C CG  . GLN A 1 166 ? 1.799   21.966  -11.480 1.00 65.08  ? 166 GLN A CG  1 
ATOM   1219 C CD  . GLN A 1 166 ? 1.036   22.964  -12.333 1.00 96.96  ? 166 GLN A CD  1 
ATOM   1220 O OE1 . GLN A 1 166 ? 1.327   23.136  -13.518 1.00 98.59  ? 166 GLN A OE1 1 
ATOM   1221 N NE2 . GLN A 1 166 ? 0.056   23.631  -11.731 1.00 87.06  ? 166 GLN A NE2 1 
ATOM   1222 N N   . LYS A 1 167 ? 3.118   22.809  -7.121  1.00 56.46  ? 167 LYS A N   1 
ATOM   1223 C CA  . LYS A 1 167 ? 3.711   23.741  -6.173  1.00 62.56  ? 167 LYS A CA  1 
ATOM   1224 C C   . LYS A 1 167 ? 4.123   23.111  -4.848  1.00 67.47  ? 167 LYS A C   1 
ATOM   1225 O O   . LYS A 1 167 ? 4.874   23.742  -4.097  1.00 74.98  ? 167 LYS A O   1 
ATOM   1226 C CB  . LYS A 1 167 ? 2.744   24.905  -5.905  1.00 65.39  ? 167 LYS A CB  1 
ATOM   1227 C CG  . LYS A 1 167 ? 2.269   25.610  -7.170  1.00 67.84  ? 167 LYS A CG  1 
ATOM   1228 C CD  . LYS A 1 167 ? 1.372   26.802  -6.856  1.00 85.95  ? 167 LYS A CD  1 
ATOM   1229 C CE  . LYS A 1 167 ? 2.129   27.884  -6.091  1.00 93.91  ? 167 LYS A CE  1 
ATOM   1230 N NZ  . LYS A 1 167 ? 1.260   29.051  -5.753  1.00 92.08  ? 167 LYS A NZ  1 
ATOM   1231 N N   . LEU A 1 168 ? 3.670   21.903  -4.536  1.00 67.80  ? 168 LEU A N   1 
ATOM   1232 C CA  . LEU A 1 168 ? 4.060   21.264  -3.280  1.00 75.47  ? 168 LEU A CA  1 
ATOM   1233 C C   . LEU A 1 168 ? 5.057   20.127  -3.504  1.00 92.84  ? 168 LEU A C   1 
ATOM   1234 O O   . LEU A 1 168 ? 5.253   19.649  -4.624  1.00 82.85  ? 168 LEU A O   1 
ATOM   1235 C CB  . LEU A 1 168 ? 2.830   20.742  -2.533  1.00 61.29  ? 168 LEU A CB  1 
ATOM   1236 C CG  . LEU A 1 168 ? 1.821   21.793  -2.064  1.00 69.24  ? 168 LEU A CG  1 
ATOM   1237 C CD1 . LEU A 1 168 ? 0.832   21.190  -1.080  1.00 61.68  ? 168 LEU A CD1 1 
ATOM   1238 C CD2 . LEU A 1 168 ? 2.532   22.985  -1.446  1.00 74.50  ? 168 LEU A CD2 1 
ATOM   1239 O OXT . LEU A 1 168 ? 5.701   19.661  -2.563  1.00 94.68  ? 168 LEU A OXT 1 
HETATM 1240 O O   . HOH B 2 .   ? -7.684  8.012   6.910   1.00 91.85  ? 201 HOH A O   1 
HETATM 1241 O O   . HOH B 2 .   ? -1.479  -9.823  -7.727  1.00 91.12  ? 202 HOH A O   1 
HETATM 1242 O O   . HOH B 2 .   ? -8.710  8.939   -13.614 1.00 80.21  ? 203 HOH A O   1 
HETATM 1243 O O   . HOH B 2 .   ? 0.712   -12.335 19.234  1.00 72.18  ? 204 HOH A O   1 
HETATM 1244 O O   . HOH B 2 .   ? 5.692   19.463  -6.944  1.00 63.88  ? 205 HOH A O   1 
HETATM 1245 O O   . HOH B 2 .   ? 1.712   1.847   17.460  1.00 85.65  ? 206 HOH A O   1 
HETATM 1246 O O   . HOH B 2 .   ? -2.120  13.564  8.791   1.00 79.69  ? 207 HOH A O   1 
HETATM 1247 O O   . HOH B 2 .   ? -5.479  -11.114 -2.460  1.00 73.53  ? 208 HOH A O   1 
HETATM 1248 O O   . HOH B 2 .   ? 4.056   -15.433 14.248  1.00 67.45  ? 209 HOH A O   1 
HETATM 1249 O O   . HOH B 2 .   ? -7.402  25.679  -6.840  1.00 78.63  ? 210 HOH A O   1 
HETATM 1250 O O   . HOH B 2 .   ? 8.355   -4.572  9.549   1.00 63.27  ? 211 HOH A O   1 
HETATM 1251 O O   . HOH B 2 .   ? 8.195   14.878  -4.435  1.00 60.13  ? 212 HOH A O   1 
HETATM 1252 O O   . HOH B 2 .   ? -4.623  28.067  -3.928  1.00 56.80  ? 213 HOH A O   1 
HETATM 1253 O O   . HOH B 2 .   ? 3.372   14.562  -11.578 1.00 56.52  ? 214 HOH A O   1 
HETATM 1254 O O   . HOH B 2 .   ? 9.489   5.512   3.404   1.00 56.75  ? 215 HOH A O   1 
HETATM 1255 O O   . HOH B 2 .   ? 3.988   -10.485 -1.703  1.00 74.10  ? 216 HOH A O   1 
HETATM 1256 O O   . HOH B 2 .   ? -9.311  5.998   5.816   1.00 66.77  ? 217 HOH A O   1 
HETATM 1257 O O   . HOH B 2 .   ? -10.198 -0.840  11.555  1.00 75.42  ? 218 HOH A O   1 
HETATM 1258 O O   . HOH B 2 .   ? 2.413   -21.617 8.773   1.00 72.41  ? 219 HOH A O   1 
HETATM 1259 O O   . HOH B 2 .   ? 4.959   9.220   7.647   1.00 64.60  ? 220 HOH A O   1 
HETATM 1260 O O   . HOH B 2 .   ? 6.220   4.762   -13.083 1.00 69.74  ? 221 HOH A O   1 
HETATM 1261 O O   . HOH B 2 .   ? 3.955   0.003   14.591  1.00 79.56  ? 222 HOH A O   1 
HETATM 1262 O O   . HOH B 2 .   ? -8.225  15.708  3.502   1.00 58.79  ? 223 HOH A O   1 
HETATM 1263 O O   . HOH B 2 .   ? -7.988  8.841   4.924   1.00 62.30  ? 224 HOH A O   1 
HETATM 1264 O O   . HOH B 2 .   ? -11.011 0.391   2.918   1.00 68.37  ? 225 HOH A O   1 
HETATM 1265 O O   . HOH B 2 .   ? 9.550   8.662   3.723   1.00 68.03  ? 226 HOH A O   1 
HETATM 1266 O O   . HOH B 2 .   ? -12.072 -13.459 10.336  1.00 79.68  ? 227 HOH A O   1 
HETATM 1267 O O   . HOH B 2 .   ? 4.556   7.772   -5.792  1.00 51.62  ? 228 HOH A O   1 
HETATM 1268 O O   . HOH B 2 .   ? -8.273  1.936   11.329  1.00 66.87  ? 229 HOH A O   1 
HETATM 1269 O O   . HOH B 2 .   ? -8.977  -18.519 6.850   1.00 75.79  ? 230 HOH A O   1 
HETATM 1270 O O   . HOH B 2 .   ? -2.869  -7.070  -3.086  1.00 73.57  ? 231 HOH A O   1 
HETATM 1271 O O   . HOH B 2 .   ? -7.841  3.635   8.949   1.00 72.34  ? 232 HOH A O   1 
HETATM 1272 O O   . HOH B 2 .   ? -3.082  6.665   -16.951 1.00 77.07  ? 233 HOH A O   1 
HETATM 1273 O O   . HOH B 2 .   ? 8.620   4.768   -11.532 1.00 81.83  ? 234 HOH A O   1 
HETATM 1274 O O   . HOH B 2 .   ? -11.806 -11.055 21.051  1.00 78.81  ? 235 HOH A O   1 
HETATM 1275 O O   . HOH B 2 .   ? -12.858 -1.987  6.168   1.00 49.15  ? 236 HOH A O   1 
HETATM 1276 O O   . HOH B 2 .   ? -11.933 21.700  -11.673 1.00 88.64  ? 237 HOH A O   1 
HETATM 1277 O O   . HOH B 2 .   ? 1.234   -1.917  17.818  1.00 75.01  ? 238 HOH A O   1 
HETATM 1278 O O   . HOH B 2 .   ? 10.568  8.511   1.239   1.00 66.06  ? 239 HOH A O   1 
HETATM 1279 O O   . HOH B 2 .   ? 2.372   -8.764  6.220   1.00 50.62  ? 240 HOH A O   1 
HETATM 1280 O O   . HOH B 2 .   ? 8.464   -14.150 7.696   1.00 79.02  ? 241 HOH A O   1 
HETATM 1281 O O   . HOH B 2 .   ? -10.511 20.884  -8.877  1.00 57.57  ? 242 HOH A O   1 
HETATM 1282 O O   . HOH B 2 .   ? 9.641   -3.947  6.291   1.00 63.57  ? 243 HOH A O   1 
HETATM 1283 O O   . HOH B 2 .   ? 4.436   -0.311  0.734   1.00 48.07  ? 244 HOH A O   1 
HETATM 1284 O O   . HOH B 2 .   ? -10.941 6.097   2.410   1.00 66.98  ? 245 HOH A O   1 
HETATM 1285 O O   . HOH B 2 .   ? -9.471  15.386  -20.701 1.00 49.80  ? 246 HOH A O   1 
HETATM 1286 O O   . HOH B 2 .   ? -10.248 -8.186  18.169  1.00 77.44  ? 247 HOH A O   1 
HETATM 1287 O O   . HOH B 2 .   ? -12.674 -5.751  14.874  1.00 80.38  ? 248 HOH A O   1 
HETATM 1288 O O   . HOH B 2 .   ? -7.324  0.011   13.723  1.00 61.90  ? 249 HOH A O   1 
HETATM 1289 O O   . HOH B 2 .   ? -10.978 11.130  -8.933  1.00 67.34  ? 250 HOH A O   1 
HETATM 1290 O O   . HOH B 2 .   ? 4.312   12.343  7.173   1.00 74.54  ? 251 HOH A O   1 
HETATM 1291 O O   . HOH B 2 .   ? -9.787  -3.273  13.982  1.00 79.26  ? 252 HOH A O   1 
HETATM 1292 O O   . HOH B 2 .   ? -7.695  20.356  -17.283 1.00 67.12  ? 253 HOH A O   1 
HETATM 1293 O O   . HOH B 2 .   ? -10.746 5.657   -2.801  1.00 50.82  ? 254 HOH A O   1 
HETATM 1294 O O   . HOH B 2 .   ? 6.265   -14.130 11.360  1.00 63.80  ? 255 HOH A O   1 
HETATM 1295 O O   . HOH B 2 .   ? 5.763   0.997   -1.326  1.00 51.94  ? 256 HOH A O   1 
HETATM 1296 O O   . HOH B 2 .   ? 4.213   -7.789  4.088   1.00 56.71  ? 257 HOH A O   1 
HETATM 1297 O O   . HOH B 2 .   ? 5.613   8.944   -8.212  1.00 65.26  ? 258 HOH A O   1 
HETATM 1298 O O   . HOH B 2 .   ? 3.475   15.937  -16.764 1.00 64.06  ? 259 HOH A O   1 
HETATM 1299 O O   . HOH B 2 .   ? -7.692  14.690  0.887   1.00 52.96  ? 260 HOH A O   1 
HETATM 1300 O O   . HOH B 2 .   ? -7.899  13.221  -10.856 1.00 54.10  ? 261 HOH A O   1 
HETATM 1301 O O   . HOH B 2 .   ? 3.643   17.195  -10.867 1.00 64.10  ? 262 HOH A O   1 
HETATM 1302 O O   . HOH B 2 .   ? 4.125   11.064  -11.733 1.00 51.92  ? 263 HOH A O   1 
HETATM 1303 O O   . HOH B 2 .   ? -12.843 20.973  -14.459 1.00 70.75  ? 264 HOH A O   1 
HETATM 1304 O O   . HOH B 2 .   ? 10.538  6.123   -0.133  1.00 60.32  ? 265 HOH A O   1 
HETATM 1305 O O   . HOH B 2 .   ? 8.145   18.515  -1.543  1.00 79.65  ? 266 HOH A O   1 
HETATM 1306 O O   . HOH B 2 .   ? -6.019  5.297   7.581   1.00 51.95  ? 267 HOH A O   1 
HETATM 1307 O O   . HOH B 2 .   ? -10.805 -5.946  16.527  1.00 73.43  ? 268 HOH A O   1 
HETATM 1308 O O   . HOH B 2 .   ? -9.190  14.883  -1.288  1.00 55.30  ? 269 HOH A O   1 
HETATM 1309 O O   . HOH B 2 .   ? -5.678  -6.551  -4.013  1.00 86.94  ? 270 HOH A O   1 
HETATM 1310 O O   . HOH B 2 .   ? -10.178 13.884  -9.936  1.00 56.89  ? 271 HOH A O   1 
HETATM 1311 O O   . HOH B 2 .   ? -7.058  -15.892 3.588   1.00 65.74  ? 272 HOH A O   1 
HETATM 1312 O O   . HOH B 2 .   ? -13.610 -14.529 12.257  1.00 77.88  ? 273 HOH A O   1 
HETATM 1313 O O   . HOH B 2 .   ? 1.901   -19.429 8.650   1.00 63.75  ? 274 HOH A O   1 
HETATM 1314 O O   . HOH B 2 .   ? -10.436 12.213  -0.958  1.00 67.12  ? 275 HOH A O   1 
HETATM 1315 O O   . HOH B 2 .   ? -10.213 -17.263 4.979   1.00 81.38  ? 276 HOH A O   1 
HETATM 1316 O O   . HOH B 2 .   ? -7.421  -2.477  13.316  1.00 67.27  ? 277 HOH A O   1 
HETATM 1317 O O   . HOH B 2 .   ? -10.572 -10.543 17.315  1.00 72.83  ? 278 HOH A O   1 
HETATM 1318 O O   . HOH B 2 .   ? 9.386   -0.482  -8.101  1.00 72.52  ? 279 HOH A O   1 
HETATM 1319 O O   . HOH B 2 .   ? 9.911   14.635  -8.056  1.00 75.76  ? 280 HOH A O   1 
HETATM 1320 O O   . HOH B 2 .   ? -10.549 15.776  -5.474  1.00 68.68  ? 281 HOH A O   1 
HETATM 1321 O O   . HOH B 2 .   ? -6.641  12.266  0.785   1.00 43.79  ? 282 HOH A O   1 
HETATM 1322 O O   . HOH B 2 .   ? -9.349  -15.995 10.989  1.00 64.52  ? 283 HOH A O   1 
HETATM 1323 O O   . HOH B 2 .   ? -0.550  -18.819 3.640   1.00 72.32  ? 284 HOH A O   1 
HETATM 1324 O O   . HOH B 2 .   ? 10.097  17.526  0.105   1.00 81.99  ? 285 HOH A O   1 
HETATM 1325 O O   . HOH B 2 .   ? 2.602   -18.443 2.969   1.00 86.15  ? 286 HOH A O   1 
HETATM 1326 O O   . HOH B 2 .   ? 2.116   -19.408 6.007   1.00 67.46  ? 287 HOH A O   1 
HETATM 1327 O O   . HOH B 2 .   ? -7.531  -4.445  -4.827  1.00 86.80  ? 288 HOH A O   1 
HETATM 1328 O O   . HOH B 2 .   ? 10.159  -11.678 9.372   1.00 84.53  ? 289 HOH A O   1 
HETATM 1329 O O   . HOH B 2 .   ? -12.179 5.936   -0.520  1.00 75.44  ? 290 HOH A O   1 
HETATM 1330 O O   . HOH B 2 .   ? -9.401  22.411  -14.647 1.00 74.38  ? 291 HOH A O   1 
HETATM 1331 O O   . HOH B 2 .   ? -13.621 19.911  -11.002 1.00 78.02  ? 292 HOH A O   1 
HETATM 1332 O O   . HOH B 2 .   ? -2.837  4.807   16.398  1.00 85.50  ? 293 HOH A O   1 
HETATM 1333 O O   . HOH B 2 .   ? -8.044  -13.215 3.243   1.00 65.21  ? 294 HOH A O   1 
HETATM 1334 O O   . HOH B 2 .   ? -0.589  12.897  11.556  1.00 85.85  ? 295 HOH A O   1 
HETATM 1335 O O   . HOH B 2 .   ? -6.558  2.189   15.393  1.00 74.82  ? 296 HOH A O   1 
HETATM 1336 O O   . HOH B 2 .   ? -12.306 17.966  -9.853  1.00 59.41  ? 297 HOH A O   1 
HETATM 1337 O O   . HOH B 2 .   ? -11.981 -2.632  13.464  1.00 87.00  ? 298 HOH A O   1 
HETATM 1338 O O   . HOH B 2 .   ? 8.680   -14.918 4.388   1.00 88.04  ? 299 HOH A O   1 
HETATM 1339 O O   . HOH B 2 .   ? -8.726  12.898  -21.757 1.00 66.20  ? 300 HOH A O   1 
# 
